data_7JTN
#
_entry.id   7JTN
#
_cell.length_a   87.126
_cell.length_b   144.407
_cell.length_c   87.185
_cell.angle_alpha   90.000
_cell.angle_beta   109.460
_cell.angle_gamma   90.000
#
_symmetry.space_group_name_H-M   'P 1 21 1'
#
loop_
_entity.id
_entity.type
_entity.pdbx_description
1 polymer 'Complement factor B'
2 polymer 'DNA (30-MER)'
#
loop_
_entity_poly.entity_id
_entity_poly.type
_entity_poly.pdbx_seq_one_letter_code
_entity_poly.pdbx_strand_id
1 'polypeptide(L)'
;MGSNLSPQLCLMPFILGLLSGGVTTTPWSLARPQGSCSLEGVEIKGGSFRLLQEGQALEYVCPSGFYPYPVQTRTCRSTG
SWSTLKTQDQKTVRKAECRAIHCPRPHDFENGEYWPRSPYYNVSDEISFHCYDGYTLRGSANRTCQVNGRWSGQTAICDN
GAGYCSNPGIPIGTRKVGSQYRLEDSVTYHCSRGLTLRGSQRRTCQEGGSWSGTEPSCQDSFMYDTPQEVAEAFLSSLTE
TIEGVDAEDGHGPGEQQKRKIVLDPSGSMNIYLVLDGSDSIGASNFTGAKKCLVNLIEKVASYGVKPRYGLVTYATYPKI
WVKVSEADSSNADWVTKQLNEINYEDHKLKSGTNTKKALQAVYSMMSWPDDVPPEGWNRTRHVIILMTDGLHNMGGDPIT
VIDEIRDLLYIGKDRKNPREDYLDVYVFGVGPLVNQVNINALASKKDNEQHVFKVKDMENLEDVFYQMIDESQSLSLCGM
VWEHRKGTDYHKQPWQAKISVIRPSKGHESCMGAVVSEYFVLTAAHCFTVDDKEHSIKVSVGGEKRDLEIEVVLFHPNYN
INGKKEAGIPEFYDYDVALIKLKNKLKYGQTIRPICLPCTEGTTRALRLPPTTTCQQQKEELLPAQDIKALFVSEEEKKL
TRKEVYIKNGDKKGSCERDAQYAPGYDKVKDISEVVTPRFLCTGGVSPYADPNTCRGDSGGPLIVHKRSRFIQVGVISWG
VVDVCKNQKRQKQVPAHARDFHINLFQVLPWLKEKLQDEDLGFL
;
A,C
2 'polydeoxyribonucleotide'
;(OMG)(OMC)(85Y)(OMG)(DA)(DG)(DA)(DA)(85Y)(DA)(DG)(DA)(DA)(DG)(85Y)(DA)(OMG)(OMG)
(DA)(DG)(85Y)(DA)(85Y)(DG)(DC)(85Y)(85Y)(OMG)(OMC)(T3P)
;
B,D
#
loop_
_chem_comp.id
_chem_comp.type
_chem_comp.name
_chem_comp.formula
85Y RNA linking '2'-deoxy-5-{[(naphthalen-2-yl)methyl]carbamoyl}uridine 5'-(dihydrogen phosphate)' 'C21 H22 N3 O9 P'
DA DNA linking 2'-DEOXYADENOSINE-5'-MONOPHOSPHATE 'C10 H14 N5 O6 P'
DC DNA linking 2'-DEOXYCYTIDINE-5'-MONOPHOSPHATE 'C9 H14 N3 O7 P'
DG DNA linking 2'-DEOXYGUANOSINE-5'-MONOPHOSPHATE 'C10 H14 N5 O7 P'
OMC RNA linking O2'-METHYLYCYTIDINE-5'-MONOPHOSPHATE 'C10 H16 N3 O8 P'
OMG RNA linking O2'-METHYLGUANOSINE-5'-MONOPHOSPHATE 'C11 H16 N5 O8 P'
T3P DNA linking THYMIDINE-3'-PHOSPHATE 'C10 H15 N2 O8 P'
#
# COMPACT_ATOMS: atom_id res chain seq x y z
N GLN A 34 -28.86 20.50 16.31
CA GLN A 34 -28.53 21.90 16.54
C GLN A 34 -28.70 22.74 15.28
N GLY A 35 -27.90 23.79 15.16
CA GLY A 35 -27.97 24.64 14.00
C GLY A 35 -27.50 23.93 12.74
N SER A 36 -27.97 24.43 11.60
CA SER A 36 -27.66 23.85 10.31
C SER A 36 -26.73 24.76 9.53
N CYS A 37 -26.16 24.20 8.47
CA CYS A 37 -25.23 24.89 7.60
C CYS A 37 -25.88 25.14 6.26
N SER A 38 -25.40 26.17 5.56
CA SER A 38 -25.90 26.49 4.24
C SER A 38 -25.24 25.59 3.20
N LEU A 39 -26.00 25.22 2.18
CA LEU A 39 -25.52 24.33 1.13
C LEU A 39 -24.86 25.07 -0.02
N GLU A 40 -24.30 26.24 0.25
CA GLU A 40 -23.71 27.10 -0.78
C GLU A 40 -22.41 26.47 -1.26
N GLY A 41 -22.48 25.70 -2.33
CA GLY A 41 -21.29 25.14 -2.94
C GLY A 41 -20.89 23.76 -2.47
N VAL A 42 -21.79 23.03 -1.80
CA VAL A 42 -21.43 21.71 -1.31
C VAL A 42 -21.51 20.66 -2.40
N GLU A 43 -22.06 20.99 -3.56
CA GLU A 43 -22.20 20.01 -4.62
C GLU A 43 -20.84 19.46 -5.03
N ILE A 44 -20.87 18.28 -5.64
CA ILE A 44 -19.66 17.56 -6.02
C ILE A 44 -19.65 17.39 -7.52
N LYS A 45 -18.48 17.54 -8.13
CA LYS A 45 -18.35 17.38 -9.57
C LYS A 45 -18.72 15.96 -9.97
N GLY A 46 -19.86 15.81 -10.65
CA GLY A 46 -20.26 14.52 -11.15
C GLY A 46 -20.85 13.58 -10.12
N GLY A 47 -21.53 14.12 -9.12
CA GLY A 47 -22.13 13.27 -8.11
C GLY A 47 -23.27 13.98 -7.42
N SER A 48 -23.79 13.35 -6.38
CA SER A 48 -24.87 13.93 -5.59
C SER A 48 -24.52 13.75 -4.13
N PHE A 49 -25.38 14.28 -3.26
CA PHE A 49 -25.15 14.16 -1.83
C PHE A 49 -26.49 14.00 -1.13
N ARG A 50 -26.42 13.52 0.11
CA ARG A 50 -27.61 13.35 0.91
C ARG A 50 -27.30 13.70 2.36
N LEU A 51 -28.21 14.44 2.99
CA LEU A 51 -28.02 14.93 4.35
C LEU A 51 -28.55 13.90 5.33
N LEU A 52 -27.68 13.40 6.18
CA LEU A 52 -28.06 12.46 7.23
C LEU A 52 -28.16 13.23 8.51
N GLN A 53 -28.58 12.55 9.55
CA GLN A 53 -28.66 13.05 10.92
C GLN A 53 -29.09 14.51 11.12
N GLU A 54 -30.35 14.82 10.82
CA GLU A 54 -30.90 16.15 11.03
C GLU A 54 -30.15 17.22 10.26
N GLY A 55 -29.65 16.86 9.08
CA GLY A 55 -28.95 17.83 8.26
C GLY A 55 -27.60 18.22 8.82
N GLN A 56 -27.14 17.53 9.87
CA GLN A 56 -25.90 17.90 10.51
C GLN A 56 -24.69 17.25 9.85
N ALA A 57 -24.92 16.31 8.94
CA ALA A 57 -23.92 15.53 8.25
C ALA A 57 -24.39 15.29 6.82
N LEU A 58 -23.46 14.98 5.94
CA LEU A 58 -23.81 14.70 4.57
C LEU A 58 -22.85 13.67 3.98
N GLU A 59 -23.40 12.80 3.14
CA GLU A 59 -22.63 11.81 2.40
C GLU A 59 -22.62 12.16 0.92
N TYR A 60 -21.48 11.91 0.28
CA TYR A 60 -21.31 12.09 -1.15
C TYR A 60 -21.46 10.75 -1.84
N VAL A 61 -22.23 10.71 -2.92
CA VAL A 61 -22.47 9.52 -3.70
C VAL A 61 -22.10 9.80 -5.14
N CYS A 62 -21.26 8.96 -5.68
CA CYS A 62 -20.85 9.07 -7.04
C CYS A 62 -21.31 7.87 -7.80
N PRO A 63 -21.19 7.89 -9.11
CA PRO A 63 -21.50 6.89 -10.09
C PRO A 63 -20.71 5.60 -9.98
N SER A 64 -21.11 4.57 -10.68
CA SER A 64 -20.39 3.33 -10.57
C SER A 64 -19.01 3.48 -11.10
N GLY A 65 -18.07 2.95 -10.34
CA GLY A 65 -16.68 2.96 -10.66
C GLY A 65 -15.92 4.11 -10.10
N PHE A 66 -16.63 5.14 -9.67
CA PHE A 66 -16.06 6.34 -9.14
C PHE A 66 -16.29 6.48 -7.67
N TYR A 67 -15.50 7.29 -7.04
CA TYR A 67 -15.62 7.58 -5.63
C TYR A 67 -15.47 9.05 -5.45
N PRO A 68 -16.08 9.60 -4.45
CA PRO A 68 -16.02 11.02 -4.29
C PRO A 68 -14.71 11.36 -3.71
N TYR A 69 -14.08 12.41 -4.22
CA TYR A 69 -12.79 12.83 -3.75
C TYR A 69 -12.84 14.20 -3.11
N PRO A 70 -12.12 14.41 -2.02
CA PRO A 70 -11.17 13.73 -1.17
C PRO A 70 -11.75 13.00 -0.03
N VAL A 71 -13.00 13.27 0.31
CA VAL A 71 -13.66 12.63 1.39
C VAL A 71 -15.07 12.43 1.02
N GLN A 72 -15.64 11.36 1.53
CA GLN A 72 -16.99 10.94 1.30
C GLN A 72 -17.98 11.67 2.09
N THR A 73 -17.66 12.07 3.30
CA THR A 73 -18.59 12.72 4.20
C THR A 73 -18.10 14.03 4.79
N ARG A 74 -18.99 14.88 5.30
CA ARG A 74 -18.70 16.16 5.89
C ARG A 74 -19.70 16.53 6.93
N THR A 75 -19.37 17.23 8.01
CA THR A 75 -20.41 17.71 8.92
C THR A 75 -20.37 19.19 8.93
N CYS A 76 -21.44 19.74 9.48
CA CYS A 76 -21.71 21.10 9.73
C CYS A 76 -20.97 21.50 10.98
N ARG A 77 -20.12 22.50 10.85
CA ARG A 77 -19.38 23.05 11.93
C ARG A 77 -20.21 24.01 12.73
N SER A 78 -19.68 24.56 13.81
CA SER A 78 -20.47 25.52 14.57
C SER A 78 -20.33 26.92 14.07
N THR A 79 -19.44 27.10 13.11
CA THR A 79 -19.12 28.33 12.46
C THR A 79 -19.91 28.51 11.21
N GLY A 80 -21.00 27.81 11.03
CA GLY A 80 -21.79 27.96 9.85
C GLY A 80 -21.42 27.22 8.60
N SER A 81 -20.16 26.89 8.42
CA SER A 81 -19.68 26.25 7.23
C SER A 81 -19.56 24.78 7.33
N TRP A 82 -19.32 24.11 6.23
CA TRP A 82 -19.21 22.68 6.31
C TRP A 82 -17.77 22.31 6.50
N SER A 83 -17.52 21.03 6.75
CA SER A 83 -16.16 20.53 6.92
C SER A 83 -15.30 20.85 5.74
N THR A 84 -14.03 21.09 5.98
CA THR A 84 -13.17 21.38 4.87
C THR A 84 -12.78 20.12 4.20
N LEU A 85 -12.39 20.24 2.96
CA LEU A 85 -12.01 19.09 2.25
C LEU A 85 -10.53 19.04 2.15
N LYS A 86 -9.87 18.27 2.99
CA LYS A 86 -8.44 18.17 2.90
C LYS A 86 -8.13 16.85 2.31
N THR A 87 -6.97 16.77 1.70
CA THR A 87 -6.53 15.58 1.06
C THR A 87 -5.41 14.93 1.82
N LYS A 91 -4.04 20.37 2.71
CA LYS A 91 -4.24 20.83 1.35
C LYS A 91 -5.67 21.12 1.00
N THR A 92 -6.23 22.19 1.48
CA THR A 92 -7.61 22.47 1.17
C THR A 92 -8.00 22.57 -0.30
N VAL A 93 -9.13 21.96 -0.62
CA VAL A 93 -9.73 21.98 -1.91
C VAL A 93 -11.02 22.71 -1.75
N ARG A 94 -11.45 23.38 -2.78
CA ARG A 94 -12.65 24.15 -2.68
C ARG A 94 -13.86 23.31 -2.83
N LYS A 95 -13.89 22.52 -3.88
CA LYS A 95 -15.02 21.67 -4.18
C LYS A 95 -14.62 20.27 -4.34
N ALA A 96 -15.56 19.36 -4.28
CA ALA A 96 -15.25 17.98 -4.41
C ALA A 96 -15.41 17.47 -5.79
N GLU A 97 -14.92 16.30 -6.04
CA GLU A 97 -15.04 15.74 -7.35
C GLU A 97 -15.17 14.25 -7.27
N CYS A 98 -15.65 13.65 -8.33
CA CYS A 98 -15.74 12.23 -8.39
C CYS A 98 -14.60 11.83 -9.23
N ARG A 99 -13.91 10.80 -8.82
CA ARG A 99 -12.75 10.33 -9.54
C ARG A 99 -12.75 8.81 -9.60
N ALA A 100 -12.08 8.27 -10.61
CA ALA A 100 -12.14 6.85 -10.90
C ALA A 100 -11.56 6.03 -9.75
N ILE A 101 -12.03 4.81 -9.63
CA ILE A 101 -11.65 3.92 -8.54
C ILE A 101 -10.48 3.06 -8.99
N HIS A 102 -9.53 2.85 -8.09
CA HIS A 102 -8.38 2.00 -8.35
C HIS A 102 -8.41 0.80 -7.41
N CYS A 103 -7.92 -0.33 -7.89
CA CYS A 103 -7.80 -1.52 -7.07
C CYS A 103 -6.39 -1.63 -6.52
N PRO A 104 -6.22 -2.06 -5.27
CA PRO A 104 -4.90 -2.00 -4.64
C PRO A 104 -3.92 -2.97 -5.27
N ARG A 105 -2.65 -2.74 -4.99
CA ARG A 105 -1.53 -3.57 -5.38
C ARG A 105 -1.25 -4.62 -4.32
N PRO A 106 -0.96 -5.85 -4.72
CA PRO A 106 -0.50 -6.85 -3.74
C PRO A 106 0.78 -6.41 -3.06
N HIS A 107 0.71 -6.22 -1.75
CA HIS A 107 1.90 -5.83 -1.01
C HIS A 107 2.99 -6.89 -1.10
N ASP A 108 2.62 -8.16 -1.05
CA ASP A 108 3.55 -9.22 -1.34
C ASP A 108 2.75 -10.49 -1.64
N PHE A 109 3.41 -11.42 -2.33
CA PHE A 109 2.78 -12.67 -2.72
C PHE A 109 3.81 -13.77 -2.51
N GLU A 110 3.67 -14.50 -1.41
CA GLU A 110 4.67 -15.49 -1.03
C GLU A 110 4.72 -16.64 -2.01
N ASN A 111 5.93 -17.12 -2.27
CA ASN A 111 6.17 -18.34 -3.04
C ASN A 111 5.64 -18.25 -4.47
N GLY A 112 5.66 -17.06 -5.04
CA GLY A 112 5.22 -16.92 -6.42
C GLY A 112 5.25 -15.48 -6.87
N GLU A 113 4.79 -15.29 -8.10
CA GLU A 113 4.77 -13.99 -8.74
C GLU A 113 3.40 -13.74 -9.33
N TYR A 114 3.15 -12.46 -9.67
CA TYR A 114 1.93 -12.04 -10.31
C TYR A 114 2.28 -11.00 -11.36
N TRP A 115 1.45 -10.88 -12.38
CA TRP A 115 1.67 -9.84 -13.38
C TRP A 115 0.38 -9.59 -14.13
N PRO A 116 0.22 -8.40 -14.74
CA PRO A 116 1.16 -7.28 -14.78
C PRO A 116 1.38 -6.59 -13.45
N ARG A 117 2.61 -6.20 -13.17
CA ARG A 117 2.96 -5.50 -11.95
C ARG A 117 2.82 -4.01 -12.15
N SER A 118 2.19 -3.35 -11.18
CA SER A 118 1.92 -1.92 -11.25
C SER A 118 1.59 -1.44 -9.85
N PRO A 119 1.72 -0.13 -9.59
CA PRO A 119 1.37 0.35 -8.24
C PRO A 119 -0.12 0.40 -7.99
N TYR A 120 -0.91 0.73 -9.00
CA TYR A 120 -2.36 0.68 -8.91
C TYR A 120 -2.92 0.13 -10.20
N TYR A 121 -4.15 -0.36 -10.13
CA TYR A 121 -4.80 -0.94 -11.29
C TYR A 121 -6.14 -0.25 -11.52
N ASN A 122 -6.43 0.08 -12.77
CA ASN A 122 -7.71 0.65 -13.12
C ASN A 122 -8.80 -0.42 -13.03
N VAL A 123 -10.04 -0.01 -13.27
CA VAL A 123 -11.15 -0.94 -13.24
C VAL A 123 -11.09 -1.85 -14.46
N SER A 124 -11.47 -3.12 -14.26
CA SER A 124 -11.48 -4.12 -15.32
C SER A 124 -10.08 -4.37 -15.84
N ASP A 125 -9.11 -4.39 -14.93
CA ASP A 125 -7.72 -4.68 -15.25
C ASP A 125 -7.40 -6.03 -14.61
N GLU A 126 -7.04 -7.00 -15.45
CA GLU A 126 -6.82 -8.36 -15.00
C GLU A 126 -5.39 -8.55 -14.53
N ILE A 127 -5.23 -9.44 -13.55
CA ILE A 127 -3.91 -9.85 -13.08
C ILE A 127 -3.91 -11.36 -12.88
N SER A 128 -2.80 -11.98 -13.24
CA SER A 128 -2.65 -13.42 -13.17
C SER A 128 -1.51 -13.78 -12.22
N PHE A 129 -1.63 -14.97 -11.64
CA PHE A 129 -0.72 -15.46 -10.61
C PHE A 129 -0.07 -16.76 -11.05
N HIS A 130 1.20 -16.93 -10.70
CA HIS A 130 1.90 -18.19 -10.83
C HIS A 130 2.71 -18.40 -9.56
N CYS A 131 3.04 -19.65 -9.27
CA CYS A 131 3.89 -19.93 -8.12
C CYS A 131 5.22 -20.55 -8.52
N TYR A 132 6.09 -20.62 -7.52
CA TYR A 132 7.49 -20.93 -7.73
C TYR A 132 7.66 -22.43 -7.94
N ASP A 133 8.91 -22.86 -7.85
CA ASP A 133 9.29 -24.24 -8.09
C ASP A 133 8.64 -25.18 -7.09
N GLY A 134 7.73 -26.02 -7.56
CA GLY A 134 7.19 -27.09 -6.74
C GLY A 134 6.05 -26.72 -5.83
N TYR A 135 5.41 -25.57 -6.05
CA TYR A 135 4.29 -25.16 -5.23
C TYR A 135 2.97 -25.36 -5.98
N THR A 136 1.90 -25.42 -5.21
CA THR A 136 0.56 -25.70 -5.74
C THR A 136 -0.32 -24.49 -5.53
N LEU A 137 -1.01 -24.06 -6.57
CA LEU A 137 -1.84 -22.87 -6.54
C LEU A 137 -3.28 -23.23 -6.21
N ARG A 138 -3.88 -22.46 -5.31
CA ARG A 138 -5.30 -22.54 -5.01
C ARG A 138 -5.87 -21.13 -5.07
N GLY A 139 -7.18 -21.04 -5.27
CA GLY A 139 -7.83 -19.76 -5.44
C GLY A 139 -7.76 -19.29 -6.87
N SER A 140 -8.52 -18.24 -7.15
CA SER A 140 -8.59 -17.71 -8.50
C SER A 140 -7.26 -17.08 -8.88
N ALA A 141 -6.71 -17.52 -10.00
CA ALA A 141 -5.43 -17.03 -10.48
C ALA A 141 -5.56 -16.09 -11.66
N ASN A 142 -6.77 -15.60 -11.95
CA ASN A 142 -6.99 -14.69 -13.06
C ASN A 142 -7.92 -13.55 -12.62
N ARG A 143 -7.56 -12.90 -11.52
CA ARG A 143 -8.47 -11.95 -10.89
C ARG A 143 -8.58 -10.68 -11.72
N THR A 144 -9.60 -9.87 -11.40
CA THR A 144 -9.95 -8.72 -12.21
C THR A 144 -10.49 -7.63 -11.29
N CYS A 145 -10.06 -6.39 -11.54
CA CYS A 145 -10.50 -5.26 -10.73
C CYS A 145 -11.95 -4.95 -11.04
N GLN A 146 -12.84 -5.29 -10.12
CA GLN A 146 -14.26 -5.06 -10.32
C GLN A 146 -14.56 -3.57 -10.22
N VAL A 147 -15.82 -3.23 -10.51
CA VAL A 147 -16.27 -1.84 -10.49
C VAL A 147 -16.37 -1.28 -9.08
N ASN A 148 -16.16 -2.11 -8.06
CA ASN A 148 -16.36 -1.71 -6.68
C ASN A 148 -15.06 -1.59 -5.91
N GLY A 149 -13.94 -1.46 -6.60
CA GLY A 149 -12.66 -1.36 -5.93
C GLY A 149 -12.17 -2.65 -5.31
N ARG A 150 -12.80 -3.77 -5.63
CA ARG A 150 -12.40 -5.07 -5.14
C ARG A 150 -12.02 -5.96 -6.32
N TRP A 151 -11.18 -6.93 -6.05
CA TRP A 151 -10.74 -7.86 -7.07
C TRP A 151 -11.73 -9.00 -7.20
N SER A 152 -11.99 -9.41 -8.42
CA SER A 152 -12.90 -10.52 -8.65
C SER A 152 -12.28 -11.81 -8.11
N GLY A 153 -13.13 -12.78 -7.86
CA GLY A 153 -12.65 -14.07 -7.42
C GLY A 153 -12.26 -14.07 -5.95
N GLN A 154 -11.35 -14.99 -5.63
CA GLN A 154 -10.91 -15.19 -4.26
C GLN A 154 -9.39 -15.19 -4.21
N THR A 155 -8.88 -15.19 -2.98
CA THR A 155 -7.46 -14.94 -2.75
C THR A 155 -6.61 -16.11 -3.25
N ALA A 156 -5.61 -15.78 -4.07
CA ALA A 156 -4.70 -16.79 -4.59
C ALA A 156 -3.64 -17.13 -3.54
N ILE A 157 -3.41 -18.42 -3.35
CA ILE A 157 -2.46 -18.91 -2.35
C ILE A 157 -1.63 -20.00 -3.00
N CYS A 158 -0.32 -19.90 -2.85
CA CYS A 158 0.60 -20.91 -3.36
C CYS A 158 1.21 -21.66 -2.18
N ASP A 159 0.80 -22.90 -1.99
CA ASP A 159 1.14 -23.70 -0.82
C ASP A 159 1.69 -25.04 -1.28
N ASN A 160 2.47 -25.67 -0.40
CA ASN A 160 3.03 -26.99 -0.67
C ASN A 160 2.54 -28.05 0.31
N GLY A 161 2.55 -27.75 1.60
CA GLY A 161 2.18 -28.72 2.60
C GLY A 161 3.25 -28.85 3.66
N ALA A 162 4.19 -27.91 3.64
CA ALA A 162 5.32 -27.88 4.56
C ALA A 162 4.96 -27.36 5.94
N GLY A 163 3.67 -27.31 6.27
CA GLY A 163 3.26 -26.89 7.58
C GLY A 163 2.08 -27.71 8.07
N TYR A 164 1.83 -27.61 9.36
CA TYR A 164 0.66 -28.27 9.94
C TYR A 164 -0.61 -27.72 9.32
N CYS A 165 -0.87 -26.44 9.51
CA CYS A 165 -1.97 -25.77 8.84
C CYS A 165 -1.56 -25.39 7.41
N SER A 166 -2.53 -24.93 6.64
CA SER A 166 -2.27 -24.54 5.26
C SER A 166 -1.79 -23.10 5.20
N ASN A 167 -1.24 -22.72 4.05
CA ASN A 167 -0.77 -21.36 3.88
C ASN A 167 -1.95 -20.41 3.91
N PRO A 168 -2.07 -19.55 4.92
CA PRO A 168 -3.28 -18.72 5.03
C PRO A 168 -3.40 -17.68 3.94
N GLY A 169 -2.31 -17.31 3.27
CA GLY A 169 -2.38 -16.43 2.15
C GLY A 169 -2.43 -14.96 2.53
N ILE A 170 -2.22 -14.12 1.53
CA ILE A 170 -2.20 -12.68 1.69
C ILE A 170 -3.29 -12.08 0.83
N PRO A 171 -4.40 -11.67 1.43
CA PRO A 171 -5.44 -10.98 0.66
C PRO A 171 -4.92 -9.67 0.12
N ILE A 172 -5.30 -9.37 -1.12
CA ILE A 172 -4.74 -8.21 -1.81
C ILE A 172 -5.04 -6.96 -1.03
N GLY A 173 -4.00 -6.17 -0.78
CA GLY A 173 -4.11 -4.95 -0.01
C GLY A 173 -3.70 -5.07 1.44
N THR A 174 -3.37 -6.27 1.88
CA THR A 174 -3.02 -6.52 3.26
C THR A 174 -1.51 -6.76 3.37
N ARG A 175 -1.07 -7.11 4.56
CA ARG A 175 0.34 -7.40 4.78
C ARG A 175 0.44 -8.40 5.93
N LYS A 176 1.00 -9.57 5.66
CA LYS A 176 1.07 -10.63 6.65
C LYS A 176 2.44 -10.63 7.32
N VAL A 177 2.43 -10.68 8.64
CA VAL A 177 3.64 -10.76 9.44
C VAL A 177 3.67 -12.12 10.10
N GLY A 178 4.62 -12.94 9.67
CA GLY A 178 4.67 -14.33 10.10
C GLY A 178 4.64 -15.24 8.89
N SER A 179 5.48 -16.26 8.89
CA SER A 179 5.51 -17.20 7.77
C SER A 179 5.75 -18.62 8.22
N GLN A 180 5.76 -18.88 9.52
CA GLN A 180 5.92 -20.22 10.06
C GLN A 180 4.53 -20.77 10.35
N TYR A 181 4.21 -21.91 9.75
CA TYR A 181 2.86 -22.46 9.76
C TYR A 181 2.76 -23.72 10.61
N ARG A 182 3.48 -23.77 11.71
CA ARG A 182 3.38 -24.92 12.61
C ARG A 182 2.25 -24.69 13.61
N LEU A 183 1.98 -25.72 14.41
CA LEU A 183 0.90 -25.64 15.38
C LEU A 183 1.16 -24.54 16.37
N GLU A 184 0.08 -23.86 16.78
CA GLU A 184 0.05 -22.78 17.75
C GLU A 184 0.73 -21.50 17.26
N ASP A 185 1.12 -21.42 16.00
CA ASP A 185 1.72 -20.21 15.46
C ASP A 185 0.67 -19.17 15.09
N SER A 186 1.11 -17.93 14.98
CA SER A 186 0.22 -16.82 14.66
C SER A 186 0.65 -16.15 13.36
N VAL A 187 -0.32 -15.50 12.70
CA VAL A 187 -0.07 -14.63 11.57
C VAL A 187 -0.91 -13.38 11.74
N THR A 188 -0.31 -12.22 11.49
CA THR A 188 -0.93 -10.94 11.72
C THR A 188 -1.11 -10.22 10.39
N TYR A 189 -2.25 -9.58 10.22
CA TYR A 189 -2.59 -8.89 8.98
C TYR A 189 -2.78 -7.41 9.23
N HIS A 190 -2.22 -6.60 8.35
CA HIS A 190 -2.25 -5.15 8.46
C HIS A 190 -2.82 -4.55 7.19
N CYS A 191 -3.52 -3.44 7.35
CA CYS A 191 -4.10 -2.70 6.23
C CYS A 191 -3.31 -1.41 6.01
N SER A 192 -3.36 -0.92 4.78
CA SER A 192 -2.64 0.29 4.44
C SER A 192 -3.26 1.49 5.17
N ARG A 193 -2.65 2.65 4.98
CA ARG A 193 -3.13 3.85 5.65
C ARG A 193 -4.43 4.34 5.01
N GLY A 194 -5.38 4.72 5.85
CA GLY A 194 -6.67 5.19 5.39
C GLY A 194 -7.68 4.11 5.15
N LEU A 195 -7.36 2.87 5.49
CA LEU A 195 -8.24 1.74 5.22
C LEU A 195 -8.54 1.01 6.51
N THR A 196 -9.73 0.42 6.56
CA THR A 196 -10.21 -0.27 7.74
C THR A 196 -10.19 -1.76 7.48
N LEU A 197 -9.71 -2.52 8.45
CA LEU A 197 -9.59 -3.96 8.33
C LEU A 197 -10.88 -4.64 8.76
N ARG A 198 -11.49 -5.37 7.84
CA ARG A 198 -12.64 -6.22 8.15
C ARG A 198 -12.17 -7.66 8.19
N GLY A 199 -12.41 -8.32 9.32
CA GLY A 199 -11.98 -9.69 9.52
C GLY A 199 -11.02 -9.80 10.69
N SER A 200 -10.20 -10.84 10.65
CA SER A 200 -9.25 -11.12 11.71
C SER A 200 -7.89 -10.52 11.37
N GLN A 201 -7.28 -9.88 12.36
CA GLN A 201 -5.92 -9.39 12.24
C GLN A 201 -4.92 -10.34 12.86
N ARG A 202 -5.37 -11.45 13.42
CA ARG A 202 -4.46 -12.42 14.01
C ARG A 202 -5.11 -13.79 13.93
N ARG A 203 -4.49 -14.70 13.21
CA ARG A 203 -5.00 -16.05 13.02
C ARG A 203 -3.98 -17.04 13.54
N THR A 204 -4.45 -18.01 14.33
CA THR A 204 -3.59 -19.00 14.95
C THR A 204 -3.85 -20.38 14.35
N CYS A 205 -2.79 -21.12 14.07
CA CYS A 205 -2.91 -22.47 13.54
C CYS A 205 -3.43 -23.36 14.65
N GLN A 206 -4.71 -23.72 14.58
CA GLN A 206 -5.34 -24.49 15.64
C GLN A 206 -5.10 -25.97 15.44
N GLU A 207 -5.30 -26.73 16.52
CA GLU A 207 -5.36 -28.18 16.44
C GLU A 207 -6.35 -28.59 15.37
N GLY A 208 -5.93 -29.47 14.47
CA GLY A 208 -6.64 -29.51 13.21
C GLY A 208 -5.71 -29.29 12.05
N GLY A 209 -5.74 -28.09 11.49
CA GLY A 209 -5.09 -27.78 10.24
C GLY A 209 -5.85 -26.67 9.56
N SER A 210 -6.98 -26.30 10.15
CA SER A 210 -7.73 -25.12 9.77
C SER A 210 -7.28 -23.94 10.64
N TRP A 211 -7.25 -22.77 10.04
CA TRP A 211 -6.87 -21.57 10.77
C TRP A 211 -8.04 -21.03 11.58
N SER A 212 -7.74 -20.19 12.54
CA SER A 212 -8.75 -19.50 13.32
C SER A 212 -9.12 -18.20 12.64
N GLY A 213 -10.13 -17.51 13.16
CA GLY A 213 -10.54 -16.25 12.61
C GLY A 213 -10.98 -16.39 11.15
N THR A 214 -11.15 -15.24 10.52
CA THR A 214 -11.59 -15.19 9.14
C THR A 214 -10.62 -14.36 8.31
N GLU A 215 -10.58 -14.65 7.02
CA GLU A 215 -9.67 -13.97 6.12
C GLU A 215 -9.99 -12.48 6.10
N PRO A 216 -9.02 -11.62 6.37
CA PRO A 216 -9.29 -10.18 6.44
C PRO A 216 -9.27 -9.51 5.09
N SER A 217 -9.84 -8.31 5.06
CA SER A 217 -9.86 -7.47 3.89
C SER A 217 -9.84 -6.01 4.32
N CYS A 218 -9.32 -5.16 3.45
CA CYS A 218 -9.21 -3.74 3.73
C CYS A 218 -10.36 -3.00 3.05
N GLN A 219 -11.02 -2.11 3.79
CA GLN A 219 -12.24 -1.47 3.34
C GLN A 219 -12.05 0.04 3.29
N ASP A 220 -12.29 0.62 2.12
CA ASP A 220 -12.37 2.07 2.00
C ASP A 220 -13.71 2.58 2.53
N SER A 221 -13.82 3.90 2.64
CA SER A 221 -15.01 4.49 3.23
C SER A 221 -16.22 4.31 2.34
N PHE A 222 -16.07 4.58 1.04
CA PHE A 222 -17.16 4.49 0.10
C PHE A 222 -17.54 3.04 -0.22
N MET A 223 -16.78 2.07 0.26
CA MET A 223 -16.98 0.69 -0.14
C MET A 223 -18.26 0.13 0.47
N TYR A 224 -19.20 -0.26 -0.37
CA TYR A 224 -20.42 -0.91 0.05
C TYR A 224 -20.49 -2.30 -0.56
N ASP A 225 -21.23 -3.18 0.11
CA ASP A 225 -21.49 -4.52 -0.40
C ASP A 225 -22.78 -4.51 -1.20
N THR A 226 -22.82 -5.30 -2.21
CA THR A 226 -24.05 -5.37 -2.98
C THR A 226 -25.00 -6.39 -2.37
N PRO A 227 -26.31 -6.12 -2.44
CA PRO A 227 -27.28 -7.07 -1.88
C PRO A 227 -27.11 -8.49 -2.36
N GLN A 228 -26.62 -8.68 -3.58
CA GLN A 228 -26.34 -10.02 -4.07
C GLN A 228 -25.23 -10.67 -3.26
N GLU A 229 -24.13 -9.95 -3.06
CA GLU A 229 -23.01 -10.48 -2.28
C GLU A 229 -23.45 -10.77 -0.85
N VAL A 230 -24.19 -9.85 -0.25
CA VAL A 230 -24.63 -10.03 1.13
C VAL A 230 -25.53 -11.26 1.24
N ALA A 231 -26.49 -11.38 0.32
CA ALA A 231 -27.39 -12.51 0.35
C ALA A 231 -26.64 -13.83 0.24
N GLU A 232 -25.74 -13.93 -0.73
CA GLU A 232 -25.02 -15.18 -0.92
C GLU A 232 -24.13 -15.49 0.27
N ALA A 233 -23.36 -14.51 0.75
CA ALA A 233 -22.41 -14.75 1.82
C ALA A 233 -23.07 -14.88 3.18
N PHE A 234 -24.34 -14.54 3.29
CA PHE A 234 -25.08 -14.81 4.52
C PHE A 234 -25.72 -16.18 4.47
N LEU A 235 -26.43 -16.47 3.38
CA LEU A 235 -27.00 -17.81 3.21
C LEU A 235 -25.92 -18.87 3.39
N SER A 236 -24.90 -18.86 2.54
CA SER A 236 -23.72 -19.61 2.88
C SER A 236 -23.15 -19.03 4.16
N SER A 237 -22.68 -19.91 5.05
CA SER A 237 -22.25 -19.65 6.42
C SER A 237 -23.43 -19.50 7.38
N LEU A 238 -24.67 -19.42 6.91
CA LEU A 238 -25.76 -19.80 7.79
C LEU A 238 -26.10 -21.26 7.62
N THR A 239 -25.83 -21.81 6.44
CA THR A 239 -26.19 -23.16 6.06
C THR A 239 -24.96 -23.89 5.58
N GLU A 240 -25.12 -25.17 5.28
CA GLU A 240 -24.08 -25.97 4.68
C GLU A 240 -24.65 -26.72 3.48
N THR A 241 -23.80 -26.95 2.48
CA THR A 241 -24.22 -27.53 1.22
C THR A 241 -24.11 -29.04 1.27
N ILE A 242 -25.18 -29.72 0.88
CA ILE A 242 -25.23 -31.18 0.90
C ILE A 242 -24.35 -31.75 -0.21
N LYS A 258 -28.66 -27.73 -3.16
CA LYS A 258 -29.39 -27.09 -2.08
C LYS A 258 -28.56 -27.07 -0.80
N ARG A 259 -28.98 -26.24 0.15
CA ARG A 259 -28.31 -26.07 1.43
C ARG A 259 -29.13 -26.69 2.55
N LYS A 260 -28.59 -26.65 3.76
CA LYS A 260 -29.27 -27.18 4.93
C LYS A 260 -28.66 -26.54 6.17
N ILE A 261 -29.47 -26.46 7.23
CA ILE A 261 -29.02 -25.94 8.52
C ILE A 261 -28.68 -27.11 9.43
N VAL A 262 -27.45 -27.13 9.93
CA VAL A 262 -26.89 -28.29 10.61
C VAL A 262 -27.05 -28.08 12.11
N LEU A 263 -28.15 -28.59 12.65
CA LEU A 263 -28.35 -28.64 14.09
C LEU A 263 -27.75 -29.95 14.61
N ASP A 264 -28.07 -30.30 15.84
CA ASP A 264 -27.60 -31.52 16.47
C ASP A 264 -28.75 -32.48 16.76
N PRO A 265 -28.45 -33.75 16.99
CA PRO A 265 -29.47 -34.65 17.54
C PRO A 265 -30.01 -34.12 18.86
N SER A 266 -31.33 -34.07 18.97
CA SER A 266 -32.00 -33.42 20.09
C SER A 266 -31.48 -32.00 20.26
N GLY A 267 -31.21 -31.35 19.14
CA GLY A 267 -30.66 -30.01 19.15
C GLY A 267 -31.68 -28.96 18.75
N SER A 268 -31.37 -27.72 19.08
CA SER A 268 -32.26 -26.59 18.84
C SER A 268 -31.45 -25.40 18.38
N MET A 269 -32.17 -24.40 17.88
CA MET A 269 -31.57 -23.14 17.45
C MET A 269 -32.35 -21.98 18.05
N ASN A 270 -31.62 -21.02 18.62
CA ASN A 270 -32.19 -19.77 19.11
C ASN A 270 -31.69 -18.65 18.22
N ILE A 271 -32.60 -17.85 17.68
CA ILE A 271 -32.26 -16.74 16.80
C ILE A 271 -32.75 -15.45 17.42
N TYR A 272 -31.84 -14.49 17.60
CA TYR A 272 -32.14 -13.23 18.25
C TYR A 272 -31.96 -12.11 17.24
N LEU A 273 -33.02 -11.37 16.97
CA LEU A 273 -32.98 -10.27 16.02
C LEU A 273 -32.96 -8.95 16.79
N VAL A 274 -31.84 -8.24 16.71
CA VAL A 274 -31.64 -6.98 17.42
C VAL A 274 -31.64 -5.85 16.39
N LEU A 275 -32.37 -4.78 16.71
CA LEU A 275 -32.56 -3.69 15.75
C LEU A 275 -32.28 -2.35 16.41
N ASP A 276 -31.34 -1.60 15.83
CA ASP A 276 -31.02 -0.24 16.27
C ASP A 276 -32.03 0.71 15.66
N GLY A 277 -33.14 0.92 16.35
CA GLY A 277 -34.21 1.74 15.83
C GLY A 277 -34.16 3.17 16.29
N SER A 278 -32.96 3.72 16.44
CA SER A 278 -32.77 5.11 16.82
C SER A 278 -32.47 6.01 15.64
N ASP A 279 -32.48 5.46 14.43
CA ASP A 279 -32.20 6.20 13.21
C ASP A 279 -32.92 5.54 12.04
N SER A 280 -32.39 5.74 10.83
CA SER A 280 -33.06 5.32 9.60
C SER A 280 -33.60 3.90 9.64
N ILE A 281 -33.13 3.06 10.55
CA ILE A 281 -33.66 1.70 10.62
C ILE A 281 -35.09 1.70 11.14
N GLY A 282 -35.32 2.38 12.26
CA GLY A 282 -36.63 2.35 12.88
C GLY A 282 -37.58 3.40 12.35
N ALA A 283 -37.34 3.86 11.13
CA ALA A 283 -38.19 4.87 10.52
C ALA A 283 -39.40 4.21 9.87
N SER A 284 -40.49 4.97 9.77
CA SER A 284 -41.74 4.49 9.22
C SER A 284 -42.23 3.26 9.97
N ASN A 285 -42.04 3.28 11.29
CA ASN A 285 -42.42 2.16 12.15
C ASN A 285 -41.77 0.86 11.71
N PHE A 286 -40.47 0.92 11.46
CA PHE A 286 -39.65 -0.27 11.16
C PHE A 286 -40.17 -1.01 9.94
N THR A 287 -40.70 -0.27 8.97
CA THR A 287 -41.35 -0.91 7.83
C THR A 287 -40.38 -1.76 7.04
N GLY A 288 -39.27 -1.16 6.61
CA GLY A 288 -38.28 -1.92 5.87
C GLY A 288 -37.72 -3.08 6.67
N ALA A 289 -37.36 -2.82 7.92
CA ALA A 289 -36.88 -3.90 8.77
C ALA A 289 -37.94 -4.96 8.98
N LYS A 290 -39.21 -4.57 9.04
CA LYS A 290 -40.27 -5.56 9.14
C LYS A 290 -40.28 -6.49 7.94
N LYS A 291 -40.23 -5.94 6.73
CA LYS A 291 -40.17 -6.78 5.55
C LYS A 291 -38.96 -7.70 5.59
N CYS A 292 -37.79 -7.13 5.92
CA CYS A 292 -36.56 -7.91 5.96
C CYS A 292 -36.71 -9.10 6.89
N LEU A 293 -37.22 -8.85 8.10
CA LEU A 293 -37.27 -9.93 9.08
C LEU A 293 -38.36 -10.93 8.77
N VAL A 294 -39.46 -10.49 8.15
CA VAL A 294 -40.47 -11.44 7.69
C VAL A 294 -39.85 -12.41 6.71
N ASN A 295 -39.15 -11.89 5.71
CA ASN A 295 -38.55 -12.77 4.71
C ASN A 295 -37.46 -13.63 5.31
N LEU A 296 -36.72 -13.12 6.29
CA LEU A 296 -35.72 -13.94 6.96
C LEU A 296 -36.36 -15.10 7.70
N ILE A 297 -37.43 -14.82 8.45
CA ILE A 297 -38.12 -15.89 9.18
C ILE A 297 -38.65 -16.93 8.22
N GLU A 298 -39.25 -16.49 7.12
CA GLU A 298 -39.77 -17.43 6.14
C GLU A 298 -38.66 -18.29 5.56
N LYS A 299 -37.56 -17.66 5.14
CA LYS A 299 -36.49 -18.40 4.51
C LYS A 299 -35.87 -19.41 5.47
N VAL A 300 -35.74 -19.03 6.75
CA VAL A 300 -35.15 -19.98 7.71
C VAL A 300 -36.12 -21.08 8.05
N ALA A 301 -37.43 -20.80 8.00
CA ALA A 301 -38.40 -21.86 8.22
C ALA A 301 -38.45 -22.84 7.05
N SER A 302 -38.09 -22.37 5.85
CA SER A 302 -38.10 -23.25 4.68
C SER A 302 -37.09 -24.38 4.77
N TYR A 303 -36.23 -24.39 5.79
CA TYR A 303 -35.20 -25.41 5.92
C TYR A 303 -35.59 -26.51 6.88
N GLY A 304 -36.86 -26.61 7.22
CA GLY A 304 -37.32 -27.69 8.07
C GLY A 304 -36.84 -27.61 9.50
N VAL A 305 -36.56 -26.40 9.98
CA VAL A 305 -36.15 -26.21 11.36
C VAL A 305 -37.14 -25.29 12.03
N LYS A 306 -37.36 -25.53 13.33
CA LYS A 306 -38.27 -24.73 14.13
C LYS A 306 -37.45 -24.10 15.24
N PRO A 307 -36.90 -22.92 15.02
CA PRO A 307 -36.07 -22.26 16.03
C PRO A 307 -36.87 -21.35 16.93
N ARG A 308 -36.37 -21.18 18.14
CA ARG A 308 -36.94 -20.23 19.08
C ARG A 308 -36.44 -18.84 18.73
N TYR A 309 -37.37 -17.90 18.58
CA TYR A 309 -37.02 -16.55 18.16
C TYR A 309 -37.09 -15.59 19.33
N GLY A 310 -36.19 -14.63 19.32
CA GLY A 310 -36.27 -13.48 20.20
C GLY A 310 -36.12 -12.23 19.37
N LEU A 311 -36.86 -11.19 19.77
CA LEU A 311 -36.93 -9.96 19.00
C LEU A 311 -36.72 -8.78 19.93
N VAL A 312 -35.74 -7.94 19.62
CA VAL A 312 -35.37 -6.81 20.47
C VAL A 312 -35.20 -5.60 19.59
N THR A 313 -35.84 -4.50 19.96
CA THR A 313 -35.52 -3.20 19.39
C THR A 313 -34.79 -2.39 20.45
N TYR A 314 -34.05 -1.38 20.00
CA TYR A 314 -33.41 -0.50 20.97
C TYR A 314 -33.12 0.84 20.32
N ALA A 315 -33.65 1.91 20.89
CA ALA A 315 -33.15 3.25 20.64
C ALA A 315 -32.17 3.68 21.71
N THR A 316 -32.64 3.82 22.94
CA THR A 316 -31.80 4.06 24.10
C THR A 316 -31.92 2.96 25.13
N TYR A 317 -33.11 2.43 25.36
CA TYR A 317 -33.34 1.27 26.18
C TYR A 317 -33.76 0.11 25.28
N PRO A 318 -33.47 -1.12 25.67
CA PRO A 318 -33.94 -2.27 24.90
C PRO A 318 -35.41 -2.55 25.19
N LYS A 319 -36.21 -2.62 24.13
CA LYS A 319 -37.58 -3.08 24.20
C LYS A 319 -37.63 -4.52 23.70
N ILE A 320 -38.19 -5.39 24.51
CA ILE A 320 -38.26 -6.83 24.25
C ILE A 320 -39.67 -7.17 23.84
N TRP A 321 -39.85 -7.61 22.59
CA TRP A 321 -41.15 -7.99 22.09
C TRP A 321 -41.40 -9.49 22.21
N VAL A 322 -40.48 -10.30 21.69
CA VAL A 322 -40.57 -11.75 21.76
C VAL A 322 -39.38 -12.26 22.55
N LYS A 323 -39.65 -13.10 23.54
CA LYS A 323 -38.62 -13.72 24.35
C LYS A 323 -38.61 -15.21 24.08
N VAL A 324 -37.41 -15.81 24.03
CA VAL A 324 -37.29 -17.21 23.66
C VAL A 324 -37.94 -18.15 24.66
N SER A 325 -38.43 -17.63 25.77
CA SER A 325 -39.07 -18.48 26.76
C SER A 325 -40.56 -18.64 26.53
N GLU A 326 -41.18 -17.75 25.77
CA GLU A 326 -42.59 -17.90 25.45
C GLU A 326 -42.77 -19.17 24.63
N ALA A 327 -43.86 -19.90 24.92
CA ALA A 327 -44.10 -21.15 24.22
C ALA A 327 -44.35 -20.95 22.75
N ASP A 328 -44.71 -19.75 22.34
CA ASP A 328 -44.93 -19.42 20.94
C ASP A 328 -43.69 -18.83 20.28
N SER A 329 -42.53 -18.94 20.92
CA SER A 329 -41.30 -18.41 20.35
C SER A 329 -40.79 -19.24 19.18
N SER A 330 -41.30 -20.44 18.99
CA SER A 330 -40.96 -21.26 17.84
C SER A 330 -42.06 -21.25 16.78
N ASN A 331 -43.23 -20.72 17.09
CA ASN A 331 -44.30 -20.56 16.11
C ASN A 331 -43.90 -19.43 15.20
N ALA A 332 -43.48 -19.78 13.98
CA ALA A 332 -42.95 -18.78 13.07
C ALA A 332 -43.94 -17.66 12.79
N ASP A 333 -45.21 -18.00 12.62
CA ASP A 333 -46.15 -16.95 12.26
C ASP A 333 -46.61 -16.14 13.46
N TRP A 334 -46.57 -16.72 14.66
CA TRP A 334 -46.78 -15.90 15.85
C TRP A 334 -45.68 -14.86 15.98
N VAL A 335 -44.42 -15.27 15.75
CA VAL A 335 -43.31 -14.33 15.76
C VAL A 335 -43.49 -13.29 14.67
N THR A 336 -43.99 -13.70 13.51
CA THR A 336 -44.18 -12.75 12.42
C THR A 336 -45.28 -11.74 12.74
N LYS A 337 -46.36 -12.20 13.34
CA LYS A 337 -47.46 -11.29 13.68
C LYS A 337 -47.04 -10.35 14.81
N GLN A 338 -46.20 -10.83 15.73
CA GLN A 338 -45.68 -9.96 16.76
C GLN A 338 -44.68 -8.96 16.20
N LEU A 339 -43.93 -9.35 15.18
CA LEU A 339 -43.00 -8.44 14.55
C LEU A 339 -43.73 -7.35 13.79
N ASN A 340 -44.75 -7.71 13.04
CA ASN A 340 -45.45 -6.70 12.25
C ASN A 340 -46.14 -5.67 13.08
N GLU A 341 -46.07 -5.75 14.40
CA GLU A 341 -46.74 -4.78 15.26
C GLU A 341 -45.78 -4.12 16.26
N ILE A 342 -44.51 -4.05 15.91
CA ILE A 342 -43.56 -3.27 16.70
C ILE A 342 -43.72 -1.81 16.30
N ASN A 343 -43.36 -0.91 17.21
CA ASN A 343 -43.64 0.51 17.02
C ASN A 343 -42.56 1.34 17.68
N TYR A 344 -42.44 2.58 17.22
CA TYR A 344 -41.52 3.56 17.78
C TYR A 344 -42.34 4.71 18.33
N GLU A 345 -42.18 5.02 19.62
CA GLU A 345 -41.21 4.35 20.46
C GLU A 345 -41.88 3.55 21.56
N GLY A 352 -30.33 9.03 21.81
CA GLY A 352 -29.12 8.37 22.28
C GLY A 352 -29.18 6.87 22.10
N THR A 353 -28.14 6.29 21.51
CA THR A 353 -28.16 4.87 21.17
C THR A 353 -27.23 4.08 22.08
N ASN A 354 -27.80 3.12 22.80
CA ASN A 354 -27.03 2.28 23.71
C ASN A 354 -27.21 0.83 23.29
N THR A 355 -26.11 0.20 22.86
CA THR A 355 -26.12 -1.15 22.31
C THR A 355 -25.88 -2.20 23.38
N LYS A 356 -25.03 -1.88 24.36
CA LYS A 356 -24.71 -2.83 25.41
C LYS A 356 -25.96 -3.33 26.12
N LYS A 357 -26.95 -2.45 26.30
CA LYS A 357 -28.18 -2.87 26.94
C LYS A 357 -28.91 -3.90 26.09
N ALA A 358 -28.89 -3.75 24.78
CA ALA A 358 -29.53 -4.72 23.91
C ALA A 358 -28.82 -6.06 23.97
N LEU A 359 -27.49 -6.04 23.90
CA LEU A 359 -26.76 -7.29 24.00
C LEU A 359 -26.95 -7.93 25.37
N GLN A 360 -27.15 -7.11 26.40
CA GLN A 360 -27.39 -7.68 27.72
C GLN A 360 -28.79 -8.27 27.82
N ALA A 361 -29.75 -7.70 27.09
CA ALA A 361 -31.07 -8.34 27.01
C ALA A 361 -30.97 -9.69 26.32
N VAL A 362 -30.18 -9.77 25.27
CA VAL A 362 -29.91 -11.06 24.63
C VAL A 362 -29.26 -12.02 25.62
N TYR A 363 -28.32 -11.52 26.42
CA TYR A 363 -27.64 -12.38 27.38
C TYR A 363 -28.59 -12.85 28.47
N SER A 364 -29.52 -11.99 28.88
CA SER A 364 -30.52 -12.41 29.85
C SER A 364 -31.42 -13.48 29.27
N MET A 365 -31.79 -13.36 28.00
CA MET A 365 -32.48 -14.45 27.33
C MET A 365 -31.67 -15.74 27.40
N MET A 366 -30.37 -15.65 27.12
CA MET A 366 -29.52 -16.84 27.12
C MET A 366 -29.41 -17.45 28.52
N SER A 367 -29.23 -16.61 29.53
CA SER A 367 -28.94 -17.11 30.87
C SER A 367 -30.12 -17.89 31.42
N TRP A 368 -29.85 -18.73 32.34
CA TRP A 368 -30.71 -19.79 32.84
C TRP A 368 -31.46 -19.43 34.11
N PRO A 369 -32.35 -19.94 34.73
CA PRO A 369 -33.07 -19.58 35.94
C PRO A 369 -32.44 -20.16 37.21
N ASP A 370 -31.37 -20.95 37.09
CA ASP A 370 -30.76 -21.53 38.28
C ASP A 370 -29.29 -21.92 38.14
N ASP A 371 -28.69 -22.31 39.26
CA ASP A 371 -27.28 -22.70 39.28
C ASP A 371 -27.11 -24.01 38.52
N VAL A 372 -28.00 -24.97 38.79
CA VAL A 372 -27.97 -26.25 38.10
C VAL A 372 -28.27 -25.99 36.64
N PRO A 373 -27.59 -26.69 35.72
CA PRO A 373 -27.88 -26.37 34.30
C PRO A 373 -29.27 -26.85 33.89
N PRO A 374 -29.95 -26.19 32.94
CA PRO A 374 -31.08 -26.84 32.30
C PRO A 374 -30.57 -27.94 31.38
N GLU A 375 -31.51 -28.78 30.94
CA GLU A 375 -31.24 -29.87 30.01
C GLU A 375 -31.03 -29.34 28.60
N GLY A 376 -30.03 -29.89 27.93
CA GLY A 376 -29.78 -29.56 26.53
C GLY A 376 -29.16 -28.20 26.32
N TRP A 377 -28.41 -27.70 27.30
CA TRP A 377 -27.76 -26.42 27.12
C TRP A 377 -26.60 -26.51 26.13
N ASN A 378 -25.93 -27.66 26.08
CA ASN A 378 -24.77 -27.84 25.21
C ASN A 378 -25.16 -28.36 23.83
N ARG A 379 -26.44 -28.29 23.48
CA ARG A 379 -26.89 -28.70 22.17
C ARG A 379 -27.56 -27.58 21.38
N THR A 380 -27.77 -26.42 21.99
CA THR A 380 -28.44 -25.31 21.35
C THR A 380 -27.43 -24.44 20.61
N ARG A 381 -27.81 -24.00 19.41
CA ARG A 381 -26.99 -23.13 18.60
C ARG A 381 -27.62 -21.75 18.55
N HIS A 382 -26.84 -20.73 18.87
CA HIS A 382 -27.35 -19.38 19.01
C HIS A 382 -26.89 -18.51 17.86
N VAL A 383 -27.81 -17.71 17.32
CA VAL A 383 -27.56 -16.82 16.20
C VAL A 383 -28.04 -15.44 16.61
N ILE A 384 -27.20 -14.43 16.41
CA ILE A 384 -27.52 -13.06 16.81
C ILE A 384 -27.40 -12.19 15.57
N ILE A 385 -28.53 -11.78 15.02
CA ILE A 385 -28.57 -10.95 13.83
C ILE A 385 -28.84 -9.52 14.28
N LEU A 386 -27.84 -8.66 14.20
CA LEU A 386 -27.94 -7.28 14.64
C LEU A 386 -27.93 -6.38 13.42
N MET A 387 -28.93 -5.52 13.31
CA MET A 387 -29.03 -4.55 12.23
C MET A 387 -28.94 -3.17 12.83
N THR A 388 -27.93 -2.40 12.39
CA THR A 388 -27.72 -1.06 12.89
C THR A 388 -27.30 -0.14 11.76
N ASP A 389 -27.37 1.15 12.01
CA ASP A 389 -26.89 2.15 11.08
C ASP A 389 -26.05 3.24 11.74
N GLY A 390 -25.94 3.25 13.05
CA GLY A 390 -25.08 4.14 13.78
C GLY A 390 -23.96 3.36 14.43
N LEU A 391 -24.17 3.00 15.70
CA LEU A 391 -23.24 2.21 16.49
C LEU A 391 -21.95 2.97 16.79
N HIS A 392 -22.08 4.16 17.32
CA HIS A 392 -21.02 4.77 18.11
C HIS A 392 -21.25 4.29 19.53
N ASN A 393 -20.41 3.35 19.98
CA ASN A 393 -20.73 2.52 21.14
C ASN A 393 -20.59 3.34 22.43
N MET A 394 -21.63 4.11 22.71
CA MET A 394 -21.79 4.80 23.98
C MET A 394 -22.67 3.98 24.91
N GLY A 395 -22.75 4.41 26.16
CA GLY A 395 -23.41 3.65 27.19
C GLY A 395 -22.63 2.47 27.73
N GLY A 396 -21.45 2.21 27.18
CA GLY A 396 -20.60 1.10 27.60
C GLY A 396 -19.92 0.46 26.43
N ASP A 397 -19.09 -0.53 26.75
CA ASP A 397 -18.38 -1.29 25.73
C ASP A 397 -19.08 -2.62 25.54
N PRO A 398 -19.78 -2.83 24.41
CA PRO A 398 -20.58 -4.04 24.24
C PRO A 398 -19.78 -5.29 23.94
N ILE A 399 -18.46 -5.20 23.75
CA ILE A 399 -17.69 -6.40 23.51
C ILE A 399 -17.69 -7.29 24.74
N THR A 400 -17.66 -6.67 25.92
CA THR A 400 -17.69 -7.45 27.16
C THR A 400 -18.94 -8.31 27.24
N VAL A 401 -20.04 -7.86 26.65
CA VAL A 401 -21.24 -8.67 26.65
C VAL A 401 -21.04 -9.90 25.79
N ILE A 402 -20.36 -9.74 24.66
CA ILE A 402 -20.09 -10.89 23.80
C ILE A 402 -19.18 -11.88 24.50
N ASP A 403 -18.21 -11.36 25.26
CA ASP A 403 -17.32 -12.25 25.99
C ASP A 403 -18.05 -12.96 27.12
N GLU A 404 -18.96 -12.27 27.80
CA GLU A 404 -19.79 -12.93 28.82
C GLU A 404 -20.66 -14.01 28.20
N ILE A 405 -21.21 -13.73 27.03
CA ILE A 405 -22.01 -14.73 26.32
C ILE A 405 -21.18 -15.96 26.00
N ARG A 406 -20.00 -15.75 25.42
CA ARG A 406 -19.14 -16.87 25.07
C ARG A 406 -18.71 -17.64 26.31
N ASP A 407 -18.54 -16.95 27.44
CA ASP A 407 -18.28 -17.64 28.69
C ASP A 407 -19.45 -18.52 29.07
N LEU A 408 -20.67 -18.00 28.93
CA LEU A 408 -21.86 -18.73 29.33
C LEU A 408 -22.10 -19.96 28.47
N LEU A 409 -21.81 -19.88 27.17
CA LEU A 409 -22.02 -21.01 26.29
C LEU A 409 -20.88 -22.01 26.37
N TYR A 410 -19.88 -21.77 27.20
CA TYR A 410 -18.68 -22.60 27.27
C TYR A 410 -18.00 -22.69 25.92
N ILE A 411 -17.63 -21.53 25.38
CA ILE A 411 -16.99 -21.42 24.08
C ILE A 411 -15.59 -20.85 24.27
N GLY A 412 -14.60 -21.51 23.69
CA GLY A 412 -13.23 -21.09 23.85
C GLY A 412 -12.62 -21.48 25.17
N LYS A 413 -13.13 -22.53 25.81
CA LYS A 413 -12.66 -22.97 27.11
C LYS A 413 -12.14 -24.39 27.05
N ASP A 414 -11.61 -24.80 25.90
CA ASP A 414 -11.16 -26.17 25.72
C ASP A 414 -10.31 -26.23 24.45
N ARG A 415 -9.78 -27.42 24.18
CA ARG A 415 -9.03 -27.67 22.96
C ARG A 415 -9.65 -28.75 22.10
N LYS A 416 -10.33 -29.73 22.69
CA LYS A 416 -11.09 -30.70 21.93
C LYS A 416 -12.55 -30.30 21.76
N ASN A 417 -13.02 -29.33 22.54
CA ASN A 417 -14.39 -28.82 22.43
C ASN A 417 -14.36 -27.30 22.48
N PRO A 418 -13.94 -26.67 21.39
CA PRO A 418 -13.98 -25.20 21.35
C PRO A 418 -15.39 -24.66 21.24
N ARG A 419 -16.30 -25.43 20.64
CA ARG A 419 -17.72 -25.09 20.58
C ARG A 419 -17.98 -23.82 19.80
N GLU A 420 -17.11 -23.47 18.86
CA GLU A 420 -17.35 -22.26 18.09
C GLU A 420 -18.52 -22.39 17.13
N ASP A 421 -19.04 -23.60 16.92
CA ASP A 421 -20.19 -23.77 16.05
C ASP A 421 -21.47 -23.31 16.70
N TYR A 422 -21.48 -23.09 18.00
CA TYR A 422 -22.70 -22.83 18.74
C TYR A 422 -22.93 -21.34 19.00
N LEU A 423 -22.22 -20.47 18.29
CA LEU A 423 -22.47 -19.03 18.41
C LEU A 423 -22.09 -18.36 17.10
N ASP A 424 -23.09 -17.77 16.46
CA ASP A 424 -22.89 -16.97 15.26
C ASP A 424 -23.42 -15.58 15.52
N VAL A 425 -22.64 -14.56 15.17
CA VAL A 425 -23.06 -13.18 15.32
C VAL A 425 -22.90 -12.51 13.96
N TYR A 426 -24.01 -12.01 13.41
CA TYR A 426 -24.04 -11.32 12.14
C TYR A 426 -24.41 -9.87 12.36
N VAL A 427 -23.73 -8.97 11.65
CA VAL A 427 -23.98 -7.54 11.77
C VAL A 427 -24.22 -6.96 10.39
N PHE A 428 -25.31 -6.22 10.26
CA PHE A 428 -25.67 -5.50 9.05
C PHE A 428 -25.62 -4.01 9.37
N GLY A 429 -24.59 -3.33 8.86
CA GLY A 429 -24.51 -1.90 8.99
C GLY A 429 -25.12 -1.22 7.78
N VAL A 430 -25.80 -0.10 8.05
CA VAL A 430 -26.48 0.65 7.00
C VAL A 430 -25.98 2.08 7.03
N GLY A 431 -25.68 2.62 5.86
CA GLY A 431 -25.30 4.00 5.73
C GLY A 431 -23.82 4.22 5.93
N PRO A 432 -23.37 5.45 5.64
CA PRO A 432 -21.94 5.75 5.81
C PRO A 432 -21.53 6.03 7.23
N LEU A 433 -22.46 6.39 8.10
CA LEU A 433 -22.12 6.75 9.47
C LEU A 433 -21.85 5.56 10.36
N VAL A 434 -21.86 4.36 9.81
CA VAL A 434 -21.65 3.17 10.63
C VAL A 434 -20.16 2.99 10.89
N ASN A 435 -19.83 2.57 12.10
CA ASN A 435 -18.45 2.41 12.51
C ASN A 435 -17.98 1.02 12.06
N GLN A 436 -17.16 0.99 11.02
CA GLN A 436 -16.73 -0.27 10.45
C GLN A 436 -15.93 -1.11 11.43
N VAL A 437 -15.42 -0.51 12.50
CA VAL A 437 -14.60 -1.23 13.45
C VAL A 437 -15.44 -1.90 14.52
N ASN A 438 -16.44 -1.19 15.05
CA ASN A 438 -17.27 -1.77 16.08
C ASN A 438 -18.09 -2.93 15.54
N ILE A 439 -18.64 -2.78 14.34
CA ILE A 439 -19.45 -3.85 13.78
C ILE A 439 -18.60 -5.08 13.51
N ASN A 440 -17.34 -4.88 13.14
CA ASN A 440 -16.48 -6.04 12.91
C ASN A 440 -16.03 -6.64 14.23
N ALA A 441 -15.89 -5.84 15.27
CA ALA A 441 -15.52 -6.38 16.57
C ALA A 441 -16.65 -7.19 17.17
N LEU A 442 -17.90 -6.81 16.90
CA LEU A 442 -19.03 -7.54 17.43
C LEU A 442 -19.22 -8.88 16.73
N ALA A 443 -19.19 -8.87 15.40
CA ALA A 443 -19.49 -10.05 14.63
C ALA A 443 -18.48 -11.16 14.89
N SER A 444 -18.77 -12.33 14.35
CA SER A 444 -17.90 -13.47 14.51
C SER A 444 -16.93 -13.56 13.36
N LYS A 445 -15.91 -14.41 13.54
CA LYS A 445 -14.90 -14.65 12.53
C LYS A 445 -14.74 -16.15 12.37
N LYS A 446 -15.20 -16.68 11.25
CA LYS A 446 -15.11 -18.10 10.96
C LYS A 446 -14.44 -18.30 9.60
N ASP A 447 -13.71 -19.40 9.46
CA ASP A 447 -13.00 -19.68 8.22
C ASP A 447 -13.98 -19.90 7.09
N ASN A 448 -13.72 -19.24 5.96
CA ASN A 448 -14.53 -19.32 4.74
C ASN A 448 -15.93 -18.76 4.95
N GLU A 449 -16.12 -17.90 5.93
CA GLU A 449 -17.42 -17.35 6.24
C GLU A 449 -17.31 -15.85 6.46
N GLN A 450 -18.34 -15.13 6.07
CA GLN A 450 -18.43 -13.70 6.29
C GLN A 450 -19.61 -13.38 7.18
N HIS A 451 -19.39 -12.54 8.18
CA HIS A 451 -20.43 -12.18 9.14
C HIS A 451 -20.67 -10.68 9.25
N VAL A 452 -19.85 -9.84 8.64
CA VAL A 452 -20.01 -8.40 8.71
C VAL A 452 -20.44 -7.92 7.33
N PHE A 453 -21.42 -7.03 7.28
CA PHE A 453 -21.87 -6.48 6.02
C PHE A 453 -22.16 -5.00 6.20
N LYS A 454 -21.94 -4.24 5.14
CA LYS A 454 -22.23 -2.82 5.12
C LYS A 454 -22.92 -2.48 3.82
N VAL A 455 -24.14 -1.97 3.90
CA VAL A 455 -24.94 -1.66 2.73
C VAL A 455 -25.30 -0.18 2.77
N LYS A 456 -25.85 0.29 1.65
CA LYS A 456 -26.00 1.71 1.39
C LYS A 456 -27.24 2.31 2.03
N ASP A 457 -28.43 1.82 1.69
CA ASP A 457 -29.67 2.33 2.24
C ASP A 457 -30.35 1.21 3.00
N MET A 458 -31.55 1.49 3.50
CA MET A 458 -32.42 0.40 3.97
C MET A 458 -33.04 -0.33 2.79
N GLU A 459 -33.15 0.32 1.64
CA GLU A 459 -33.68 -0.32 0.46
C GLU A 459 -32.80 -1.48 0.02
N ASN A 460 -31.49 -1.30 0.04
CA ASN A 460 -30.59 -2.39 -0.28
C ASN A 460 -30.68 -3.51 0.74
N LEU A 461 -30.93 -3.17 2.01
CA LEU A 461 -31.11 -4.21 3.00
C LEU A 461 -32.38 -5.01 2.75
N GLU A 462 -33.44 -4.35 2.28
CA GLU A 462 -34.62 -5.08 1.86
C GLU A 462 -34.31 -6.00 0.70
N ASP A 463 -33.59 -5.48 -0.30
CA ASP A 463 -33.27 -6.26 -1.48
C ASP A 463 -32.43 -7.47 -1.14
N VAL A 464 -31.62 -7.39 -0.08
CA VAL A 464 -30.85 -8.54 0.38
C VAL A 464 -31.77 -9.73 0.63
N PHE A 465 -32.78 -9.53 1.47
CA PHE A 465 -33.65 -10.63 1.84
C PHE A 465 -34.67 -10.96 0.77
N TYR A 466 -35.02 -10.00 -0.08
CA TYR A 466 -35.78 -10.34 -1.28
C TYR A 466 -35.01 -11.34 -2.13
N GLN A 467 -33.73 -11.04 -2.39
CA GLN A 467 -32.88 -11.95 -3.14
C GLN A 467 -32.76 -13.30 -2.45
N MET A 468 -32.65 -13.29 -1.12
CA MET A 468 -32.55 -14.54 -0.38
C MET A 468 -33.82 -15.38 -0.56
N ILE A 469 -34.98 -14.74 -0.51
CA ILE A 469 -36.24 -15.47 -0.69
C ILE A 469 -36.34 -16.00 -2.12
N ASP A 470 -35.92 -15.21 -3.10
CA ASP A 470 -36.02 -15.63 -4.48
C ASP A 470 -35.04 -16.74 -4.85
N GLU A 471 -34.30 -17.29 -3.90
CA GLU A 471 -33.16 -18.13 -4.25
C GLU A 471 -33.59 -19.43 -4.91
N SER A 472 -34.50 -20.16 -4.29
CA SER A 472 -34.83 -21.52 -4.71
C SER A 472 -36.25 -21.60 -5.26
N GLN A 473 -36.66 -20.59 -6.02
CA GLN A 473 -38.00 -20.62 -6.60
C GLN A 473 -38.03 -21.42 -7.89
N SER A 474 -37.29 -20.98 -8.90
CA SER A 474 -37.26 -21.68 -10.17
C SER A 474 -36.23 -21.10 -11.12
N LEU A 475 -36.09 -21.73 -12.28
CA LEU A 475 -35.33 -21.17 -13.39
C LEU A 475 -36.21 -20.41 -14.35
N SER A 476 -37.52 -20.48 -14.18
CA SER A 476 -38.45 -19.69 -14.99
C SER A 476 -38.79 -18.36 -14.33
N LEU A 477 -38.29 -18.12 -13.13
CA LEU A 477 -38.42 -16.82 -12.49
C LEU A 477 -37.71 -15.78 -13.33
N CYS A 478 -38.47 -14.84 -13.89
CA CYS A 478 -37.89 -13.85 -14.77
C CYS A 478 -36.99 -12.91 -14.00
N GLY A 479 -35.93 -12.45 -14.66
CA GLY A 479 -35.07 -11.42 -14.11
C GLY A 479 -34.34 -11.82 -12.85
N MET A 480 -34.09 -13.10 -12.67
CA MET A 480 -33.43 -13.59 -11.48
C MET A 480 -31.99 -13.96 -11.81
N VAL A 481 -31.07 -13.42 -11.03
CA VAL A 481 -29.66 -13.76 -11.12
C VAL A 481 -29.14 -13.97 -9.71
N TRP A 482 -28.59 -15.14 -9.45
CA TRP A 482 -27.91 -15.40 -8.19
C TRP A 482 -26.42 -15.21 -8.44
N GLU A 483 -25.85 -14.18 -7.82
CA GLU A 483 -24.43 -13.94 -7.95
C GLU A 483 -23.68 -15.02 -7.17
N HIS A 484 -22.96 -15.85 -7.91
CA HIS A 484 -22.30 -17.02 -7.36
C HIS A 484 -20.86 -16.71 -6.98
N ARG A 485 -20.13 -17.74 -6.57
CA ARG A 485 -18.73 -17.62 -6.24
C ARG A 485 -17.82 -17.88 -7.44
N LYS A 486 -18.33 -18.56 -8.47
CA LYS A 486 -17.55 -18.93 -9.64
C LYS A 486 -18.31 -18.55 -10.92
N GLY A 487 -18.83 -17.34 -10.96
CA GLY A 487 -19.69 -16.91 -12.04
C GLY A 487 -18.92 -16.27 -13.19
N THR A 488 -19.29 -16.64 -14.41
CA THR A 488 -18.72 -16.07 -15.62
C THR A 488 -19.58 -14.90 -16.08
N ASP A 489 -19.35 -14.44 -17.30
CA ASP A 489 -20.10 -13.29 -17.81
C ASP A 489 -21.57 -13.62 -17.99
N TYR A 490 -21.86 -14.61 -18.83
CA TYR A 490 -23.26 -14.92 -19.13
C TYR A 490 -23.99 -15.53 -17.94
N HIS A 491 -23.29 -15.81 -16.84
CA HIS A 491 -24.00 -16.16 -15.61
C HIS A 491 -24.76 -14.96 -15.07
N LYS A 492 -24.29 -13.76 -15.37
CA LYS A 492 -24.81 -12.54 -14.77
C LYS A 492 -25.75 -11.78 -15.69
N GLN A 493 -25.86 -12.19 -16.95
CA GLN A 493 -26.80 -11.59 -17.89
C GLN A 493 -27.38 -12.68 -18.78
N PRO A 494 -28.14 -13.62 -18.19
CA PRO A 494 -28.59 -14.77 -18.96
C PRO A 494 -29.62 -14.44 -20.03
N TRP A 495 -30.29 -13.30 -19.94
CA TRP A 495 -31.27 -12.90 -20.94
C TRP A 495 -30.63 -12.42 -22.23
N GLN A 496 -29.31 -12.24 -22.25
CA GLN A 496 -28.68 -11.60 -23.38
C GLN A 496 -28.65 -12.52 -24.60
N ALA A 497 -28.81 -11.90 -25.77
CA ALA A 497 -28.82 -12.64 -27.03
C ALA A 497 -28.14 -11.77 -28.08
N LYS A 498 -27.16 -12.32 -28.77
CA LYS A 498 -26.42 -11.60 -29.80
C LYS A 498 -26.99 -11.91 -31.18
N ILE A 499 -27.31 -10.85 -31.92
CA ILE A 499 -27.79 -10.96 -33.28
C ILE A 499 -26.69 -10.48 -34.21
N SER A 500 -26.38 -11.28 -35.22
CA SER A 500 -25.40 -10.92 -36.23
C SER A 500 -26.04 -10.98 -37.60
N VAL A 501 -25.93 -9.90 -38.35
CA VAL A 501 -26.46 -9.80 -39.71
C VAL A 501 -25.29 -9.42 -40.61
N ILE A 502 -24.97 -10.30 -41.56
CA ILE A 502 -23.90 -10.02 -42.52
C ILE A 502 -24.53 -9.36 -43.74
N ARG A 503 -24.42 -8.03 -43.82
CA ARG A 503 -25.00 -7.30 -44.93
C ARG A 503 -23.99 -7.15 -46.05
N PRO A 504 -24.42 -7.40 -47.29
CA PRO A 504 -23.52 -7.20 -48.43
C PRO A 504 -23.19 -5.73 -48.61
N SER A 505 -21.91 -5.45 -48.85
CA SER A 505 -21.38 -4.14 -49.20
C SER A 505 -21.47 -3.13 -48.06
N LYS A 506 -22.09 -3.50 -46.94
CA LYS A 506 -22.26 -2.57 -45.84
C LYS A 506 -21.85 -3.25 -44.54
N GLY A 507 -21.53 -2.43 -43.54
CA GLY A 507 -20.98 -2.91 -42.30
C GLY A 507 -21.79 -4.03 -41.66
N HIS A 508 -21.09 -5.09 -41.23
CA HIS A 508 -21.72 -6.21 -40.57
C HIS A 508 -22.49 -5.72 -39.36
N GLU A 509 -23.82 -5.79 -39.41
CA GLU A 509 -24.62 -5.29 -38.31
C GLU A 509 -24.55 -6.24 -37.13
N SER A 510 -24.17 -5.71 -35.97
CA SER A 510 -24.14 -6.47 -34.73
C SER A 510 -25.12 -5.82 -33.77
N CYS A 511 -26.08 -6.60 -33.29
CA CYS A 511 -27.08 -6.12 -32.35
C CYS A 511 -27.15 -7.07 -31.17
N MET A 512 -27.86 -6.64 -30.14
CA MET A 512 -28.13 -7.45 -28.97
C MET A 512 -29.61 -7.77 -28.90
N GLY A 513 -30.00 -8.50 -27.86
CA GLY A 513 -31.39 -8.86 -27.70
C GLY A 513 -31.66 -9.31 -26.29
N ALA A 514 -32.92 -9.66 -26.05
CA ALA A 514 -33.36 -10.13 -24.75
C ALA A 514 -34.28 -11.33 -24.94
N VAL A 515 -34.02 -12.39 -24.19
CA VAL A 515 -34.85 -13.59 -24.20
C VAL A 515 -36.06 -13.31 -23.30
N VAL A 516 -37.19 -12.95 -23.90
CA VAL A 516 -38.38 -12.66 -23.10
C VAL A 516 -39.24 -13.87 -22.86
N SER A 517 -39.04 -14.95 -23.62
CA SER A 517 -39.80 -16.17 -23.43
C SER A 517 -38.99 -17.32 -24.03
N GLU A 518 -39.58 -18.51 -24.02
CA GLU A 518 -38.85 -19.69 -24.48
C GLU A 518 -38.71 -19.76 -25.98
N TYR A 519 -39.58 -19.08 -26.72
CA TYR A 519 -39.54 -19.09 -28.17
C TYR A 519 -39.22 -17.75 -28.78
N PHE A 520 -39.17 -16.68 -27.99
CA PHE A 520 -39.07 -15.32 -28.51
C PHE A 520 -37.81 -14.62 -28.01
N VAL A 521 -37.36 -13.67 -28.81
CA VAL A 521 -36.24 -12.79 -28.46
C VAL A 521 -36.61 -11.38 -28.90
N LEU A 522 -36.47 -10.41 -27.99
CA LEU A 522 -36.84 -9.03 -28.27
C LEU A 522 -35.60 -8.25 -28.69
N THR A 523 -35.72 -7.50 -29.78
CA THR A 523 -34.61 -6.72 -30.29
C THR A 523 -35.17 -5.47 -30.95
N ALA A 524 -34.34 -4.79 -31.74
CA ALA A 524 -34.73 -3.57 -32.43
C ALA A 524 -34.84 -3.83 -33.91
N ALA A 525 -35.80 -3.17 -34.56
CA ALA A 525 -36.15 -3.52 -35.93
C ALA A 525 -35.08 -3.07 -36.91
N HIS A 526 -34.39 -1.97 -36.62
CA HIS A 526 -33.41 -1.45 -37.56
C HIS A 526 -32.25 -2.41 -37.77
N CYS A 527 -32.13 -3.44 -36.95
CA CYS A 527 -31.10 -4.43 -37.17
C CYS A 527 -31.36 -5.24 -38.43
N PHE A 528 -32.62 -5.34 -38.83
CA PHE A 528 -33.01 -6.15 -39.97
C PHE A 528 -33.47 -5.28 -41.13
N THR A 529 -33.70 -5.96 -42.26
CA THR A 529 -34.26 -5.36 -43.46
C THR A 529 -35.03 -6.48 -44.16
N VAL A 530 -35.67 -6.21 -45.30
CA VAL A 530 -36.28 -7.28 -46.08
C VAL A 530 -35.29 -7.91 -47.05
N ASP A 531 -34.18 -7.22 -47.37
CA ASP A 531 -33.16 -7.84 -48.19
C ASP A 531 -32.48 -8.98 -47.45
N ASP A 532 -32.25 -8.80 -46.14
CA ASP A 532 -31.58 -9.81 -45.33
C ASP A 532 -32.40 -11.08 -45.28
N LYS A 533 -31.92 -12.15 -45.90
CA LYS A 533 -32.59 -13.44 -45.84
C LYS A 533 -32.30 -14.10 -44.50
N GLU A 534 -33.11 -15.11 -44.19
CA GLU A 534 -33.00 -15.78 -42.91
C GLU A 534 -31.67 -16.46 -42.71
N HIS A 535 -30.88 -16.63 -43.78
CA HIS A 535 -29.60 -17.29 -43.73
C HIS A 535 -28.45 -16.31 -43.50
N SER A 536 -28.78 -15.07 -43.19
CA SER A 536 -27.78 -14.08 -42.81
C SER A 536 -27.96 -13.57 -41.39
N ILE A 537 -29.07 -13.90 -40.74
CA ILE A 537 -29.33 -13.50 -39.36
C ILE A 537 -29.01 -14.69 -38.46
N LYS A 538 -28.10 -14.49 -37.52
CA LYS A 538 -27.66 -15.56 -36.63
C LYS A 538 -27.75 -15.06 -35.20
N VAL A 539 -28.52 -15.78 -34.37
CA VAL A 539 -28.78 -15.40 -32.98
C VAL A 539 -28.08 -16.40 -32.08
N SER A 540 -27.49 -15.91 -30.99
CA SER A 540 -26.76 -16.74 -30.05
C SER A 540 -27.11 -16.34 -28.63
N VAL A 541 -27.49 -17.34 -27.82
CA VAL A 541 -27.83 -17.12 -26.43
C VAL A 541 -26.88 -17.94 -25.56
N GLY A 542 -26.79 -17.56 -24.30
CA GLY A 542 -26.01 -18.30 -23.34
C GLY A 542 -24.53 -18.34 -23.65
N GLY A 543 -24.08 -17.51 -24.57
CA GLY A 543 -22.66 -17.45 -24.88
C GLY A 543 -22.12 -18.66 -25.60
N GLU A 544 -22.97 -19.36 -26.34
CA GLU A 544 -22.58 -20.59 -27.02
C GLU A 544 -22.37 -20.32 -28.51
N LYS A 545 -21.44 -21.08 -29.09
CA LYS A 545 -21.10 -20.89 -30.50
C LYS A 545 -22.31 -21.12 -31.39
N ARG A 546 -23.19 -22.04 -31.00
CA ARG A 546 -24.29 -22.42 -31.85
C ARG A 546 -25.20 -21.23 -32.14
N ASP A 547 -25.57 -21.07 -33.41
CA ASP A 547 -26.56 -20.10 -33.80
C ASP A 547 -27.92 -20.77 -33.88
N LEU A 548 -28.97 -19.98 -33.70
CA LEU A 548 -30.31 -20.52 -33.53
C LEU A 548 -31.09 -20.43 -34.83
N GLU A 549 -32.22 -21.13 -34.85
CA GLU A 549 -33.06 -21.27 -36.03
C GLU A 549 -34.28 -20.38 -35.87
N ILE A 550 -34.50 -19.50 -36.85
CA ILE A 550 -35.53 -18.46 -36.74
C ILE A 550 -36.75 -18.89 -37.53
N GLU A 551 -37.92 -18.78 -36.90
CA GLU A 551 -39.18 -19.01 -37.60
C GLU A 551 -39.57 -17.78 -38.40
N VAL A 552 -39.81 -16.66 -37.72
CA VAL A 552 -40.18 -15.41 -38.35
C VAL A 552 -39.73 -14.26 -37.46
N VAL A 553 -39.30 -13.17 -38.09
CA VAL A 553 -38.98 -11.93 -37.40
C VAL A 553 -40.14 -10.97 -37.62
N LEU A 554 -40.86 -10.66 -36.55
CA LEU A 554 -42.01 -9.78 -36.62
C LEU A 554 -41.61 -8.37 -36.24
N PHE A 555 -41.87 -7.43 -37.14
CA PHE A 555 -41.61 -6.02 -36.86
C PHE A 555 -42.89 -5.34 -36.44
N HIS A 556 -42.76 -4.28 -35.68
CA HIS A 556 -43.92 -3.53 -35.24
C HIS A 556 -44.69 -3.04 -36.45
N PRO A 557 -46.02 -3.11 -36.44
CA PRO A 557 -46.79 -2.68 -37.61
C PRO A 557 -46.67 -1.21 -37.91
N ASN A 558 -46.21 -0.39 -36.97
CA ASN A 558 -46.10 1.04 -37.16
C ASN A 558 -44.65 1.48 -37.36
N TYR A 559 -43.78 0.59 -37.78
CA TYR A 559 -42.37 0.88 -37.95
C TYR A 559 -42.06 1.18 -39.41
N ASN A 560 -41.24 2.21 -39.63
CA ASN A 560 -40.74 2.52 -40.96
C ASN A 560 -39.54 3.43 -40.78
N ILE A 561 -38.35 2.95 -41.17
CA ILE A 561 -37.18 3.80 -41.12
C ILE A 561 -37.10 4.71 -42.34
N ASN A 562 -37.85 4.41 -43.39
CA ASN A 562 -37.94 5.28 -44.55
C ASN A 562 -38.84 6.47 -44.30
N GLY A 563 -39.12 6.78 -43.05
CA GLY A 563 -39.69 8.05 -42.72
C GLY A 563 -41.05 8.28 -43.32
N LYS A 564 -41.45 9.53 -43.53
CA LYS A 564 -40.68 10.78 -43.29
C LYS A 564 -39.34 10.88 -44.02
N LYS A 565 -39.29 10.42 -45.26
CA LYS A 565 -38.08 10.56 -46.08
C LYS A 565 -38.15 11.75 -47.02
N GLU A 566 -39.25 11.90 -47.77
CA GLU A 566 -39.44 13.07 -48.60
C GLU A 566 -39.77 14.30 -47.79
N ALA A 567 -39.83 14.18 -46.46
CA ALA A 567 -39.96 15.33 -45.58
C ALA A 567 -38.62 15.83 -45.09
N GLY A 568 -37.53 15.17 -45.47
CA GLY A 568 -36.20 15.62 -45.11
C GLY A 568 -35.61 15.00 -43.87
N ILE A 569 -35.99 13.77 -43.51
CA ILE A 569 -35.45 13.08 -42.36
C ILE A 569 -35.01 11.70 -42.82
N PRO A 570 -33.73 11.39 -42.80
CA PRO A 570 -33.27 10.11 -43.33
C PRO A 570 -33.77 8.90 -42.56
N GLU A 571 -33.52 8.88 -41.25
CA GLU A 571 -33.92 7.79 -40.37
C GLU A 571 -35.05 8.23 -39.46
N PHE A 572 -36.09 7.42 -39.38
CA PHE A 572 -37.22 7.63 -38.49
C PHE A 572 -37.37 6.35 -37.67
N TYR A 573 -36.89 6.38 -36.43
CA TYR A 573 -36.82 5.19 -35.60
C TYR A 573 -38.05 4.99 -34.73
N ASP A 574 -39.21 5.48 -35.13
CA ASP A 574 -40.39 5.29 -34.31
C ASP A 574 -40.85 3.85 -34.36
N TYR A 575 -41.21 3.31 -33.20
CA TYR A 575 -41.65 1.92 -33.07
C TYR A 575 -40.57 0.96 -33.56
N ASP A 576 -39.37 1.13 -33.03
CA ASP A 576 -38.22 0.35 -33.43
C ASP A 576 -38.07 -0.84 -32.49
N VAL A 577 -38.96 -1.81 -32.68
CA VAL A 577 -38.95 -3.05 -31.91
C VAL A 577 -39.22 -4.21 -32.86
N ALA A 578 -38.58 -5.33 -32.57
CA ALA A 578 -38.75 -6.55 -33.35
C ALA A 578 -38.78 -7.75 -32.43
N LEU A 579 -39.47 -8.79 -32.86
CA LEU A 579 -39.58 -10.04 -32.12
C LEU A 579 -39.13 -11.18 -33.00
N ILE A 580 -38.06 -11.85 -32.61
CA ILE A 580 -37.57 -13.03 -33.30
C ILE A 580 -38.23 -14.25 -32.70
N LYS A 581 -38.95 -15.02 -33.52
CA LYS A 581 -39.55 -16.27 -33.08
C LYS A 581 -38.60 -17.41 -33.46
N LEU A 582 -38.12 -18.11 -32.46
CA LEU A 582 -37.22 -19.23 -32.69
C LEU A 582 -38.01 -20.46 -33.11
N LYS A 583 -37.42 -21.26 -33.99
CA LYS A 583 -38.08 -22.49 -34.41
C LYS A 583 -38.13 -23.50 -33.27
N ASN A 584 -36.99 -23.78 -32.67
CA ASN A 584 -36.94 -24.70 -31.56
C ASN A 584 -37.27 -23.98 -30.26
N LYS A 585 -37.21 -24.71 -29.16
CA LYS A 585 -37.44 -24.16 -27.84
C LYS A 585 -36.10 -23.88 -27.16
N LEU A 586 -36.13 -23.00 -26.18
CA LEU A 586 -34.95 -22.67 -25.39
C LEU A 586 -34.99 -23.43 -24.08
N LYS A 587 -33.83 -23.93 -23.66
CA LYS A 587 -33.72 -24.74 -22.46
C LYS A 587 -33.14 -23.86 -21.36
N TYR A 588 -34.01 -23.37 -20.48
CA TYR A 588 -33.59 -22.51 -19.39
C TYR A 588 -32.57 -23.22 -18.52
N GLY A 589 -31.53 -22.48 -18.14
CA GLY A 589 -30.52 -23.03 -17.28
C GLY A 589 -29.78 -21.96 -16.52
N GLN A 590 -28.57 -22.25 -16.07
CA GLN A 590 -27.76 -21.22 -15.42
C GLN A 590 -27.23 -20.20 -16.40
N THR A 591 -27.40 -20.43 -17.70
CA THR A 591 -26.92 -19.49 -18.72
C THR A 591 -28.03 -18.92 -19.58
N ILE A 592 -29.16 -19.59 -19.71
CA ILE A 592 -30.31 -19.07 -20.45
C ILE A 592 -31.45 -18.94 -19.46
N ARG A 593 -32.01 -17.74 -19.36
CA ARG A 593 -33.11 -17.45 -18.46
C ARG A 593 -33.82 -16.23 -19.02
N PRO A 594 -35.11 -16.07 -18.75
CA PRO A 594 -35.86 -14.96 -19.33
C PRO A 594 -35.69 -13.69 -18.52
N ILE A 595 -36.13 -12.59 -19.10
CA ILE A 595 -36.14 -11.30 -18.45
C ILE A 595 -37.58 -10.87 -18.26
N CYS A 596 -37.82 -10.06 -17.23
CA CYS A 596 -39.17 -9.63 -16.94
C CYS A 596 -39.58 -8.52 -17.90
N LEU A 597 -40.87 -8.49 -18.22
CA LEU A 597 -41.44 -7.49 -19.09
C LEU A 597 -42.46 -6.66 -18.33
N PRO A 598 -42.75 -5.46 -18.81
CA PRO A 598 -43.69 -4.59 -18.10
C PRO A 598 -45.12 -5.07 -18.24
N CYS A 599 -45.90 -4.79 -17.20
CA CYS A 599 -47.34 -5.07 -17.18
C CYS A 599 -47.63 -6.54 -17.41
N THR A 600 -46.82 -7.39 -16.77
CA THR A 600 -47.09 -8.81 -16.60
C THR A 600 -47.12 -9.12 -15.13
N GLU A 601 -47.87 -10.16 -14.75
CA GLU A 601 -47.94 -10.54 -13.35
C GLU A 601 -46.59 -10.97 -12.82
N GLY A 602 -45.69 -11.42 -13.68
CA GLY A 602 -44.35 -11.74 -13.22
C GLY A 602 -43.62 -10.53 -12.69
N THR A 603 -43.77 -9.40 -13.36
CA THR A 603 -43.13 -8.18 -12.89
C THR A 603 -43.82 -7.65 -11.64
N THR A 604 -45.13 -7.83 -11.54
CA THR A 604 -45.83 -7.48 -10.31
C THR A 604 -45.31 -8.29 -9.13
N ARG A 605 -45.10 -9.59 -9.33
CA ARG A 605 -44.52 -10.42 -8.29
C ARG A 605 -43.06 -10.10 -8.03
N ALA A 606 -42.36 -9.56 -9.02
CA ALA A 606 -40.99 -9.13 -8.82
C ALA A 606 -40.93 -7.84 -8.02
N LEU A 607 -41.84 -6.92 -8.29
CA LEU A 607 -41.91 -5.65 -7.58
C LEU A 607 -42.56 -5.77 -6.23
N ARG A 608 -42.87 -6.99 -5.79
CA ARG A 608 -43.49 -7.26 -4.50
C ARG A 608 -44.75 -6.44 -4.30
N LEU A 609 -45.67 -6.57 -5.24
CA LEU A 609 -46.91 -5.83 -5.27
C LEU A 609 -48.09 -6.80 -5.23
N PRO A 610 -49.25 -6.34 -4.79
CA PRO A 610 -50.41 -7.21 -4.76
C PRO A 610 -50.87 -7.55 -6.17
N PRO A 611 -51.57 -8.67 -6.35
CA PRO A 611 -52.04 -9.03 -7.70
C PRO A 611 -53.04 -8.06 -8.28
N THR A 612 -53.61 -7.16 -7.48
CA THR A 612 -54.55 -6.17 -7.97
C THR A 612 -53.82 -4.86 -8.22
N THR A 613 -52.87 -4.93 -9.15
CA THR A 613 -52.04 -3.79 -9.51
C THR A 613 -52.17 -3.55 -11.00
N THR A 614 -52.45 -2.31 -11.38
CA THR A 614 -52.65 -1.98 -12.78
C THR A 614 -51.32 -1.70 -13.47
N CYS A 615 -51.34 -1.83 -14.80
CA CYS A 615 -50.19 -1.50 -15.62
C CYS A 615 -49.70 -0.08 -15.34
N GLN A 616 -50.61 0.84 -15.02
CA GLN A 616 -50.21 2.21 -14.69
C GLN A 616 -49.41 2.25 -13.40
N GLN A 617 -49.78 1.42 -12.43
CA GLN A 617 -49.02 1.37 -11.19
C GLN A 617 -47.62 0.83 -11.44
N GLN A 618 -47.50 -0.20 -12.29
CA GLN A 618 -46.19 -0.66 -12.69
C GLN A 618 -45.40 0.43 -13.38
N LYS A 619 -46.08 1.29 -14.16
CA LYS A 619 -45.39 2.38 -14.82
C LYS A 619 -44.84 3.36 -13.80
N GLU A 620 -45.68 3.82 -12.88
CA GLU A 620 -45.26 4.80 -11.89
C GLU A 620 -44.34 4.21 -10.83
N GLU A 621 -44.16 2.90 -10.80
CA GLU A 621 -43.14 2.30 -9.96
C GLU A 621 -41.83 2.06 -10.69
N LEU A 622 -41.87 1.75 -11.98
CA LEU A 622 -40.66 1.51 -12.75
C LEU A 622 -40.18 2.76 -13.44
N LEU A 623 -41.10 3.55 -14.01
CA LEU A 623 -40.75 4.76 -14.74
C LEU A 623 -41.51 5.94 -14.15
N PRO A 624 -41.05 6.47 -13.03
CA PRO A 624 -41.62 7.71 -12.50
C PRO A 624 -41.00 8.91 -13.19
N ALA A 625 -41.54 10.09 -12.86
CA ALA A 625 -41.02 11.35 -13.37
C ALA A 625 -39.80 11.75 -12.52
N GLN A 626 -38.69 11.09 -12.80
CA GLN A 626 -37.50 11.20 -12.00
C GLN A 626 -36.30 10.98 -12.89
N ASP A 627 -35.18 10.63 -12.29
CA ASP A 627 -33.94 10.35 -13.00
C ASP A 627 -33.59 8.88 -12.82
N ILE A 628 -34.57 8.02 -13.11
CA ILE A 628 -34.53 6.58 -12.90
C ILE A 628 -33.19 5.97 -13.26
N LYS A 629 -32.62 5.19 -12.35
CA LYS A 629 -31.33 4.53 -12.54
C LYS A 629 -31.57 3.21 -13.27
N ALA A 630 -31.23 3.19 -14.55
CA ALA A 630 -31.34 2.00 -15.38
C ALA A 630 -29.96 1.41 -15.60
N LEU A 631 -29.88 0.41 -16.48
CA LEU A 631 -28.61 -0.16 -16.86
C LEU A 631 -28.78 -0.90 -18.17
N PHE A 632 -27.65 -1.27 -18.76
CA PHE A 632 -27.63 -2.10 -19.96
C PHE A 632 -26.31 -2.87 -19.96
N VAL A 633 -26.14 -3.71 -20.98
CA VAL A 633 -24.97 -4.57 -21.09
C VAL A 633 -24.26 -4.25 -22.40
N SER A 634 -22.93 -4.29 -22.37
CA SER A 634 -22.12 -3.87 -23.49
C SER A 634 -21.08 -4.93 -23.83
N GLU A 635 -20.80 -5.07 -25.13
CA GLU A 635 -19.72 -5.91 -25.62
C GLU A 635 -18.41 -5.15 -25.46
N GLU A 636 -17.47 -5.73 -24.73
CA GLU A 636 -16.13 -5.16 -24.57
C GLU A 636 -15.14 -6.31 -24.67
N GLU A 637 -14.55 -6.47 -25.85
CA GLU A 637 -13.56 -7.51 -26.12
C GLU A 637 -14.04 -8.88 -25.64
N LYS A 638 -15.14 -9.33 -26.26
CA LYS A 638 -15.77 -10.62 -25.98
C LYS A 638 -16.32 -10.71 -24.55
N LYS A 639 -16.32 -9.62 -23.80
CA LYS A 639 -16.78 -9.62 -22.43
C LYS A 639 -18.07 -8.83 -22.29
N LEU A 640 -18.90 -9.25 -21.35
CA LEU A 640 -20.19 -8.60 -21.09
C LEU A 640 -20.03 -7.72 -19.86
N THR A 641 -20.14 -6.41 -20.05
CA THR A 641 -20.02 -5.48 -18.94
C THR A 641 -21.34 -4.75 -18.70
N ARG A 642 -21.68 -4.57 -17.44
CA ARG A 642 -22.89 -3.86 -17.06
C ARG A 642 -22.59 -2.38 -16.96
N LYS A 643 -23.13 -1.60 -17.89
CA LYS A 643 -23.01 -0.15 -17.85
C LYS A 643 -24.26 0.44 -17.22
N GLU A 644 -24.06 1.38 -16.31
CA GLU A 644 -25.12 1.89 -15.46
C GLU A 644 -25.44 3.31 -15.87
N VAL A 645 -26.69 3.55 -16.27
CA VAL A 645 -27.09 4.86 -16.76
C VAL A 645 -28.31 5.36 -16.01
N TYR A 646 -28.80 6.53 -16.39
CA TYR A 646 -29.95 7.16 -15.77
C TYR A 646 -30.89 7.67 -16.85
N ILE A 647 -32.19 7.45 -16.66
CA ILE A 647 -33.20 7.86 -17.62
C ILE A 647 -33.75 9.22 -17.22
N LYS A 648 -33.53 10.22 -18.06
CA LYS A 648 -34.01 11.57 -17.80
C LYS A 648 -35.49 11.64 -18.12
N ASN A 649 -36.32 11.42 -17.12
CA ASN A 649 -37.77 11.44 -17.31
C ASN A 649 -38.48 12.47 -16.44
N GLY A 650 -37.74 13.23 -15.66
CA GLY A 650 -38.37 14.25 -14.83
C GLY A 650 -38.29 15.63 -15.44
N ASP A 651 -37.43 16.47 -14.88
CA ASP A 651 -37.27 17.83 -15.35
C ASP A 651 -36.19 17.98 -16.41
N LYS A 652 -35.40 16.94 -16.65
CA LYS A 652 -34.35 16.99 -17.66
C LYS A 652 -34.74 16.32 -18.96
N LYS A 653 -35.97 15.83 -19.07
CA LYS A 653 -36.38 15.07 -20.24
C LYS A 653 -36.31 15.91 -21.51
N GLY A 654 -36.85 17.13 -21.46
CA GLY A 654 -36.79 17.99 -22.63
C GLY A 654 -35.37 18.38 -22.98
N SER A 655 -34.51 18.57 -21.97
CA SER A 655 -33.12 18.88 -22.23
C SER A 655 -32.42 17.72 -22.91
N CYS A 656 -32.81 16.49 -22.58
CA CYS A 656 -32.24 15.32 -23.24
C CYS A 656 -32.72 15.26 -24.69
N GLU A 657 -34.03 15.35 -24.91
CA GLU A 657 -34.57 15.28 -26.26
C GLU A 657 -34.08 16.43 -27.13
N ARG A 658 -33.71 17.56 -26.53
CA ARG A 658 -33.26 18.70 -27.31
C ARG A 658 -31.94 18.44 -28.00
N ASP A 659 -31.10 17.59 -27.41
CA ASP A 659 -29.79 17.32 -27.97
C ASP A 659 -29.83 16.34 -29.12
N ALA A 660 -31.02 16.10 -29.68
CA ALA A 660 -31.16 15.23 -30.84
C ALA A 660 -30.84 15.94 -32.14
N GLN A 661 -30.55 17.23 -32.11
CA GLN A 661 -30.21 17.97 -33.32
C GLN A 661 -28.74 17.85 -33.68
N TYR A 662 -27.92 17.31 -32.79
CA TYR A 662 -26.53 17.01 -33.12
C TYR A 662 -26.38 15.67 -33.81
N ALA A 663 -27.47 15.02 -34.12
CA ALA A 663 -27.59 13.71 -34.72
C ALA A 663 -27.57 13.81 -36.24
N PRO A 664 -27.10 12.78 -36.92
CA PRO A 664 -26.98 12.85 -38.38
C PRO A 664 -28.33 13.04 -39.05
N GLY A 665 -28.37 14.00 -39.97
CA GLY A 665 -29.59 14.30 -40.68
C GLY A 665 -30.65 15.00 -39.86
N TYR A 666 -30.34 15.40 -38.63
CA TYR A 666 -31.32 16.05 -37.77
C TYR A 666 -30.96 17.49 -37.45
N ASP A 667 -29.95 18.06 -38.10
CA ASP A 667 -29.51 19.40 -37.72
C ASP A 667 -30.41 20.50 -38.24
N LYS A 668 -31.35 20.19 -39.12
CA LYS A 668 -32.21 21.21 -39.71
C LYS A 668 -33.69 20.88 -39.52
N VAL A 669 -34.01 19.97 -38.61
CA VAL A 669 -35.42 19.63 -38.36
C VAL A 669 -36.04 20.71 -37.49
N LYS A 670 -37.19 21.23 -37.94
CA LYS A 670 -37.82 22.32 -37.21
C LYS A 670 -38.31 21.85 -35.85
N ASP A 671 -39.21 20.86 -35.85
CA ASP A 671 -39.78 20.33 -34.63
C ASP A 671 -39.04 19.06 -34.24
N ILE A 672 -38.41 19.08 -33.07
CA ILE A 672 -37.66 17.92 -32.60
C ILE A 672 -38.58 16.79 -32.15
N SER A 673 -39.84 17.07 -31.91
CA SER A 673 -40.81 16.05 -31.56
C SER A 673 -41.27 15.25 -32.76
N GLU A 674 -40.75 15.55 -33.94
CA GLU A 674 -40.98 14.75 -35.13
C GLU A 674 -39.99 13.61 -35.26
N VAL A 675 -38.94 13.61 -34.46
CA VAL A 675 -37.97 12.53 -34.46
C VAL A 675 -37.83 11.88 -33.10
N VAL A 676 -38.16 12.56 -32.01
CA VAL A 676 -38.13 12.01 -30.68
C VAL A 676 -39.57 11.95 -30.20
N THR A 677 -40.20 10.81 -30.39
CA THR A 677 -41.62 10.61 -30.18
C THR A 677 -41.89 10.11 -28.77
N PRO A 678 -43.16 10.11 -28.33
CA PRO A 678 -43.45 9.67 -26.95
C PRO A 678 -43.08 8.22 -26.68
N ARG A 679 -42.59 7.52 -27.69
CA ARG A 679 -42.16 6.14 -27.57
C ARG A 679 -40.69 6.03 -27.21
N PHE A 680 -40.12 7.06 -26.61
CA PHE A 680 -38.68 7.12 -26.39
C PHE A 680 -38.35 7.54 -24.98
N LEU A 681 -37.37 6.86 -24.40
CA LEU A 681 -36.70 7.26 -23.19
C LEU A 681 -35.29 7.71 -23.54
N CYS A 682 -34.76 8.67 -22.79
CA CYS A 682 -33.47 9.28 -23.08
C CYS A 682 -32.52 9.04 -21.93
N THR A 683 -31.31 8.58 -22.24
CA THR A 683 -30.24 8.50 -21.28
C THR A 683 -29.02 9.20 -21.84
N GLY A 684 -28.00 9.33 -21.01
CA GLY A 684 -26.75 9.95 -21.43
C GLY A 684 -26.62 11.36 -20.89
N GLY A 685 -25.47 11.94 -21.18
CA GLY A 685 -25.20 13.30 -20.75
C GLY A 685 -24.24 13.35 -19.58
N VAL A 686 -24.17 14.55 -18.99
CA VAL A 686 -23.24 14.82 -17.90
C VAL A 686 -24.02 15.40 -16.73
N SER A 687 -25.32 15.18 -16.70
CA SER A 687 -26.16 15.67 -15.65
C SER A 687 -27.27 14.67 -15.41
N PRO A 688 -27.47 14.21 -14.18
CA PRO A 688 -26.74 14.62 -12.99
C PRO A 688 -25.44 13.88 -12.81
N TYR A 689 -25.17 12.91 -13.70
CA TYR A 689 -23.98 12.11 -13.61
C TYR A 689 -23.42 11.89 -15.00
N ALA A 690 -22.17 11.43 -15.04
CA ALA A 690 -21.50 11.12 -16.28
C ALA A 690 -21.94 9.74 -16.75
N ASP A 691 -22.99 9.71 -17.55
CA ASP A 691 -23.52 8.46 -18.05
C ASP A 691 -22.56 7.86 -19.08
N PRO A 692 -22.42 6.54 -19.10
CA PRO A 692 -21.73 5.89 -20.21
C PRO A 692 -22.64 5.78 -21.42
N ASN A 693 -22.03 5.72 -22.59
CA ASN A 693 -22.80 5.68 -23.81
C ASN A 693 -22.86 4.26 -24.37
N THR A 694 -23.70 4.07 -25.37
CA THR A 694 -23.90 2.78 -25.99
C THR A 694 -22.99 2.61 -27.19
N CYS A 695 -22.77 1.36 -27.56
CA CYS A 695 -21.97 1.02 -28.72
C CYS A 695 -22.85 0.74 -29.93
N ARG A 696 -22.22 0.70 -31.10
CA ARG A 696 -22.92 0.27 -32.29
C ARG A 696 -23.46 -1.15 -32.14
N GLY A 697 -22.72 -1.99 -31.41
CA GLY A 697 -23.13 -3.35 -31.16
C GLY A 697 -24.06 -3.53 -29.99
N ASP A 698 -24.18 -2.52 -29.14
CA ASP A 698 -25.15 -2.56 -28.04
C ASP A 698 -26.55 -2.24 -28.50
N SER A 699 -26.76 -2.02 -29.79
CA SER A 699 -28.08 -1.70 -30.30
C SER A 699 -29.00 -2.90 -30.16
N GLY A 700 -30.25 -2.62 -29.81
CA GLY A 700 -31.25 -3.65 -29.64
C GLY A 700 -31.27 -4.31 -28.28
N GLY A 701 -30.23 -4.13 -27.49
CA GLY A 701 -30.16 -4.72 -26.18
C GLY A 701 -31.19 -4.15 -25.24
N PRO A 702 -31.50 -4.88 -24.18
CA PRO A 702 -32.52 -4.40 -23.24
C PRO A 702 -32.00 -3.28 -22.37
N LEU A 703 -32.88 -2.33 -22.09
CA LEU A 703 -32.63 -1.28 -21.11
C LEU A 703 -33.31 -1.70 -19.82
N ILE A 704 -32.52 -2.09 -18.84
CA ILE A 704 -33.00 -2.81 -17.66
C ILE A 704 -33.05 -1.88 -16.47
N VAL A 705 -34.04 -2.10 -15.61
CA VAL A 705 -34.18 -1.45 -14.32
C VAL A 705 -34.02 -2.52 -13.26
N HIS A 706 -33.18 -2.24 -12.27
CA HIS A 706 -32.82 -3.19 -11.23
C HIS A 706 -33.59 -2.79 -9.97
N LYS A 707 -34.65 -3.54 -9.66
CA LYS A 707 -35.48 -3.21 -8.52
C LYS A 707 -35.89 -4.49 -7.79
N ARG A 708 -35.90 -4.39 -6.46
CA ARG A 708 -36.19 -5.50 -5.57
C ARG A 708 -35.44 -6.76 -5.99
N SER A 709 -34.16 -6.57 -6.30
CA SER A 709 -33.23 -7.64 -6.65
C SER A 709 -33.66 -8.40 -7.90
N ARG A 710 -34.45 -7.77 -8.76
CA ARG A 710 -34.86 -8.38 -10.01
C ARG A 710 -34.64 -7.38 -11.14
N PHE A 711 -34.56 -7.90 -12.36
CA PHE A 711 -34.23 -7.13 -13.54
C PHE A 711 -35.46 -7.06 -14.45
N ILE A 712 -35.99 -5.85 -14.65
CA ILE A 712 -37.15 -5.64 -15.49
C ILE A 712 -36.72 -4.84 -16.71
N GLN A 713 -37.10 -5.31 -17.90
CA GLN A 713 -36.78 -4.59 -19.12
C GLN A 713 -37.84 -3.52 -19.36
N VAL A 714 -37.39 -2.28 -19.54
CA VAL A 714 -38.30 -1.17 -19.78
C VAL A 714 -38.08 -0.53 -21.14
N GLY A 715 -37.01 -0.84 -21.84
CA GLY A 715 -36.73 -0.22 -23.11
C GLY A 715 -35.88 -1.09 -24.01
N VAL A 716 -35.88 -0.74 -25.28
CA VAL A 716 -35.03 -1.37 -26.28
C VAL A 716 -34.11 -0.30 -26.85
N ILE A 717 -32.80 -0.53 -26.79
CA ILE A 717 -31.85 0.45 -27.28
C ILE A 717 -32.07 0.65 -28.77
N SER A 718 -32.35 1.90 -29.16
CA SER A 718 -32.70 2.21 -30.54
C SER A 718 -31.62 3.01 -31.26
N TRP A 719 -31.23 4.17 -30.76
CA TRP A 719 -30.23 4.95 -31.50
C TRP A 719 -29.49 5.88 -30.56
N GLY A 720 -28.49 6.55 -31.13
CA GLY A 720 -27.67 7.47 -30.37
C GLY A 720 -27.32 8.69 -31.20
N VAL A 721 -27.04 9.78 -30.50
CA VAL A 721 -26.76 11.05 -31.18
C VAL A 721 -25.40 11.00 -31.85
N VAL A 722 -24.39 10.51 -31.14
CA VAL A 722 -23.03 10.41 -31.67
C VAL A 722 -22.50 9.02 -31.35
N ASP A 723 -21.64 8.51 -32.22
CA ASP A 723 -21.08 7.16 -32.06
C ASP A 723 -19.61 7.27 -31.69
N VAL A 724 -19.30 7.17 -30.40
CA VAL A 724 -17.93 7.31 -29.93
C VAL A 724 -17.57 6.21 -28.95
N CYS A 725 -18.25 5.07 -29.02
CA CYS A 725 -18.39 4.23 -27.84
C CYS A 725 -17.06 3.70 -27.31
N LYS A 726 -16.23 3.13 -28.19
CA LYS A 726 -14.99 2.49 -27.72
C LYS A 726 -13.99 3.56 -27.29
N ASN A 727 -14.34 4.17 -26.17
CA ASN A 727 -13.54 5.22 -25.61
C ASN A 727 -13.30 4.92 -24.14
N GLN A 733 -12.21 12.41 -24.06
CA GLN A 733 -13.10 13.56 -23.94
C GLN A 733 -14.32 13.20 -24.75
N VAL A 734 -15.50 13.46 -24.23
CA VAL A 734 -16.71 13.01 -24.92
C VAL A 734 -17.79 14.07 -24.75
N PRO A 735 -18.53 14.42 -25.80
CA PRO A 735 -19.44 15.56 -25.73
C PRO A 735 -20.58 15.37 -24.74
N ALA A 736 -21.15 16.48 -24.32
CA ALA A 736 -22.25 16.48 -23.37
C ALA A 736 -23.61 16.34 -24.04
N HIS A 737 -23.67 16.42 -25.36
CA HIS A 737 -24.88 16.15 -26.12
C HIS A 737 -24.96 14.71 -26.57
N ALA A 738 -24.04 13.87 -26.12
CA ALA A 738 -24.02 12.46 -26.50
C ALA A 738 -25.08 11.73 -25.70
N ARG A 739 -26.30 11.71 -26.23
CA ARG A 739 -27.42 11.03 -25.61
C ARG A 739 -27.74 9.76 -26.39
N ASP A 740 -28.54 8.90 -25.77
CA ASP A 740 -29.02 7.68 -26.37
C ASP A 740 -30.52 7.59 -26.16
N PHE A 741 -31.23 7.11 -27.17
CA PHE A 741 -32.67 6.99 -27.13
C PHE A 741 -33.08 5.54 -27.28
N HIS A 742 -34.04 5.14 -26.47
CA HIS A 742 -34.52 3.77 -26.38
C HIS A 742 -36.04 3.76 -26.52
N ILE A 743 -36.58 2.64 -26.99
CA ILE A 743 -38.00 2.53 -27.19
C ILE A 743 -38.66 2.14 -25.87
N ASN A 744 -39.57 2.97 -25.38
CA ASN A 744 -40.29 2.66 -24.15
C ASN A 744 -41.20 1.47 -24.39
N LEU A 745 -40.97 0.38 -23.65
CA LEU A 745 -41.77 -0.81 -23.84
C LEU A 745 -43.18 -0.67 -23.33
N PHE A 746 -43.47 0.39 -22.56
CA PHE A 746 -44.84 0.64 -22.14
C PHE A 746 -45.70 1.22 -23.26
N GLN A 747 -45.07 1.75 -24.28
CA GLN A 747 -45.80 2.37 -25.38
C GLN A 747 -46.06 1.42 -26.54
N VAL A 748 -45.42 0.26 -26.54
CA VAL A 748 -45.61 -0.73 -27.60
C VAL A 748 -46.23 -1.97 -26.99
N LEU A 749 -47.02 -1.78 -25.94
CA LEU A 749 -47.58 -2.88 -25.17
C LEU A 749 -48.66 -3.67 -25.89
N PRO A 750 -49.59 -3.05 -26.63
CA PRO A 750 -50.58 -3.86 -27.35
C PRO A 750 -49.95 -4.84 -28.32
N TRP A 751 -48.90 -4.42 -29.01
CA TRP A 751 -48.22 -5.32 -29.94
C TRP A 751 -47.59 -6.48 -29.21
N LEU A 752 -46.90 -6.21 -28.10
CA LEU A 752 -46.29 -7.27 -27.31
C LEU A 752 -47.33 -8.25 -26.81
N LYS A 753 -48.44 -7.73 -26.28
CA LYS A 753 -49.51 -8.58 -25.77
C LYS A 753 -50.10 -9.45 -26.87
N GLU A 754 -50.33 -8.86 -28.04
CA GLU A 754 -50.92 -9.61 -29.15
C GLU A 754 -49.97 -10.69 -29.65
N LYS A 755 -48.67 -10.41 -29.66
CA LYS A 755 -47.72 -11.35 -30.25
C LYS A 755 -47.24 -12.40 -29.27
N LEU A 756 -47.31 -12.14 -27.97
CA LEU A 756 -46.86 -13.09 -26.96
C LEU A 756 -48.00 -13.66 -26.13
N GLN A 757 -49.22 -13.63 -26.67
CA GLN A 757 -50.38 -14.05 -25.90
C GLN A 757 -50.32 -15.51 -25.48
N ASP A 758 -49.49 -16.31 -26.13
CA ASP A 758 -49.41 -17.74 -25.88
C ASP A 758 -48.04 -18.14 -25.37
N GLU A 759 -47.44 -17.32 -24.51
CA GLU A 759 -46.14 -17.62 -23.94
C GLU A 759 -46.19 -17.69 -22.42
N ASP A 760 -47.37 -17.74 -21.83
CA ASP A 760 -47.55 -17.90 -20.39
C ASP A 760 -46.92 -16.76 -19.61
N LEU A 761 -46.94 -15.55 -20.15
CA LEU A 761 -46.40 -14.41 -19.44
C LEU A 761 -47.43 -13.71 -18.57
N GLY A 762 -48.71 -14.08 -18.69
CA GLY A 762 -49.74 -13.53 -17.84
C GLY A 762 -49.83 -12.03 -17.90
N PHE A 763 -49.92 -11.50 -19.12
CA PHE A 763 -49.95 -10.06 -19.30
C PHE A 763 -51.11 -9.46 -18.54
N LEU A 764 -50.89 -8.26 -18.00
CA LEU A 764 -51.91 -7.55 -17.24
C LEU A 764 -52.90 -6.93 -18.21
P OMG B 1 19.51 27.79 30.62
OP1 OMG B 1 19.74 29.08 29.85
OP2 OMG B 1 19.50 27.75 32.15
O5' OMG B 1 18.17 27.08 30.10
C5' OMG B 1 18.01 26.65 28.73
C4' OMG B 1 16.58 26.27 28.37
O4' OMG B 1 15.89 27.43 27.79
C3' OMG B 1 16.41 25.15 27.32
O3' OMG B 1 15.18 24.41 27.51
C2' OMG B 1 16.28 25.98 26.04
O2' OMG B 1 15.80 25.30 24.87
CM2 OMG B 1 14.45 25.00 24.65
C1' OMG B 1 15.33 27.02 26.56
N9 OMG B 1 14.91 28.13 25.72
C8 OMG B 1 14.78 29.16 26.57
N7 OMG B 1 14.29 30.19 25.87
C5 OMG B 1 14.08 29.77 24.62
C6 OMG B 1 13.54 30.49 23.38
O6 OMG B 1 13.26 31.64 23.52
N1 OMG B 1 13.41 29.80 22.12
C2 OMG B 1 13.79 28.41 22.02
N2 OMG B 1 13.65 27.72 20.76
N3 OMG B 1 14.32 27.72 23.21
C4 OMG B 1 14.44 28.44 24.52
N1 OMC B 2 11.01 27.65 26.12
C2 OMC B 2 10.66 28.83 25.31
N3 OMC B 2 10.55 28.62 23.85
C4 OMC B 2 10.72 27.34 23.16
C5 OMC B 2 11.07 26.14 23.95
C6 OMC B 2 11.20 26.34 25.43
O2 OMC B 2 10.49 29.89 25.78
N4 OMC B 2 10.56 27.33 21.68
C1' OMC B 2 11.11 27.92 27.57
C2' OMC B 2 9.83 27.61 28.31
O2' OMC B 2 9.61 28.57 29.35
CM2 OMC B 2 10.62 28.88 30.30
C3' OMC B 2 10.06 26.19 28.85
C4' OMC B 2 11.59 25.94 28.75
O4' OMC B 2 12.13 27.14 28.14
O3' OMC B 2 9.50 26.01 30.14
C5' OMC B 2 12.04 24.73 27.94
O5' OMC B 2 12.91 23.83 28.62
P OMC B 2 14.45 24.17 28.94
OP1 OMC B 2 14.40 25.42 29.79
OP2 OMC B 2 14.89 22.85 29.54
C2 85Y B 3 6.47 26.75 23.53
C20 85Y B 3 9.09 23.61 25.64
C24 85Y B 3 9.44 20.87 23.93
C30 85Y B 3 7.66 20.55 20.69
C33 85Y B 3 6.10 18.94 22.37
C4 85Y B 3 8.02 25.00 23.41
C5 85Y B 3 8.12 24.77 25.02
C23 85Y B 3 10.51 21.54 24.76
C25 85Y B 3 9.10 21.06 22.59
C26 85Y B 3 7.99 20.40 22.07
O4 85Y B 3 8.70 24.32 22.73
N3 85Y B 3 7.30 25.89 22.78
O2 85Y B 3 5.81 27.54 23.04
C6 85Y B 3 7.32 25.56 25.80
N1 85Y B 3 6.45 26.64 25.06
C1' 85Y B 3 5.53 27.54 25.72
O4' 85Y B 3 6.14 28.26 27.02
C2' 85Y B 3 4.57 26.80 26.17
C3' 85Y B 3 4.09 27.52 27.41
O3' 85Y B 3 3.29 28.56 27.03
C4' 85Y B 3 5.45 27.90 28.02
C5' 85Y B 3 6.09 26.60 28.64
O5' 85Y B 3 7.15 26.85 29.59
P 85Y B 3 7.97 25.56 30.22
OP2 85Y B 3 7.92 24.32 29.30
O21 85Y B 3 9.34 23.47 26.81
N22 85Y B 3 9.67 22.74 24.64
C27 85Y B 3 7.21 19.59 22.91
C28 85Y B 3 7.54 19.44 24.28
C29 85Y B 3 8.66 20.11 24.79
C31 85Y B 3 6.57 19.91 20.16
C32 85Y B 3 5.80 19.10 21.00
OP1 85Y B 3 7.56 25.17 31.69
P OMG B 4 2.63 29.55 28.12
OP1 OMG B 4 2.69 30.97 27.61
OP2 OMG B 4 3.22 29.34 29.49
O5' OMG B 4 1.10 29.15 28.11
C5' OMG B 4 0.69 27.81 28.27
C4' OMG B 4 -0.69 27.75 28.85
O4' OMG B 4 -0.73 26.54 29.62
C3' OMG B 4 -1.05 28.88 29.83
O3' OMG B 4 -2.48 28.94 30.00
C2' OMG B 4 -0.45 28.34 31.13
O2' OMG B 4 -0.97 28.96 32.30
CM2 OMG B 4 -1.37 28.15 33.39
C1' OMG B 4 -0.84 26.86 31.00
N9 OMG B 4 -0.01 25.87 31.71
C8 OMG B 4 1.27 26.18 31.59
N7 OMG B 4 1.91 25.18 32.23
C5 OMG B 4 1.02 24.30 32.68
C6 OMG B 4 1.16 23.02 33.47
O6 OMG B 4 2.25 22.66 33.77
N1 OMG B 4 0.01 22.26 33.82
C2 OMG B 4 -1.30 22.70 33.44
N2 OMG B 4 -2.47 21.94 33.81
N3 OMG B 4 -1.43 23.94 32.72
C4 OMG B 4 -0.20 24.72 32.34
C2 85Y B 9 -11.16 15.20 7.06
C20 85Y B 9 -6.59 15.23 6.91
C24 85Y B 9 -5.13 12.63 4.99
C30 85Y B 9 -7.81 10.17 4.22
C33 85Y B 9 -6.22 9.97 1.97
C4 85Y B 9 -9.15 14.03 6.77
C5 85Y B 9 -8.20 15.32 7.05
C23 85Y B 9 -4.70 13.63 6.04
C25 85Y B 9 -6.28 11.84 5.08
C26 85Y B 9 -6.64 10.96 4.06
O4 85Y B 9 -8.63 13.01 6.57
N3 85Y B 9 -10.45 14.00 6.81
O2 85Y B 9 -12.29 15.21 7.09
C6 85Y B 9 -8.79 16.52 7.28
N1 85Y B 9 -10.36 16.50 7.32
C1' 85Y B 9 -11.06 17.74 7.61
O4' 85Y B 9 -9.92 18.81 8.04
C2' 85Y B 9 -11.85 17.60 8.66
C3' 85Y B 9 -11.70 18.93 9.39
O3' 85Y B 9 -12.34 19.98 8.80
C4' 85Y B 9 -10.19 19.10 9.25
C5' 85Y B 9 -9.57 18.01 10.15
O5' 85Y B 9 -8.49 18.62 10.86
P 85Y B 9 -7.00 18.82 10.21
OP2 85Y B 9 -6.99 19.71 8.97
O21 85Y B 9 -5.88 16.12 7.18
N22 85Y B 9 -6.08 14.02 6.37
C27 85Y B 9 -5.82 10.87 2.96
C28 85Y B 9 -4.65 11.70 2.85
C29 85Y B 9 -4.31 12.59 3.88
C31 85Y B 9 -8.20 9.29 3.25
C32 85Y B 9 -7.39 9.20 2.12
OP1 85Y B 9 -6.09 17.55 10.09
C2 85Y B 15 -1.92 23.13 27.72
C20 85Y B 15 -4.24 25.08 31.06
C24 85Y B 15 -5.05 28.00 33.02
C30 85Y B 15 -5.86 30.73 35.45
C33 85Y B 15 -5.73 28.50 37.14
C4 85Y B 15 -3.14 24.95 28.48
C5 85Y B 15 -3.41 24.26 29.95
C23 85Y B 15 -4.86 27.68 31.52
C25 85Y B 15 -5.35 29.27 33.55
C26 85Y B 15 -5.57 29.43 34.94
O4 85Y B 15 -3.59 26.04 28.21
N3 85Y B 15 -2.48 24.40 27.51
O2 85Y B 15 -1.33 22.64 26.88
C6 85Y B 15 -2.87 23.05 30.24
N1 85Y B 15 -2.08 22.39 29.06
C1' 85Y B 15 -1.43 21.11 29.18
O4' 85Y B 15 -2.35 19.97 29.82
C2' 85Y B 15 -0.40 21.19 29.99
C3' 85Y B 15 -0.46 19.99 30.91
O3' 85Y B 15 0.80 19.42 31.00
C4' 85Y B 15 -1.47 19.10 30.14
C5' 85Y B 15 -2.15 18.05 31.02
O5' 85Y B 15 -3.02 18.88 31.75
P 85Y B 15 -4.21 18.08 32.50
OP2 85Y B 15 -3.63 17.54 33.82
O21 85Y B 15 -4.72 24.53 31.98
N22 85Y B 15 -4.27 26.51 30.84
C27 85Y B 15 -5.50 28.33 35.76
C28 85Y B 15 -5.20 27.03 35.21
C29 85Y B 15 -4.98 26.87 33.84
C31 85Y B 15 -6.07 30.90 36.80
C32 85Y B 15 -6.01 29.79 37.64
OP1 85Y B 15 -4.72 16.91 31.61
P OMG B 17 2.42 13.22 27.52
OP1 OMG B 17 2.02 11.80 27.18
OP2 OMG B 17 2.69 13.55 29.00
O5' OMG B 17 3.68 13.64 26.64
C5' OMG B 17 3.90 13.06 25.38
C4' OMG B 17 3.64 14.03 24.27
O4' OMG B 17 4.62 15.09 24.32
C3' OMG B 17 3.71 13.44 22.86
O3' OMG B 17 2.78 14.08 22.02
C2' OMG B 17 5.10 13.85 22.40
O2' OMG B 17 5.27 13.86 20.98
CM2 OMG B 17 4.93 15.05 20.30
C1' OMG B 17 5.22 15.23 23.05
N9 OMG B 17 6.60 15.73 23.19
C8 OMG B 17 7.03 15.66 24.48
N7 OMG B 17 8.30 16.12 24.52
C5 OMG B 17 8.62 16.48 23.28
C6 OMG B 17 9.91 17.08 22.68
O6 OMG B 17 10.83 17.30 23.39
N1 OMG B 17 9.97 17.36 21.27
C2 OMG B 17 8.85 17.09 20.40
N2 OMG B 17 8.95 17.39 18.98
N3 OMG B 17 7.63 16.52 20.97
C4 OMG B 17 7.57 16.22 22.43
P OMG B 18 1.38 13.42 21.66
OP1 OMG B 18 1.60 11.98 21.20
OP2 OMG B 18 0.89 14.46 20.67
O5' OMG B 18 0.60 13.44 23.06
C5' OMG B 18 0.29 12.22 23.73
C4' OMG B 18 -1.12 12.18 24.32
O4' OMG B 18 -1.52 13.47 24.81
C3' OMG B 18 -2.26 11.76 23.40
O3' OMG B 18 -2.35 10.36 23.17
C2' OMG B 18 -3.48 12.32 24.11
O2' OMG B 18 -3.97 11.43 25.12
CM2 OMG B 18 -4.59 12.04 26.25
C1' OMG B 18 -2.91 13.58 24.78
N9 OMG B 18 -3.32 14.80 24.06
C8 OMG B 18 -2.37 15.39 23.31
N7 OMG B 18 -2.90 16.49 22.73
C5 OMG B 18 -4.18 16.53 23.14
C6 OMG B 18 -5.34 17.48 22.88
O6 OMG B 18 -5.17 18.41 22.17
N1 OMG B 18 -6.62 17.22 23.49
C2 OMG B 18 -6.83 16.10 24.35
N2 OMG B 18 -8.10 15.83 24.99
N3 OMG B 18 -5.73 15.21 24.60
C4 OMG B 18 -4.42 15.48 23.96
C2 85Y B 21 -18.30 6.81 12.72
C20 85Y B 21 -18.86 11.28 13.75
C24 85Y B 21 -19.37 13.81 12.03
C30 85Y B 21 -16.02 15.09 10.84
C33 85Y B 21 -17.07 14.07 8.48
C4 85Y B 21 -19.84 8.61 13.03
C5 85Y B 21 -18.66 9.71 13.44
C23 85Y B 21 -20.36 13.47 13.16
C25 85Y B 21 -18.08 14.38 12.02
C26 85Y B 21 -17.31 14.48 10.82
O4 85Y B 21 -20.99 8.97 13.02
N3 85Y B 21 -19.63 7.33 12.73
O2 85Y B 21 -18.05 5.73 12.46
C6 85Y B 21 -17.36 9.27 13.42
N1 85Y B 21 -17.14 7.74 13.07
C1' 85Y B 21 -15.83 7.15 12.99
O4' 85Y B 21 -15.07 7.31 14.39
C2' 85Y B 21 -15.10 7.81 12.13
C3' 85Y B 21 -13.69 7.50 12.54
O3' 85Y B 21 -13.42 6.33 11.92
C4' 85Y B 21 -13.83 7.24 14.08
C5' 85Y B 21 -12.95 8.19 14.98
O5' 85Y B 21 -13.49 9.52 15.04
P 85Y B 21 -13.71 10.31 16.47
OP2 85Y B 21 -14.14 9.43 17.66
O21 85Y B 21 -18.04 11.82 14.41
N22 85Y B 21 -20.00 12.00 13.17
C27 85Y B 21 -17.84 13.97 9.65
C28 85Y B 21 -19.13 13.37 9.66
C29 85Y B 21 -19.88 13.28 10.84
C31 85Y B 21 -15.27 15.19 9.68
C32 85Y B 21 -15.80 14.68 8.50
OP1 85Y B 21 -14.78 11.47 16.24
C2 85Y B 23 -6.71 13.94 9.94
C20 85Y B 23 -10.70 11.84 10.20
C24 85Y B 23 -14.39 11.18 10.00
C30 85Y B 23 -17.89 9.88 9.95
C33 85Y B 23 -16.64 8.18 8.11
C4 85Y B 23 -9.02 14.11 10.20
C5 85Y B 23 -9.25 12.50 10.00
C23 85Y B 23 -13.35 12.18 10.51
C25 85Y B 23 -15.76 11.04 10.32
C26 85Y B 23 -16.51 10.03 9.67
O4 85Y B 23 -9.97 14.80 10.37
N3 85Y B 23 -7.87 14.71 10.14
O2 85Y B 23 -5.70 14.39 9.88
C6 85Y B 23 -8.16 11.69 9.86
N1 85Y B 23 -6.76 12.43 9.79
C1' 85Y B 23 -5.47 11.79 9.57
O4' 85Y B 23 -5.26 11.30 8.03
C2' 85Y B 23 -5.25 10.74 10.33
C3' 85Y B 23 -4.35 9.81 9.51
O3' 85Y B 23 -3.00 10.14 9.56
C4' 85Y B 23 -4.81 10.07 8.06
C5' 85Y B 23 -5.87 8.97 7.71
O5' 85Y B 23 -6.76 8.85 8.84
P 85Y B 23 -7.39 7.43 9.34
OP2 85Y B 23 -8.26 7.61 10.63
O21 85Y B 23 -10.70 10.71 10.49
N22 85Y B 23 -11.94 12.59 10.17
C27 85Y B 23 -15.91 9.17 8.75
C28 85Y B 23 -14.54 9.30 8.43
C29 85Y B 23 -13.80 10.31 9.08
C31 85Y B 23 -18.60 8.88 9.32
C32 85Y B 23 -17.99 8.03 8.41
OP1 85Y B 23 -6.24 6.40 9.49
C2 85Y B 26 1.15 23.85 19.36
C20 85Y B 26 2.17 19.55 20.25
C24 85Y B 26 1.82 18.16 23.57
C30 85Y B 26 3.76 18.42 26.76
C33 85Y B 26 1.62 20.16 27.25
C4 85Y B 26 1.10 22.10 20.83
C5 85Y B 26 1.90 21.07 19.83
C23 85Y B 26 1.62 17.70 22.14
C25 85Y B 26 2.82 17.97 24.52
C26 85Y B 26 2.75 18.63 25.76
O4 85Y B 26 0.78 21.71 21.90
N3 85Y B 26 0.76 23.34 20.61
O2 85Y B 26 0.92 24.90 19.02
C6 85Y B 26 2.29 21.51 18.61
N1 85Y B 26 1.89 23.01 18.33
C1' 85Y B 26 2.15 23.79 17.14
O4' 85Y B 26 1.98 22.90 15.82
C2' 85Y B 26 3.35 24.27 17.16
C3' 85Y B 26 3.91 24.15 15.73
O3' 85Y B 26 3.68 25.28 15.00
C4' 85Y B 26 3.07 23.00 15.14
C5' 85Y B 26 3.85 21.67 15.19
O5' 85Y B 26 3.76 21.24 13.82
P 85Y B 26 3.59 19.64 13.56
OP2 85Y B 26 4.54 18.88 14.50
O21 85Y B 26 2.75 18.86 19.50
N22 85Y B 26 1.59 19.05 21.49
C27 85Y B 26 1.70 19.50 26.00
C28 85Y B 26 0.71 19.71 25.02
C29 85Y B 26 0.78 19.05 23.81
C31 85Y B 26 3.67 19.06 27.98
C32 85Y B 26 2.63 19.94 28.23
OP1 85Y B 26 3.86 19.41 12.03
C2 85Y B 27 2.04 28.75 21.47
C20 85Y B 27 4.08 24.64 21.10
C24 85Y B 27 4.01 22.67 24.21
C30 85Y B 27 5.08 23.19 27.72
C33 85Y B 27 2.38 23.96 27.85
C4 85Y B 27 2.72 26.71 22.39
C5 85Y B 27 3.46 26.13 21.05
C23 85Y B 27 4.10 22.41 22.70
C25 85Y B 27 4.86 22.72 25.35
C26 85Y B 27 4.31 23.15 26.58
O4 85Y B 27 2.76 25.99 23.32
N3 85Y B 27 2.11 27.86 22.57
O2 85Y B 27 1.51 29.75 21.58
C6 85Y B 27 3.44 26.92 19.94
N1 85Y B 27 2.71 28.32 20.13
C1' 85Y B 27 2.58 29.26 19.05
O4' 85Y B 27 2.02 28.44 17.77
C2' 85Y B 27 3.71 29.73 18.67
C3' 85Y B 27 3.45 30.13 17.22
O3' 85Y B 27 2.60 31.22 17.19
C4' 85Y B 27 2.80 28.78 16.81
C5' 85Y B 27 3.92 27.73 16.71
O5' 85Y B 27 4.32 27.72 15.33
P 85Y B 27 4.87 26.32 14.69
OP2 85Y B 27 6.24 25.85 15.28
O21 85Y B 27 4.66 24.19 20.18
N22 85Y B 27 3.77 23.84 22.27
C27 85Y B 27 2.98 23.54 26.66
C28 85Y B 27 2.16 23.49 25.51
C29 85Y B 27 2.69 23.07 24.31
C31 85Y B 27 4.49 23.60 28.91
C32 85Y B 27 3.16 23.99 29.00
OP1 85Y B 27 4.87 26.55 13.14
P OMG B 28 2.65 32.36 16.03
OP1 OMG B 28 2.38 33.68 16.73
OP2 OMG B 28 1.71 31.96 14.91
O5' OMG B 28 4.16 32.40 15.46
C5' OMG B 28 5.04 33.47 15.84
C4' OMG B 28 5.26 33.39 17.32
O4' OMG B 28 5.85 32.13 17.62
C3' OMG B 28 6.19 34.35 18.07
O3' OMG B 28 5.63 35.65 18.29
C2' OMG B 28 6.44 33.59 19.39
O2' OMG B 28 5.46 33.99 20.35
CM2 OMG B 28 5.83 34.42 21.63
C1' OMG B 28 6.14 32.14 18.97
N9 OMG B 28 7.20 31.16 19.26
C8 OMG B 28 7.77 30.48 18.25
N7 OMG B 28 8.67 29.63 18.85
C5 OMG B 28 8.56 29.84 20.17
C6 OMG B 28 9.21 29.31 21.43
O6 OMG B 28 10.05 28.47 21.32
N1 OMG B 28 8.78 29.82 22.72
C2 OMG B 28 7.76 30.83 22.91
N2 OMG B 28 7.30 31.38 24.19
N3 OMG B 28 7.17 31.31 21.70
C4 OMG B 28 7.63 30.77 20.39
N1 OMC B 29 10.24 34.15 21.92
C2 OMC B 29 10.90 33.01 22.65
N3 OMC B 29 11.43 31.86 21.88
C4 OMC B 29 11.31 31.83 20.41
C5 OMC B 29 10.65 32.95 19.69
C6 OMC B 29 10.12 34.12 20.46
O2 OMC B 29 11.01 33.04 23.82
N4 OMC B 29 11.84 30.67 19.65
C1' OMC B 29 9.71 35.31 22.67
C2' OMC B 29 10.79 36.44 22.72
O2' OMC B 29 10.58 37.26 23.77
CM2 OMC B 29 10.22 36.59 24.96
C3' OMC B 29 10.57 37.17 21.42
C4' OMC B 29 9.23 37.17 21.29
O4' OMC B 29 8.69 35.83 22.04
O3' OMC B 29 11.08 38.57 21.51
C5' OMC B 29 8.82 37.15 19.85
O5' OMC B 29 7.49 36.65 19.77
P OMC B 29 6.58 36.94 18.38
OP1 OMC B 29 5.72 38.17 18.52
OP2 OMC B 29 7.45 36.97 17.14
P T3P B 30 12.66 38.83 21.66
OP1 T3P B 30 13.02 39.98 20.74
OP2 T3P B 30 12.91 39.31 23.06
O5' T3P B 30 13.63 36.84 25.05
C5' T3P B 30 14.54 37.83 24.64
C4' T3P B 30 15.19 37.42 23.45
O4' T3P B 30 16.20 36.40 23.78
C3' T3P B 30 14.18 36.70 22.47
O3' T3P B 30 13.75 37.63 21.35
C2' T3P B 30 14.77 35.73 22.01
C1' T3P B 30 16.20 35.58 22.77
N1 T3P B 30 16.38 34.23 23.21
C2 T3P B 30 16.08 33.10 22.29
O2 T3P B 30 15.71 33.32 21.19
N3 T3P B 30 16.27 31.69 22.75
C4 T3P B 30 16.74 31.43 24.11
O4 T3P B 30 16.88 30.32 24.48
C5 T3P B 30 17.03 32.56 25.02
C5M T3P B 30 17.52 32.29 26.44
C6 T3P B 30 16.84 33.96 24.56
N GLN C 34 50.39 -7.04 -14.50
CA GLN C 34 51.82 -7.34 -14.58
C GLN C 34 52.34 -7.96 -13.29
N GLY C 35 53.62 -7.72 -13.00
CA GLY C 35 54.20 -8.24 -11.79
C GLY C 35 53.62 -7.61 -10.54
N SER C 36 53.73 -8.33 -9.43
CA SER C 36 53.18 -7.91 -8.16
C SER C 36 54.30 -7.53 -7.21
N CYS C 37 53.92 -6.85 -6.13
CA CYS C 37 54.84 -6.39 -5.11
C CYS C 37 54.61 -7.19 -3.84
N SER C 38 55.65 -7.27 -3.02
CA SER C 38 55.56 -7.96 -1.74
C SER C 38 54.93 -7.05 -0.71
N LEU C 39 54.14 -7.64 0.19
CA LEU C 39 53.42 -6.91 1.22
C LEU C 39 54.24 -6.74 2.49
N GLU C 40 55.56 -6.72 2.38
CA GLU C 40 56.46 -6.65 3.53
C GLU C 40 56.40 -5.25 4.13
N GLY C 41 55.54 -5.05 5.12
CA GLY C 41 55.49 -3.80 5.81
C GLY C 41 54.47 -2.79 5.30
N VAL C 42 53.53 -3.22 4.47
CA VAL C 42 52.55 -2.28 3.93
C VAL C 42 51.44 -1.96 4.93
N GLU C 43 51.37 -2.69 6.04
CA GLU C 43 50.29 -2.46 6.99
C GLU C 43 50.34 -1.04 7.52
N ILE C 44 49.21 -0.59 8.04
CA ILE C 44 49.03 0.78 8.50
C ILE C 44 48.71 0.75 9.98
N LYS C 45 49.28 1.69 10.73
CA LYS C 45 49.01 1.77 12.16
C LYS C 45 47.53 2.03 12.40
N GLY C 46 46.83 1.03 12.92
CA GLY C 46 45.44 1.20 13.28
C GLY C 46 44.47 1.17 12.12
N GLY C 47 44.78 0.40 11.08
CA GLY C 47 43.89 0.32 9.94
C GLY C 47 44.12 -0.97 9.19
N SER C 48 43.45 -1.07 8.03
CA SER C 48 43.60 -2.22 7.17
C SER C 48 43.77 -1.73 5.74
N PHE C 49 43.97 -2.66 4.82
CA PHE C 49 44.14 -2.30 3.43
C PHE C 49 43.50 -3.37 2.56
N ARG C 50 43.26 -3.01 1.31
CA ARG C 50 42.69 -3.94 0.35
C ARG C 50 43.31 -3.70 -1.02
N LEU C 51 43.66 -4.79 -1.69
CA LEU C 51 44.33 -4.73 -2.98
C LEU C 51 43.30 -4.67 -4.10
N LEU C 52 43.35 -3.62 -4.90
CA LEU C 52 42.48 -3.47 -6.05
C LEU C 52 43.32 -3.77 -7.28
N GLN C 53 42.62 -3.81 -8.41
CA GLN C 53 43.23 -3.97 -9.73
C GLN C 53 44.36 -4.99 -9.88
N GLU C 54 44.04 -6.27 -9.72
CA GLU C 54 44.99 -7.37 -9.86
C GLU C 54 46.17 -7.23 -8.92
N GLY C 55 45.91 -6.72 -7.72
CA GLY C 55 46.98 -6.59 -6.75
C GLY C 55 48.01 -5.52 -7.08
N GLN C 56 47.77 -4.72 -8.10
CA GLN C 56 48.71 -3.71 -8.53
C GLN C 56 48.54 -2.38 -7.78
N ALA C 57 47.46 -2.23 -7.04
CA ALA C 57 47.11 -1.04 -6.28
C ALA C 57 46.53 -1.46 -4.96
N LEU C 58 46.55 -0.55 -3.99
CA LEU C 58 45.97 -0.85 -2.69
C LEU C 58 45.39 0.41 -2.08
N GLU C 59 44.28 0.25 -1.37
CA GLU C 59 43.63 1.31 -0.63
C GLU C 59 43.78 1.05 0.87
N TYR C 60 43.96 2.13 1.61
CA TYR C 60 44.03 2.10 3.07
C TYR C 60 42.69 2.51 3.63
N VAL C 61 42.19 1.74 4.60
CA VAL C 61 40.91 2.01 5.26
C VAL C 61 41.16 2.10 6.75
N CYS C 62 40.70 3.19 7.33
CA CYS C 62 40.81 3.39 8.72
C CYS C 62 39.44 3.47 9.33
N PRO C 63 39.37 3.46 10.65
CA PRO C 63 38.22 3.55 11.49
C PRO C 63 37.42 4.84 11.39
N SER C 64 36.24 4.88 11.97
CA SER C 64 35.45 6.08 11.84
C SER C 64 36.13 7.20 12.54
N GLY C 65 36.15 8.34 11.87
CA GLY C 65 36.72 9.55 12.35
C GLY C 65 38.14 9.77 11.97
N PHE C 66 38.81 8.71 11.55
CA PHE C 66 40.19 8.72 11.19
C PHE C 66 40.38 8.56 9.72
N TYR C 67 41.53 8.97 9.23
CA TYR C 67 41.92 8.85 7.85
C TYR C 67 43.31 8.35 7.81
N PRO C 68 43.66 7.63 6.77
CA PRO C 68 44.98 7.08 6.74
C PRO C 68 45.93 8.16 6.34
N TYR C 69 47.07 8.27 7.01
CA TYR C 69 48.06 9.27 6.72
C TYR C 69 49.37 8.67 6.27
N PRO C 70 50.01 9.26 5.27
CA PRO C 70 49.90 10.47 4.49
C PRO C 70 49.11 10.37 3.23
N VAL C 71 48.86 9.16 2.76
CA VAL C 71 48.10 8.93 1.58
C VAL C 71 47.25 7.73 1.78
N GLN C 72 46.15 7.70 1.05
CA GLN C 72 45.17 6.66 1.09
C GLN C 72 45.48 5.51 0.23
N THR C 73 46.13 5.72 -0.89
CA THR C 73 46.42 4.65 -1.85
C THR C 73 47.87 4.56 -2.28
N ARG C 74 48.30 3.43 -2.83
CA ARG C 74 49.65 3.17 -3.28
C ARG C 74 49.67 2.18 -4.39
N THR C 75 50.57 2.25 -5.38
CA THR C 75 50.66 1.19 -6.37
C THR C 75 52.00 0.57 -6.26
N CYS C 76 52.09 -0.59 -6.90
CA CYS C 76 53.22 -1.42 -7.07
C CYS C 76 54.05 -0.84 -8.19
N ARG C 77 55.30 -0.53 -7.88
CA ARG C 77 56.24 -0.02 -8.82
C ARG C 77 56.83 -1.13 -9.64
N SER C 78 57.69 -0.82 -10.60
CA SER C 78 58.30 -1.89 -11.38
C SER C 78 59.55 -2.42 -10.75
N THR C 79 59.97 -1.78 -9.69
CA THR C 79 61.13 -2.09 -8.91
C THR C 79 60.81 -2.97 -7.75
N GLY C 80 59.68 -3.64 -7.77
CA GLY C 80 59.33 -4.50 -6.68
C GLY C 80 58.68 -3.95 -5.45
N SER C 81 58.91 -2.68 -5.14
CA SER C 81 58.40 -2.07 -3.96
C SER C 81 57.16 -1.31 -4.15
N TRP C 82 56.53 -0.87 -3.09
CA TRP C 82 55.31 -0.13 -3.26
C TRP C 82 55.62 1.32 -3.31
N SER C 83 54.61 2.14 -3.61
CA SER C 83 54.77 3.57 -3.66
C SER C 83 55.29 4.12 -2.36
N THR C 84 56.08 5.17 -2.42
CA THR C 84 56.57 5.73 -1.20
C THR C 84 55.54 6.59 -0.58
N LEU C 85 55.66 6.78 0.69
CA LEU C 85 54.71 7.58 1.36
C LEU C 85 55.29 8.91 1.63
N LYS C 86 54.99 9.89 0.82
CA LYS C 86 55.51 11.21 1.09
C LYS C 86 54.40 12.04 1.60
N THR C 87 54.76 13.07 2.34
CA THR C 87 53.79 13.95 2.94
C THR C 87 53.80 15.28 2.27
N LYS C 91 59.35 14.17 1.97
CA LYS C 91 59.51 13.69 3.33
C LYS C 91 59.11 12.25 3.52
N THR C 92 59.89 11.31 3.07
CA THR C 92 59.51 9.93 3.21
C THR C 92 59.24 9.43 4.63
N VAL C 93 58.17 8.66 4.77
CA VAL C 93 57.77 8.01 5.96
C VAL C 93 57.89 6.55 5.71
N ARG C 94 58.19 5.79 6.73
CA ARG C 94 58.37 4.39 6.54
C ARG C 94 57.07 3.67 6.48
N LYS C 95 56.22 3.92 7.46
CA LYS C 95 54.95 3.26 7.55
C LYS C 95 53.85 4.22 7.65
N ALA C 96 52.64 3.77 7.41
CA ALA C 96 51.51 4.66 7.47
C ALA C 96 50.82 4.64 8.78
N GLU C 97 49.96 5.58 9.00
CA GLU C 97 49.25 5.62 10.23
C GLU C 97 47.88 6.17 10.03
N CYS C 98 47.00 5.92 10.98
CA CYS C 98 45.68 6.46 10.92
C CYS C 98 45.72 7.60 11.86
N ARG C 99 45.15 8.70 11.47
CA ARG C 99 45.14 9.90 12.28
C ARG C 99 43.76 10.55 12.23
N ALA C 100 43.46 11.31 13.27
CA ALA C 100 42.13 11.88 13.43
C ALA C 100 41.79 12.83 12.30
N ILE C 101 40.50 12.96 12.03
CA ILE C 101 40.01 13.79 10.94
C ILE C 101 39.69 15.18 11.46
N HIS C 102 40.01 16.19 10.67
CA HIS C 102 39.72 17.57 11.00
C HIS C 102 38.76 18.15 9.98
N CYS C 103 37.90 19.04 10.43
CA CYS C 103 36.99 19.74 9.54
C CYS C 103 37.57 21.10 9.17
N PRO C 104 37.41 21.53 7.91
CA PRO C 104 38.10 22.73 7.46
C PRO C 104 37.58 23.98 8.12
N ARG C 105 38.37 25.04 8.01
CA ARG C 105 38.07 26.39 8.48
C ARG C 105 37.38 27.17 7.38
N PRO C 106 36.36 27.95 7.72
CA PRO C 106 35.77 28.87 6.73
C PRO C 106 36.80 29.88 6.25
N HIS C 107 37.10 29.83 4.95
CA HIS C 107 38.05 30.77 4.39
C HIS C 107 37.57 32.21 4.53
N ASP C 108 36.27 32.44 4.36
CA ASP C 108 35.69 33.73 4.68
C ASP C 108 34.19 33.55 4.77
N PHE C 109 33.55 34.49 5.46
CA PHE C 109 32.11 34.46 5.69
C PHE C 109 31.59 35.88 5.52
N GLU C 110 31.02 36.17 4.35
CA GLU C 110 30.62 37.52 4.03
C GLU C 110 29.49 38.00 4.92
N ASN C 111 29.55 39.27 5.29
CA ASN C 111 28.47 39.97 5.99
C ASN C 111 28.15 39.35 7.34
N GLY C 112 29.15 38.79 8.00
CA GLY C 112 28.91 38.23 9.32
C GLY C 112 30.16 37.59 9.88
N GLU C 113 29.99 37.01 11.06
CA GLU C 113 31.07 36.36 11.79
C GLU C 113 30.63 34.97 12.23
N TYR C 114 31.62 34.17 12.62
CA TYR C 114 31.40 32.83 13.14
C TYR C 114 32.35 32.61 14.29
N TRP C 115 31.97 31.74 15.22
CA TRP C 115 32.88 31.40 16.30
C TRP C 115 32.45 30.07 16.92
N PRO C 116 33.37 29.37 17.60
CA PRO C 116 34.77 29.71 17.83
C PRO C 116 35.64 29.70 16.58
N ARG C 117 36.56 30.65 16.50
CA ARG C 117 37.47 30.75 15.38
C ARG C 117 38.73 29.95 15.67
N SER C 118 39.17 29.17 14.69
CA SER C 118 40.31 28.29 14.83
C SER C 118 40.77 27.89 13.44
N PRO C 119 42.02 27.45 13.29
CA PRO C 119 42.48 27.02 11.96
C PRO C 119 41.91 25.69 11.53
N TYR C 120 41.73 24.75 12.46
CA TYR C 120 41.09 23.49 12.19
C TYR C 120 40.19 23.14 13.36
N TYR C 121 39.23 22.25 13.11
CA TYR C 121 38.28 21.84 14.13
C TYR C 121 38.30 20.33 14.25
N ASN C 122 38.32 19.83 15.47
CA ASN C 122 38.23 18.40 15.71
C ASN C 122 36.81 17.91 15.41
N VAL C 123 36.62 16.60 15.53
CA VAL C 123 35.31 16.02 15.29
C VAL C 123 34.38 16.39 16.43
N SER C 124 33.11 16.63 16.09
CA SER C 124 32.07 16.97 17.06
C SER C 124 32.39 18.30 17.73
N ASP C 125 32.90 19.23 16.95
CA ASP C 125 33.20 20.58 17.41
C ASP C 125 32.21 21.52 16.73
N GLU C 126 31.40 22.21 17.52
CA GLU C 126 30.33 23.04 16.99
C GLU C 126 30.84 24.44 16.69
N ILE C 127 30.22 25.05 15.68
CA ILE C 127 30.50 26.44 15.34
C ILE C 127 29.18 27.12 15.02
N SER C 128 29.05 28.37 15.46
CA SER C 128 27.84 29.14 15.30
C SER C 128 28.12 30.40 14.48
N PHE C 129 27.07 30.86 13.81
CA PHE C 129 27.15 31.96 12.86
C PHE C 129 26.21 33.09 13.26
N HIS C 130 26.66 34.32 13.07
CA HIS C 130 25.81 35.50 13.19
C HIS C 130 26.13 36.41 12.02
N CYS C 131 25.20 37.28 11.67
CA CYS C 131 25.46 38.24 10.61
C CYS C 131 25.42 39.68 11.13
N TYR C 132 25.86 40.56 10.24
CA TYR C 132 26.16 41.94 10.59
C TYR C 132 24.87 42.74 10.70
N ASP C 133 25.03 44.05 10.73
CA ASP C 133 23.94 44.99 10.92
C ASP C 133 22.94 44.89 9.78
N GLY C 134 21.73 44.41 10.07
CA GLY C 134 20.65 44.47 9.12
C GLY C 134 20.60 43.36 8.10
N TYR C 135 21.31 42.26 8.33
CA TYR C 135 21.31 41.14 7.41
C TYR C 135 20.46 40.00 7.98
N THR C 136 20.03 39.11 7.09
CA THR C 136 19.14 38.01 7.42
C THR C 136 19.87 36.69 7.19
N LEU C 137 19.82 35.81 8.19
CA LEU C 137 20.54 34.55 8.13
C LEU C 137 19.64 33.45 7.61
N ARG C 138 20.17 32.64 6.70
CA ARG C 138 19.53 31.42 6.23
C ARG C 138 20.53 30.28 6.32
N GLY C 139 20.03 29.06 6.36
CA GLY C 139 20.87 27.91 6.55
C GLY C 139 21.15 27.65 8.01
N SER C 140 21.72 26.48 8.27
CA SER C 140 22.00 26.08 9.64
C SER C 140 23.08 26.97 10.23
N ALA C 141 22.80 27.56 11.38
CA ALA C 141 23.74 28.46 12.04
C ALA C 141 24.37 27.84 13.27
N ASN C 142 24.26 26.52 13.43
CA ASN C 142 24.84 25.83 14.57
C ASN C 142 25.50 24.54 14.12
N ARG C 143 26.38 24.65 13.12
CA ARG C 143 26.91 23.47 12.46
C ARG C 143 27.90 22.74 13.37
N THR C 144 28.22 21.50 12.99
CA THR C 144 29.01 20.61 13.82
C THR C 144 29.87 19.72 12.93
N CYS C 145 31.12 19.54 13.33
CA CYS C 145 32.03 18.71 12.55
C CYS C 145 31.65 17.25 12.72
N GLN C 146 31.07 16.68 11.66
CA GLN C 146 30.64 15.29 11.71
C GLN C 146 31.85 14.37 11.69
N VAL C 147 31.57 13.07 11.83
CA VAL C 147 32.63 12.05 11.87
C VAL C 147 33.25 11.82 10.51
N ASN C 148 32.72 12.45 9.46
CA ASN C 148 33.16 12.20 8.10
C ASN C 148 33.93 13.37 7.51
N GLY C 149 34.44 14.27 8.34
CA GLY C 149 35.16 15.41 7.83
C GLY C 149 34.30 16.47 7.19
N ARG C 150 32.99 16.38 7.34
CA ARG C 150 32.06 17.35 6.81
C ARG C 150 31.29 17.99 7.95
N TRP C 151 30.81 19.19 7.72
CA TRP C 151 30.05 19.93 8.72
C TRP C 151 28.58 19.53 8.62
N SER C 152 27.95 19.37 9.78
CA SER C 152 26.54 19.06 9.80
C SER C 152 25.72 20.21 9.25
N GLY C 153 24.51 19.90 8.82
CA GLY C 153 23.63 20.93 8.35
C GLY C 153 23.97 21.39 6.96
N GLN C 154 23.59 22.64 6.67
CA GLN C 154 23.75 23.22 5.35
C GLN C 154 24.42 24.58 5.48
N THR C 155 24.79 25.14 4.34
CA THR C 155 25.65 26.31 4.30
C THR C 155 24.92 27.55 4.81
N ALA C 156 25.53 28.23 5.77
CA ALA C 156 24.98 29.45 6.32
C ALA C 156 25.26 30.62 5.39
N ILE C 157 24.22 31.41 5.12
CA ILE C 157 24.32 32.55 4.22
C ILE C 157 23.63 33.73 4.87
N CYS C 158 24.30 34.88 4.89
CA CYS C 158 23.73 36.11 5.43
C CYS C 158 23.47 37.07 4.28
N ASP C 159 22.20 37.27 3.95
CA ASP C 159 21.77 38.01 2.78
C ASP C 159 20.76 39.06 3.19
N ASN C 160 20.64 40.10 2.37
CA ASN C 160 19.67 41.16 2.61
C ASN C 160 18.63 41.27 1.51
N GLY C 161 19.06 41.24 0.24
CA GLY C 161 18.15 41.42 -0.87
C GLY C 161 18.62 42.52 -1.79
N ALA C 162 19.87 42.94 -1.59
CA ALA C 162 20.49 44.01 -2.36
C ALA C 162 20.98 43.56 -3.72
N GLY C 163 20.50 42.42 -4.20
CA GLY C 163 20.86 41.95 -5.53
C GLY C 163 19.68 41.30 -6.20
N TYR C 164 19.82 41.13 -7.52
CA TYR C 164 18.80 40.43 -8.28
C TYR C 164 18.66 39.00 -7.78
N CYS C 165 19.71 38.21 -7.90
CA CYS C 165 19.76 36.88 -7.32
C CYS C 165 20.09 36.98 -5.84
N SER C 166 20.00 35.85 -5.15
CA SER C 166 20.29 35.80 -3.73
C SER C 166 21.78 35.59 -3.50
N ASN C 167 22.21 35.83 -2.27
CA ASN C 167 23.61 35.63 -1.93
C ASN C 167 23.96 34.15 -2.03
N PRO C 168 24.79 33.74 -2.98
CA PRO C 168 25.04 32.30 -3.18
C PRO C 168 25.78 31.66 -2.04
N GLY C 169 26.49 32.42 -1.22
CA GLY C 169 27.12 31.88 -0.04
C GLY C 169 28.44 31.21 -0.32
N ILE C 170 29.17 30.95 0.76
CA ILE C 170 30.49 30.35 0.71
C ILE C 170 30.45 29.03 1.48
N PRO C 171 30.41 27.91 0.78
CA PRO C 171 30.48 26.61 1.46
C PRO C 171 31.81 26.46 2.16
N ILE C 172 31.77 25.91 3.38
CA ILE C 172 32.96 25.84 4.21
C ILE C 172 34.05 25.07 3.49
N GLY C 173 35.24 25.66 3.43
CA GLY C 173 36.37 25.08 2.75
C GLY C 173 36.61 25.62 1.36
N THR C 174 35.74 26.48 0.86
CA THR C 174 35.83 27.02 -0.47
C THR C 174 36.28 28.47 -0.41
N ARG C 175 36.30 29.12 -1.57
CA ARG C 175 36.68 30.53 -1.65
C ARG C 175 35.96 31.14 -2.84
N LYS C 176 35.13 32.13 -2.60
CA LYS C 176 34.33 32.74 -3.65
C LYS C 176 35.01 34.02 -4.14
N VAL C 177 35.11 34.13 -5.45
CA VAL C 177 35.67 35.31 -6.11
C VAL C 177 34.54 35.99 -6.85
N GLY C 178 34.16 37.16 -6.38
CA GLY C 178 32.99 37.85 -6.90
C GLY C 178 32.02 38.13 -5.77
N SER C 179 31.48 39.34 -5.74
CA SER C 179 30.52 39.69 -4.71
C SER C 179 29.40 40.57 -5.23
N GLN C 180 29.33 40.80 -6.54
CA GLN C 180 28.27 41.57 -7.16
C GLN C 180 27.21 40.60 -7.65
N TYR C 181 25.98 40.78 -7.19
CA TYR C 181 24.91 39.81 -7.40
C TYR C 181 23.84 40.34 -8.33
N ARG C 182 24.24 41.09 -9.35
CA ARG C 182 23.28 41.57 -10.33
C ARG C 182 23.12 40.54 -11.44
N LEU C 183 22.18 40.82 -12.34
CA LEU C 183 21.89 39.89 -13.43
C LEU C 183 23.12 39.71 -14.31
N GLU C 184 23.31 38.48 -14.79
CA GLU C 184 24.38 38.04 -15.67
C GLU C 184 25.75 38.05 -15.01
N ASP C 185 25.84 38.27 -13.70
CA ASP C 185 27.12 38.22 -13.00
C ASP C 185 27.54 36.80 -12.69
N SER C 186 28.83 36.63 -12.44
CA SER C 186 29.41 35.33 -12.14
C SER C 186 30.03 35.31 -10.75
N VAL C 187 30.10 34.12 -10.17
CA VAL C 187 30.87 33.87 -8.95
C VAL C 187 31.64 32.57 -9.12
N THR C 188 32.90 32.58 -8.72
CA THR C 188 33.80 31.48 -8.92
C THR C 188 34.21 30.90 -7.58
N TYR C 189 34.27 29.57 -7.51
CA TYR C 189 34.58 28.87 -6.27
C TYR C 189 35.87 28.08 -6.42
N HIS C 190 36.72 28.14 -5.42
CA HIS C 190 38.02 27.48 -5.43
C HIS C 190 38.16 26.62 -4.19
N CYS C 191 38.87 25.51 -4.35
CA CYS C 191 39.14 24.59 -3.27
C CYS C 191 40.60 24.71 -2.85
N SER C 192 40.87 24.35 -1.60
CA SER C 192 42.22 24.42 -1.07
C SER C 192 43.11 23.39 -1.79
N ARG C 193 44.39 23.41 -1.45
CA ARG C 193 45.34 22.51 -2.07
C ARG C 193 45.13 21.08 -1.56
N GLY C 194 45.17 20.13 -2.48
CA GLY C 194 44.99 18.73 -2.16
C GLY C 194 43.54 18.29 -2.12
N LEU C 195 42.62 19.14 -2.50
CA LEU C 195 41.20 18.84 -2.43
C LEU C 195 40.57 19.00 -3.80
N THR C 196 39.54 18.20 -4.04
CA THR C 196 38.85 18.16 -5.31
C THR C 196 37.50 18.82 -5.16
N LEU C 197 37.14 19.66 -6.13
CA LEU C 197 35.89 20.39 -6.10
C LEU C 197 34.78 19.57 -6.73
N ARG C 198 33.74 19.28 -5.95
CA ARG C 198 32.54 18.66 -6.46
C ARG C 198 31.46 19.72 -6.56
N GLY C 199 30.89 19.87 -7.76
CA GLY C 199 29.89 20.88 -8.01
C GLY C 199 30.35 21.87 -9.05
N SER C 200 29.76 23.06 -8.99
CA SER C 200 30.04 24.12 -9.94
C SER C 200 31.13 25.04 -9.40
N GLN C 201 32.09 25.38 -10.26
CA GLN C 201 33.10 26.36 -9.93
C GLN C 201 32.76 27.74 -10.50
N ARG C 202 31.64 27.86 -11.19
CA ARG C 202 31.23 29.15 -11.74
C ARG C 202 29.73 29.17 -11.83
N ARG C 203 29.09 30.08 -11.12
CA ARG C 203 27.65 30.19 -11.10
C ARG C 203 27.25 31.59 -11.56
N THR C 204 26.29 31.65 -12.47
CA THR C 204 25.84 32.91 -13.05
C THR C 204 24.42 33.23 -12.59
N CYS C 205 24.20 34.49 -12.24
CA CYS C 205 22.87 34.94 -11.84
C CYS C 205 21.97 34.95 -13.07
N GLN C 206 21.10 33.96 -13.18
CA GLN C 206 20.28 33.82 -14.36
C GLN C 206 19.02 34.68 -14.25
N GLU C 207 18.38 34.91 -15.40
CA GLU C 207 17.06 35.50 -15.43
C GLU C 207 16.13 34.71 -14.53
N GLY C 208 15.41 35.40 -13.66
CA GLY C 208 14.92 34.70 -12.50
C GLY C 208 15.38 35.35 -11.21
N GLY C 209 16.39 34.75 -10.58
CA GLY C 209 16.79 35.08 -9.23
C GLY C 209 17.37 33.86 -8.57
N SER C 210 17.27 32.74 -9.27
CA SER C 210 17.96 31.52 -8.90
C SER C 210 19.31 31.46 -9.61
N TRP C 211 20.31 30.93 -8.92
CA TRP C 211 21.63 30.79 -9.51
C TRP C 211 21.69 29.56 -10.41
N SER C 212 22.70 29.54 -11.27
CA SER C 212 22.97 28.39 -12.11
C SER C 212 23.90 27.43 -11.38
N GLY C 213 24.13 26.28 -11.98
CA GLY C 213 25.01 25.31 -11.37
C GLY C 213 24.52 24.86 -10.01
N THR C 214 25.40 24.15 -9.30
CA THR C 214 25.09 23.63 -7.98
C THR C 214 26.15 24.07 -6.99
N GLU C 215 25.75 24.14 -5.73
CA GLU C 215 26.64 24.58 -4.68
C GLU C 215 27.84 23.63 -4.59
N PRO C 216 29.06 24.14 -4.67
CA PRO C 216 30.23 23.26 -4.66
C PRO C 216 30.68 22.88 -3.27
N SER C 217 31.50 21.83 -3.23
CA SER C 217 32.10 21.36 -2.00
C SER C 217 33.47 20.77 -2.32
N CYS C 218 34.35 20.79 -1.33
CA CYS C 218 35.70 20.27 -1.48
C CYS C 218 35.77 18.88 -0.89
N GLN C 219 36.38 17.96 -1.64
CA GLN C 219 36.38 16.54 -1.29
C GLN C 219 37.80 16.05 -1.11
N ASP C 220 38.07 15.47 0.06
CA ASP C 220 39.32 14.77 0.28
C ASP C 220 39.26 13.38 -0.36
N SER C 221 40.40 12.71 -0.39
CA SER C 221 40.49 11.43 -1.08
C SER C 221 39.70 10.35 -0.35
N PHE C 222 39.85 10.27 0.96
CA PHE C 222 39.17 9.26 1.77
C PHE C 222 37.69 9.53 1.92
N MET C 223 37.20 10.68 1.47
CA MET C 223 35.83 11.08 1.74
C MET C 223 34.85 10.24 0.93
N TYR C 224 34.00 9.51 1.63
CA TYR C 224 32.94 8.74 1.00
C TYR C 224 31.59 9.24 1.49
N ASP C 225 30.57 9.02 0.68
CA ASP C 225 29.21 9.34 1.05
C ASP C 225 28.55 8.12 1.69
N THR C 226 27.71 8.35 2.61
CA THR C 226 27.03 7.24 3.22
C THR C 226 25.77 6.88 2.43
N PRO C 227 25.44 5.59 2.37
CA PRO C 227 24.24 5.18 1.62
C PRO C 227 22.99 5.92 2.01
N GLN C 228 22.88 6.35 3.27
CA GLN C 228 21.74 7.16 3.69
C GLN C 228 21.74 8.51 2.96
N GLU C 229 22.89 9.18 2.96
CA GLU C 229 22.98 10.47 2.27
C GLU C 229 22.71 10.32 0.79
N VAL C 230 23.29 9.29 0.17
CA VAL C 230 23.09 9.09 -1.26
C VAL C 230 21.64 8.82 -1.58
N ALA C 231 21.00 7.96 -0.79
CA ALA C 231 19.59 7.65 -1.01
C ALA C 231 18.73 8.90 -0.90
N GLU C 232 18.91 9.68 0.16
CA GLU C 232 18.08 10.86 0.33
C GLU C 232 18.33 11.88 -0.76
N ALA C 233 19.60 12.16 -1.06
CA ALA C 233 19.93 13.20 -2.03
C ALA C 233 19.69 12.78 -3.47
N PHE C 234 19.46 11.50 -3.71
CA PHE C 234 19.05 11.05 -5.03
C PHE C 234 17.53 11.08 -5.16
N LEU C 235 16.83 10.50 -4.19
CA LEU C 235 15.38 10.57 -4.18
C LEU C 235 14.92 12.01 -4.31
N SER C 236 15.27 12.85 -3.36
CA SER C 236 15.15 14.27 -3.60
C SER C 236 16.07 14.63 -4.75
N SER C 237 15.60 15.49 -5.65
CA SER C 237 16.17 15.86 -6.93
C SER C 237 15.92 14.82 -8.01
N LEU C 238 15.40 13.65 -7.69
CA LEU C 238 14.69 12.91 -8.73
C LEU C 238 13.20 13.24 -8.70
N THR C 239 12.70 13.62 -7.55
CA THR C 239 11.30 13.87 -7.31
C THR C 239 11.11 15.27 -6.74
N GLU C 240 9.86 15.65 -6.57
CA GLU C 240 9.51 16.90 -5.90
C GLU C 240 8.46 16.62 -4.85
N THR C 241 8.50 17.42 -3.78
CA THR C 241 7.65 17.21 -2.61
C THR C 241 6.35 17.97 -2.76
N ILE C 242 5.23 17.27 -2.57
CA ILE C 242 3.91 17.89 -2.70
C ILE C 242 3.65 18.84 -1.54
N LYS C 258 5.02 12.98 1.16
CA LYS C 258 5.42 12.13 0.05
C LYS C 258 5.94 12.96 -1.12
N ARG C 259 6.61 12.29 -2.05
CA ARG C 259 7.21 12.91 -3.21
C ARG C 259 6.44 12.54 -4.47
N LYS C 260 6.86 13.10 -5.60
CA LYS C 260 6.23 12.80 -6.88
C LYS C 260 7.21 13.17 -7.97
N ILE C 261 7.07 12.50 -9.12
CA ILE C 261 7.88 12.76 -10.30
C ILE C 261 7.09 13.65 -11.24
N VAL C 262 7.66 14.80 -11.59
CA VAL C 262 6.95 15.86 -12.30
C VAL C 262 7.25 15.74 -13.79
N LEU C 263 6.39 15.02 -14.49
CA LEU C 263 6.43 14.98 -15.94
C LEU C 263 5.59 16.12 -16.48
N ASP C 264 5.28 16.10 -17.77
CA ASP C 264 4.47 17.10 -18.42
C ASP C 264 3.16 16.52 -18.92
N PRO C 265 2.17 17.36 -19.21
CA PRO C 265 1.00 16.90 -19.94
C PRO C 265 1.40 16.28 -21.28
N SER C 266 0.88 15.08 -21.55
CA SER C 266 1.31 14.28 -22.69
C SER C 266 2.83 14.13 -22.69
N GLY C 267 3.39 14.00 -21.48
CA GLY C 267 4.82 13.90 -21.33
C GLY C 267 5.26 12.50 -20.97
N SER C 268 6.56 12.26 -21.18
CA SER C 268 7.14 10.95 -20.96
C SER C 268 8.51 11.09 -20.32
N MET C 269 9.04 9.97 -19.84
CA MET C 269 10.37 9.93 -19.25
C MET C 269 11.14 8.76 -19.85
N ASN C 270 12.38 9.02 -20.25
CA ASN C 270 13.30 8.00 -20.70
C ASN C 270 14.42 7.89 -19.68
N ILE C 271 14.68 6.69 -19.20
CA ILE C 271 15.71 6.43 -18.20
C ILE C 271 16.72 5.47 -18.78
N TYR C 272 17.99 5.87 -18.77
CA TYR C 272 19.07 5.09 -19.35
C TYR C 272 20.03 4.69 -18.25
N LEU C 273 20.20 3.39 -18.06
CA LEU C 273 21.09 2.86 -17.03
C LEU C 273 22.36 2.36 -17.69
N VAL C 274 23.47 3.04 -17.42
CA VAL C 274 24.77 2.71 -18.00
C VAL C 274 25.65 2.13 -16.91
N LEU C 275 26.34 1.03 -17.21
CA LEU C 275 27.11 0.31 -16.21
C LEU C 275 28.51 0.01 -16.72
N ASP C 276 29.51 0.48 -15.99
CA ASP C 276 30.92 0.20 -16.29
C ASP C 276 31.26 -1.17 -15.73
N GLY C 277 31.06 -2.20 -16.53
CA GLY C 277 31.26 -3.56 -16.09
C GLY C 277 32.62 -4.13 -16.42
N SER C 278 33.65 -3.27 -16.40
CA SER C 278 35.01 -3.69 -16.64
C SER C 278 35.80 -3.92 -15.36
N ASP C 279 35.16 -3.76 -14.21
CA ASP C 279 35.80 -3.94 -12.92
C ASP C 279 34.76 -4.38 -11.89
N SER C 280 35.02 -4.09 -10.62
CA SER C 280 34.22 -4.59 -9.51
C SER C 280 32.71 -4.44 -9.71
N ILE C 281 32.27 -3.59 -10.64
CA ILE C 281 30.84 -3.45 -10.87
C ILE C 281 30.28 -4.68 -11.56
N GLY C 282 30.92 -5.11 -12.64
CA GLY C 282 30.41 -6.22 -13.42
C GLY C 282 30.87 -7.57 -12.92
N ALA C 283 31.23 -7.66 -11.66
CA ALA C 283 31.69 -8.91 -11.08
C ALA C 283 30.50 -9.74 -10.63
N SER C 284 30.71 -11.06 -10.61
CA SER C 284 29.66 -12.01 -10.26
C SER C 284 28.44 -11.85 -11.15
N ASN C 285 28.69 -11.58 -12.43
CA ASN C 285 27.65 -11.37 -13.41
C ASN C 285 26.71 -10.24 -12.99
N PHE C 286 27.30 -9.12 -12.58
CA PHE C 286 26.55 -7.90 -12.28
C PHE C 286 25.52 -8.12 -11.19
N THR C 287 25.83 -9.00 -10.24
CA THR C 287 24.84 -9.38 -9.24
C THR C 287 24.40 -8.19 -8.40
N GLY C 288 25.36 -7.50 -7.80
CA GLY C 288 25.02 -6.33 -6.99
C GLY C 288 24.33 -5.26 -7.81
N ALA C 289 24.86 -4.96 -8.99
CA ALA C 289 24.22 -3.99 -9.85
C ALA C 289 22.84 -4.45 -10.27
N LYS C 290 22.64 -5.75 -10.44
CA LYS C 290 21.31 -6.26 -10.76
C LYS C 290 20.34 -5.94 -9.64
N LYS C 291 20.70 -6.23 -8.39
CA LYS C 291 19.82 -5.90 -7.27
C LYS C 291 19.54 -4.41 -7.23
N CYS C 292 20.59 -3.60 -7.38
CA CYS C 292 20.44 -2.15 -7.33
C CYS C 292 19.42 -1.69 -8.36
N LEU C 293 19.56 -2.15 -9.60
CA LEU C 293 18.70 -1.64 -10.66
C LEU C 293 17.30 -2.21 -10.56
N VAL C 294 17.13 -3.42 -10.04
CA VAL C 294 15.80 -3.95 -9.78
C VAL C 294 15.07 -3.04 -8.81
N ASN C 295 15.73 -2.71 -7.69
CA ASN C 295 15.08 -1.87 -6.69
C ASN C 295 14.85 -0.46 -7.22
N LEU C 296 15.74 0.04 -8.07
CA LEU C 296 15.53 1.35 -8.67
C LEU C 296 14.30 1.34 -9.58
N ILE C 297 14.18 0.32 -10.43
CA ILE C 297 13.02 0.23 -11.31
C ILE C 297 11.74 0.15 -10.50
N GLU C 298 11.74 -0.67 -9.45
CA GLU C 298 10.56 -0.79 -8.62
C GLU C 298 10.20 0.54 -7.97
N LYS C 299 11.18 1.21 -7.37
CA LYS C 299 10.91 2.45 -6.68
C LYS C 299 10.39 3.52 -7.63
N VAL C 300 10.94 3.58 -8.85
CA VAL C 300 10.47 4.58 -9.79
C VAL C 300 9.09 4.22 -10.34
N ALA C 301 8.78 2.93 -10.42
CA ALA C 301 7.43 2.55 -10.84
C ALA C 301 6.41 2.85 -9.76
N SER C 302 6.83 2.89 -8.50
CA SER C 302 5.90 3.16 -7.42
C SER C 302 5.34 4.58 -7.46
N TYR C 303 5.83 5.42 -8.36
CA TYR C 303 5.37 6.80 -8.44
C TYR C 303 4.34 7.02 -9.52
N GLY C 304 3.74 5.95 -10.02
CA GLY C 304 2.67 6.09 -11.00
C GLY C 304 3.13 6.58 -12.35
N VAL C 305 4.38 6.34 -12.70
CA VAL C 305 4.90 6.73 -14.00
C VAL C 305 5.38 5.49 -14.72
N LYS C 306 5.22 5.49 -16.05
CA LYS C 306 5.64 4.39 -16.89
C LYS C 306 6.70 4.92 -17.85
N PRO C 307 7.97 4.87 -17.47
CA PRO C 307 9.02 5.41 -18.32
C PRO C 307 9.61 4.35 -19.24
N ARG C 308 10.13 4.83 -20.36
CA ARG C 308 10.85 3.96 -21.29
C ARG C 308 12.26 3.76 -20.78
N TYR C 309 12.68 2.51 -20.67
CA TYR C 309 13.98 2.19 -20.12
C TYR C 309 14.96 1.78 -21.20
N GLY C 310 16.20 2.18 -21.02
CA GLY C 310 17.30 1.66 -21.81
C GLY C 310 18.37 1.17 -20.87
N LEU C 311 19.04 0.09 -21.28
CA LEU C 311 20.01 -0.58 -20.44
C LEU C 311 21.27 -0.83 -21.24
N VAL C 312 22.40 -0.36 -20.75
CA VAL C 312 23.67 -0.47 -21.46
C VAL C 312 24.73 -0.91 -20.47
N THR C 313 25.48 -1.95 -20.83
CA THR C 313 26.72 -2.27 -20.14
C THR C 313 27.88 -1.90 -21.03
N TYR C 314 29.05 -1.72 -20.43
CA TYR C 314 30.23 -1.47 -21.24
C TYR C 314 31.47 -1.84 -20.47
N ALA C 315 32.27 -2.75 -21.02
CA ALA C 315 33.65 -2.91 -20.59
C ALA C 315 34.59 -2.14 -21.52
N THR C 316 34.65 -2.54 -22.78
CA THR C 316 35.37 -1.80 -23.80
C THR C 316 34.47 -1.35 -24.92
N TYR C 317 33.51 -2.16 -25.33
CA TYR C 317 32.47 -1.78 -26.25
C TYR C 317 31.15 -1.72 -25.50
N PRO C 318 30.22 -0.88 -25.95
CA PRO C 318 28.89 -0.86 -25.33
C PRO C 318 28.04 -2.01 -25.81
N LYS C 319 27.51 -2.78 -24.87
CA LYS C 319 26.51 -3.80 -25.14
C LYS C 319 25.14 -3.26 -24.76
N ILE C 320 24.22 -3.31 -25.71
CA ILE C 320 22.88 -2.74 -25.55
C ILE C 320 21.90 -3.90 -25.35
N TRP C 321 21.29 -3.95 -24.18
CA TRP C 321 20.32 -4.99 -23.86
C TRP C 321 18.90 -4.54 -24.13
N VAL C 322 18.50 -3.40 -23.57
CA VAL C 322 17.18 -2.83 -23.76
C VAL C 322 17.32 -1.48 -24.42
N LYS C 323 16.58 -1.27 -25.49
CA LYS C 323 16.57 -0.02 -26.22
C LYS C 323 15.21 0.64 -26.05
N VAL C 324 15.19 1.96 -25.91
CA VAL C 324 13.94 2.67 -25.63
C VAL C 324 12.94 2.57 -26.77
N SER C 325 13.33 1.99 -27.90
CA SER C 325 12.41 1.87 -29.02
C SER C 325 11.60 0.58 -28.98
N GLU C 326 12.04 -0.42 -28.24
CA GLU C 326 11.25 -1.64 -28.11
C GLU C 326 9.94 -1.30 -27.41
N ALA C 327 8.86 -1.93 -27.88
CA ALA C 327 7.55 -1.64 -27.32
C ALA C 327 7.43 -2.06 -25.88
N ASP C 328 8.31 -2.95 -25.42
CA ASP C 328 8.34 -3.39 -24.04
C ASP C 328 9.32 -2.59 -23.19
N SER C 329 9.80 -1.47 -23.70
CA SER C 329 10.73 -0.63 -22.94
C SER C 329 10.08 0.09 -21.78
N SER C 330 8.75 0.15 -21.74
CA SER C 330 8.03 0.72 -20.63
C SER C 330 7.44 -0.33 -19.71
N ASN C 331 7.45 -1.60 -20.12
CA ASN C 331 7.00 -2.69 -19.27
C ASN C 331 8.08 -2.92 -18.23
N ALA C 332 7.81 -2.47 -17.00
CA ALA C 332 8.82 -2.51 -15.95
C ALA C 332 9.35 -3.91 -15.72
N ASP C 333 8.48 -4.91 -15.73
CA ASP C 333 8.98 -6.24 -15.41
C ASP C 333 9.64 -6.91 -16.60
N TRP C 334 9.29 -6.53 -17.82
CA TRP C 334 10.08 -6.99 -18.96
C TRP C 334 11.49 -6.46 -18.88
N VAL C 335 11.64 -5.17 -18.54
CA VAL C 335 12.96 -4.59 -18.33
C VAL C 335 13.68 -5.30 -17.20
N THR C 336 12.96 -5.65 -16.14
CA THR C 336 13.59 -6.32 -15.01
C THR C 336 14.06 -7.72 -15.38
N LYS C 337 13.26 -8.45 -16.15
CA LYS C 337 13.65 -9.80 -16.55
C LYS C 337 14.80 -9.76 -17.54
N GLN C 338 14.84 -8.72 -18.38
CA GLN C 338 15.97 -8.56 -19.29
C GLN C 338 17.23 -8.15 -18.53
N LEU C 339 17.08 -7.39 -17.46
CA LEU C 339 18.22 -7.02 -16.66
C LEU C 339 18.79 -8.21 -15.91
N ASN C 340 17.93 -9.02 -15.31
CA ASN C 340 18.44 -10.15 -14.54
C ASN C 340 19.15 -11.16 -15.38
N GLU C 341 19.28 -10.96 -16.68
CA GLU C 341 19.96 -11.91 -17.54
C GLU C 341 21.08 -11.28 -18.35
N ILE C 342 21.65 -10.20 -17.86
CA ILE C 342 22.86 -9.64 -18.45
C ILE C 342 24.04 -10.45 -17.97
N ASN C 343 25.11 -10.47 -18.77
CA ASN C 343 26.24 -11.35 -18.50
C ASN C 343 27.53 -10.71 -18.96
N TYR C 344 28.63 -11.18 -18.40
CA TYR C 344 29.96 -10.75 -18.77
C TYR C 344 30.71 -11.96 -19.32
N GLU C 345 31.20 -11.84 -20.55
CA GLU C 345 31.13 -10.61 -21.33
C GLU C 345 30.26 -10.78 -22.55
N GLY C 352 40.18 -2.86 -20.98
CA GLY C 352 40.16 -1.46 -21.34
C GLY C 352 38.77 -0.86 -21.29
N THR C 353 38.64 0.28 -20.62
CA THR C 353 37.32 0.87 -20.40
C THR C 353 37.12 2.11 -21.25
N ASN C 354 36.11 2.09 -22.10
CA ASN C 354 35.79 3.22 -22.98
C ASN C 354 34.37 3.68 -22.69
N THR C 355 34.23 4.88 -22.17
CA THR C 355 32.96 5.44 -21.74
C THR C 355 32.25 6.20 -22.85
N LYS C 356 33.02 6.89 -23.69
CA LYS C 356 32.44 7.69 -24.76
C LYS C 356 31.55 6.83 -25.65
N LYS C 357 31.93 5.57 -25.87
CA LYS C 357 31.10 4.71 -26.70
C LYS C 357 29.75 4.45 -26.02
N ALA C 358 29.74 4.31 -24.71
CA ALA C 358 28.49 4.08 -24.00
C ALA C 358 27.60 5.31 -24.07
N LEU C 359 28.19 6.49 -23.84
CA LEU C 359 27.40 7.71 -23.95
C LEU C 359 26.92 7.93 -25.37
N GLN C 360 27.68 7.48 -26.36
CA GLN C 360 27.23 7.60 -27.73
C GLN C 360 26.11 6.62 -28.05
N ALA C 361 26.12 5.45 -27.40
CA ALA C 361 24.97 4.55 -27.52
C ALA C 361 23.72 5.19 -26.93
N VAL C 362 23.86 5.85 -25.80
CA VAL C 362 22.75 6.61 -25.24
C VAL C 362 22.29 7.68 -26.21
N TYR C 363 23.24 8.37 -26.85
CA TYR C 363 22.89 9.43 -27.79
C TYR C 363 22.18 8.88 -29.02
N SER C 364 22.60 7.69 -29.47
CA SER C 364 21.91 7.05 -30.58
C SER C 364 20.48 6.68 -30.20
N MET C 365 20.29 6.21 -28.96
CA MET C 365 18.93 6.01 -28.47
C MET C 365 18.14 7.31 -28.54
N MET C 366 18.75 8.42 -28.11
CA MET C 366 18.05 9.70 -28.09
C MET C 366 17.72 10.18 -29.50
N SER C 367 18.67 10.06 -30.42
CA SER C 367 18.52 10.63 -31.75
C SER C 367 17.38 9.93 -32.49
N TRP C 368 16.83 10.62 -33.47
CA TRP C 368 15.75 10.07 -34.28
C TRP C 368 16.12 10.12 -35.77
N PRO C 369 15.95 9.00 -36.42
CA PRO C 369 16.28 8.71 -37.78
C PRO C 369 15.13 9.26 -38.54
N ASP C 370 15.03 10.56 -38.62
CA ASP C 370 13.92 11.07 -39.37
C ASP C 370 14.13 12.36 -39.99
N ASP C 371 15.29 12.98 -39.79
CA ASP C 371 15.60 14.29 -40.36
C ASP C 371 14.46 15.28 -40.08
N VAL C 372 13.57 14.87 -39.20
CA VAL C 372 12.42 15.68 -38.79
C VAL C 372 11.98 15.18 -37.43
N PRO C 373 12.01 16.08 -36.46
CA PRO C 373 11.66 15.78 -35.06
C PRO C 373 10.30 15.11 -34.91
N PRO C 374 10.43 13.88 -34.17
CA PRO C 374 9.20 13.10 -33.92
C PRO C 374 8.27 13.82 -32.96
N GLU C 375 6.98 13.49 -33.01
CA GLU C 375 6.01 14.15 -32.14
C GLU C 375 6.39 14.00 -30.68
N GLY C 376 6.26 15.08 -29.93
CA GLY C 376 6.50 15.05 -28.50
C GLY C 376 7.95 14.99 -28.11
N TRP C 377 8.85 15.52 -28.95
CA TRP C 377 10.26 15.52 -28.59
C TRP C 377 10.54 16.51 -27.48
N ASN C 378 9.80 17.62 -27.44
CA ASN C 378 10.02 18.66 -26.45
C ASN C 378 9.24 18.44 -25.18
N ARG C 379 8.70 17.24 -24.97
CA ARG C 379 7.99 16.92 -23.76
C ARG C 379 8.61 15.77 -22.99
N THR C 380 9.63 15.12 -23.53
CA THR C 380 10.25 13.98 -22.88
C THR C 380 11.37 14.44 -21.96
N ARG C 381 11.45 13.81 -20.80
CA ARG C 381 12.49 14.10 -19.81
C ARG C 381 13.43 12.92 -19.74
N HIS C 382 14.73 13.19 -19.89
CA HIS C 382 15.74 12.14 -19.99
C HIS C 382 16.58 12.09 -18.73
N VAL C 383 16.82 10.88 -18.25
CA VAL C 383 17.59 10.61 -17.05
C VAL C 383 18.67 9.61 -17.40
N ILE C 384 19.90 9.89 -17.02
CA ILE C 384 21.04 9.04 -17.36
C ILE C 384 21.72 8.66 -16.05
N ILE C 385 21.53 7.43 -15.61
CA ILE C 385 22.12 6.94 -14.38
C ILE C 385 23.33 6.09 -14.75
N LEU C 386 24.52 6.61 -14.48
CA LEU C 386 25.76 5.95 -14.83
C LEU C 386 26.43 5.46 -13.55
N MET C 387 26.75 4.17 -13.50
CA MET C 387 27.43 3.57 -12.37
C MET C 387 28.79 3.09 -12.84
N THR C 388 29.85 3.62 -12.23
CA THR C 388 31.20 3.25 -12.60
C THR C 388 32.07 3.14 -11.35
N ASP C 389 33.23 2.51 -11.52
CA ASP C 389 34.22 2.43 -10.47
C ASP C 389 35.63 2.75 -10.92
N GLY C 390 35.84 2.95 -12.21
CA GLY C 390 37.10 3.38 -12.77
C GLY C 390 36.97 4.77 -13.34
N LEU C 391 36.71 4.84 -14.64
CA LEU C 391 36.50 6.08 -15.37
C LEU C 391 37.76 6.93 -15.45
N HIS C 392 38.85 6.31 -15.91
CA HIS C 392 39.95 7.06 -16.51
C HIS C 392 39.59 7.18 -17.98
N ASN C 393 39.16 8.38 -18.39
CA ASN C 393 38.42 8.55 -19.65
C ASN C 393 39.37 8.40 -20.84
N MET C 394 39.65 7.15 -21.19
CA MET C 394 40.35 6.80 -22.41
C MET C 394 39.34 6.45 -23.50
N GLY C 395 39.85 6.29 -24.72
CA GLY C 395 39.00 6.11 -25.87
C GLY C 395 38.36 7.38 -26.40
N GLY C 396 38.56 8.50 -25.74
CA GLY C 396 37.99 9.77 -26.13
C GLY C 396 37.57 10.58 -24.94
N ASP C 397 37.09 11.79 -25.23
CA ASP C 397 36.59 12.68 -24.19
C ASP C 397 35.08 12.62 -24.18
N PRO C 398 34.46 12.01 -23.17
CA PRO C 398 33.00 11.82 -23.19
C PRO C 398 32.19 13.07 -22.89
N ILE C 399 32.82 14.18 -22.54
CA ILE C 399 32.05 15.39 -22.29
C ILE C 399 31.41 15.88 -23.57
N THR C 400 32.11 15.72 -24.69
CA THR C 400 31.56 16.12 -25.97
C THR C 400 30.25 15.40 -26.28
N VAL C 401 30.12 14.17 -25.80
CA VAL C 401 28.87 13.45 -26.00
C VAL C 401 27.75 14.11 -25.21
N ILE C 402 28.04 14.56 -24.00
CA ILE C 402 27.04 15.24 -23.20
C ILE C 402 26.64 16.55 -23.87
N ASP C 403 27.61 17.24 -24.47
CA ASP C 403 27.29 18.48 -25.15
C ASP C 403 26.47 18.24 -26.41
N GLU C 404 26.77 17.17 -27.14
CA GLU C 404 25.95 16.81 -28.29
C GLU C 404 24.54 16.46 -27.87
N ILE C 405 24.40 15.75 -26.75
CA ILE C 405 23.08 15.42 -26.23
C ILE C 405 22.31 16.69 -25.90
N ARG C 406 22.93 17.61 -25.16
CA ARG C 406 22.26 18.85 -24.81
C ARG C 406 21.90 19.67 -26.03
N ASP C 407 22.73 19.60 -27.07
CA ASP C 407 22.38 20.22 -28.34
C ASP C 407 21.13 19.59 -28.92
N LEU C 408 21.06 18.26 -28.89
CA LEU C 408 19.93 17.56 -29.50
C LEU C 408 18.63 17.83 -28.76
N LEU C 409 18.68 17.93 -27.44
CA LEU C 409 17.46 18.20 -26.67
C LEU C 409 17.07 19.66 -26.68
N TYR C 410 17.82 20.51 -27.36
CA TYR C 410 17.60 21.95 -27.36
C TYR C 410 17.65 22.50 -25.94
N ILE C 411 18.78 22.27 -25.27
CA ILE C 411 19.00 22.70 -23.91
C ILE C 411 20.14 23.70 -23.88
N GLY C 412 19.90 24.84 -23.23
CA GLY C 412 20.90 25.89 -23.19
C GLY C 412 20.97 26.71 -24.46
N LYS C 413 19.88 26.77 -25.22
CA LYS C 413 19.86 27.49 -26.49
C LYS C 413 18.80 28.57 -26.47
N ASP C 414 18.52 29.14 -25.31
CA ASP C 414 17.46 30.13 -25.18
C ASP C 414 17.62 30.82 -23.82
N ARG C 415 16.77 31.79 -23.58
CA ARG C 415 16.71 32.49 -22.30
C ARG C 415 15.38 32.34 -21.60
N LYS C 416 14.28 32.23 -22.34
CA LYS C 416 12.99 31.91 -21.76
C LYS C 416 12.71 30.41 -21.74
N ASN C 417 13.46 29.62 -22.50
CA ASN C 417 13.30 28.17 -22.51
C ASN C 417 14.68 27.52 -22.44
N PRO C 418 15.31 27.54 -21.27
CA PRO C 418 16.59 26.85 -21.12
C PRO C 418 16.46 25.34 -21.13
N ARG C 419 15.30 24.82 -20.71
CA ARG C 419 14.98 23.40 -20.80
C ARG C 419 15.91 22.54 -19.97
N GLU C 420 16.48 23.10 -18.90
CA GLU C 420 17.37 22.29 -18.08
C GLU C 420 16.63 21.23 -17.28
N ASP C 421 15.30 21.29 -17.24
CA ASP C 421 14.55 20.27 -16.52
C ASP C 421 14.49 18.96 -17.28
N TYR C 422 14.83 18.97 -18.57
CA TYR C 422 14.63 17.81 -19.42
C TYR C 422 15.88 16.97 -19.59
N LEU C 423 16.90 17.16 -18.74
CA LEU C 423 18.08 16.32 -18.78
C LEU C 423 18.68 16.25 -17.39
N ASP C 424 18.71 15.06 -16.82
CA ASP C 424 19.36 14.79 -15.55
C ASP C 424 20.40 13.71 -15.78
N VAL C 425 21.61 13.93 -15.26
CA VAL C 425 22.69 12.96 -15.34
C VAL C 425 23.19 12.70 -13.94
N TYR C 426 23.09 11.45 -13.49
CA TYR C 426 23.54 11.02 -12.18
C TYR C 426 24.71 10.07 -12.33
N VAL C 427 25.71 10.22 -11.48
CA VAL C 427 26.90 9.38 -11.53
C VAL C 427 27.15 8.79 -10.15
N PHE C 428 27.32 7.48 -10.09
CA PHE C 428 27.66 6.75 -8.89
C PHE C 428 29.05 6.17 -9.08
N GLY C 429 30.04 6.74 -8.40
CA GLY C 429 31.38 6.20 -8.41
C GLY C 429 31.58 5.26 -7.24
N VAL C 430 32.31 4.18 -7.50
CA VAL C 430 32.56 3.15 -6.50
C VAL C 430 34.06 2.98 -6.35
N GLY C 431 34.53 2.92 -5.11
CA GLY C 431 35.90 2.63 -4.84
C GLY C 431 36.77 3.87 -4.84
N PRO C 432 38.03 3.72 -4.40
CA PRO C 432 38.93 4.86 -4.37
C PRO C 432 39.52 5.22 -5.71
N LEU C 433 39.55 4.30 -6.66
CA LEU C 433 40.19 4.54 -7.94
C LEU C 433 39.35 5.38 -8.87
N VAL C 434 38.21 5.86 -8.43
CA VAL C 434 37.33 6.64 -9.30
C VAL C 434 37.85 8.06 -9.39
N ASN C 435 37.76 8.64 -10.59
CA ASN C 435 38.26 9.99 -10.84
C ASN C 435 37.18 10.98 -10.44
N GLN C 436 37.38 11.64 -9.31
CA GLN C 436 36.36 12.54 -8.79
C GLN C 436 36.08 13.70 -9.72
N VAL C 437 36.97 13.96 -10.67
CA VAL C 437 36.79 15.10 -11.57
C VAL C 437 35.96 14.72 -12.78
N ASN C 438 36.22 13.56 -13.36
CA ASN C 438 35.47 13.15 -14.54
C ASN C 438 34.02 12.88 -14.20
N ILE C 439 33.77 12.24 -13.06
CA ILE C 439 32.39 11.95 -12.68
C ILE C 439 31.63 13.23 -12.40
N ASN C 440 32.30 14.24 -11.87
CA ASN C 440 31.62 15.50 -11.63
C ASN C 440 31.42 16.27 -12.92
N ALA C 441 32.33 16.12 -13.88
CA ALA C 441 32.16 16.79 -15.16
C ALA C 441 31.02 16.19 -15.96
N LEU C 442 30.80 14.88 -15.81
CA LEU C 442 29.71 14.23 -16.52
C LEU C 442 28.36 14.60 -15.94
N ALA C 443 28.23 14.52 -14.63
CA ALA C 443 26.93 14.71 -13.99
C ALA C 443 26.42 16.12 -14.22
N SER C 444 25.18 16.34 -13.80
CA SER C 444 24.56 17.63 -13.95
C SER C 444 24.75 18.47 -12.68
N LYS C 445 24.45 19.75 -12.80
CA LYS C 445 24.56 20.70 -11.70
C LYS C 445 23.27 21.50 -11.65
N LYS C 446 22.46 21.23 -10.63
CA LYS C 446 21.19 21.92 -10.43
C LYS C 446 21.14 22.49 -9.03
N ASP C 447 20.45 23.63 -8.89
CA ASP C 447 20.37 24.29 -7.60
C ASP C 447 19.61 23.42 -6.60
N ASN C 448 20.16 23.29 -5.40
CA ASN C 448 19.61 22.50 -4.31
C ASN C 448 19.52 21.02 -4.64
N GLU C 449 20.32 20.54 -5.58
CA GLU C 449 20.30 19.15 -6.00
C GLU C 449 21.70 18.61 -6.09
N GLN C 450 21.85 17.34 -5.77
CA GLN C 450 23.13 16.65 -5.89
C GLN C 450 23.00 15.51 -6.90
N HIS C 451 23.98 15.42 -7.79
CA HIS C 451 23.97 14.40 -8.82
C HIS C 451 25.21 13.53 -8.87
N VAL C 452 26.25 13.85 -8.10
CA VAL C 452 27.47 13.06 -8.06
C VAL C 452 27.55 12.37 -6.73
N PHE C 453 27.92 11.10 -6.73
CA PHE C 453 28.06 10.35 -5.50
C PHE C 453 29.27 9.45 -5.60
N LYS C 454 29.93 9.24 -4.46
CA LYS C 454 31.08 8.34 -4.38
C LYS C 454 30.92 7.48 -3.14
N VAL C 455 30.84 6.17 -3.34
CA VAL C 455 30.64 5.23 -2.26
C VAL C 455 31.82 4.26 -2.21
N LYS C 456 31.87 3.48 -1.14
CA LYS C 456 33.04 2.69 -0.81
C LYS C 456 33.12 1.37 -1.55
N ASP C 457 32.13 0.49 -1.38
CA ASP C 457 32.11 -0.80 -2.05
C ASP C 457 30.90 -0.85 -2.95
N MET C 458 30.69 -2.01 -3.58
CA MET C 458 29.41 -2.27 -4.22
C MET C 458 28.34 -2.60 -3.20
N GLU C 459 28.73 -3.06 -2.02
CA GLU C 459 27.78 -3.34 -0.96
C GLU C 459 27.08 -2.08 -0.52
N ASN C 460 27.81 -0.99 -0.35
CA ASN C 460 27.18 0.28 -0.01
C ASN C 460 26.27 0.76 -1.12
N LEU C 461 26.62 0.50 -2.37
CA LEU C 461 25.73 0.87 -3.47
C LEU C 461 24.44 0.06 -3.43
N GLU C 462 24.51 -1.20 -3.04
CA GLU C 462 23.30 -1.98 -2.82
C GLU C 462 22.47 -1.38 -1.70
N ASP C 463 23.12 -1.04 -0.60
CA ASP C 463 22.42 -0.50 0.56
C ASP C 463 21.74 0.83 0.23
N VAL C 464 22.30 1.58 -0.71
CA VAL C 464 21.66 2.81 -1.16
C VAL C 464 20.23 2.53 -1.61
N PHE C 465 20.07 1.61 -2.55
CA PHE C 465 18.76 1.35 -3.11
C PHE C 465 17.90 0.49 -2.20
N TYR C 466 18.49 -0.31 -1.32
CA TYR C 466 17.72 -0.92 -0.26
C TYR C 466 17.06 0.14 0.61
N GLN C 467 17.84 1.13 1.04
CA GLN C 467 17.30 2.23 1.83
C GLN C 467 16.24 2.99 1.05
N MET C 468 16.46 3.19 -0.25
CA MET C 468 15.46 3.89 -1.07
C MET C 468 14.15 3.12 -1.12
N ILE C 469 14.22 1.79 -1.25
CA ILE C 469 13.01 0.98 -1.27
C ILE C 469 12.31 1.01 0.08
N ASP C 470 13.08 0.97 1.17
CA ASP C 470 12.51 0.96 2.50
C ASP C 470 11.88 2.30 2.89
N GLU C 471 11.82 3.27 2.00
CA GLU C 471 11.53 4.64 2.42
C GLU C 471 10.10 4.78 2.93
N SER C 472 9.13 4.33 2.14
CA SER C 472 7.72 4.60 2.42
C SER C 472 6.97 3.34 2.78
N GLN C 473 7.61 2.46 3.57
CA GLN C 473 6.93 1.24 3.97
C GLN C 473 6.04 1.46 5.18
N SER C 474 6.64 1.85 6.31
CA SER C 474 5.86 2.09 7.52
C SER C 474 6.71 2.68 8.62
N LEU C 475 6.07 3.00 9.74
CA LEU C 475 6.76 3.35 10.97
C LEU C 475 6.95 2.15 11.88
N SER C 476 6.35 1.02 11.55
CA SER C 476 6.55 -0.23 12.28
C SER C 476 7.67 -1.05 11.69
N LEU C 477 8.25 -0.62 10.58
CA LEU C 477 9.43 -1.28 10.03
C LEU C 477 10.57 -1.16 11.03
N CYS C 478 11.00 -2.30 11.56
CA CYS C 478 12.04 -2.29 12.58
C CYS C 478 13.37 -1.83 11.99
N GLY C 479 14.15 -1.15 12.82
CA GLY C 479 15.50 -0.80 12.45
C GLY C 479 15.62 0.13 11.26
N MET C 480 14.60 0.94 11.02
CA MET C 480 14.59 1.84 9.88
C MET C 480 14.85 3.26 10.35
N VAL C 481 15.82 3.91 9.73
CA VAL C 481 16.12 5.31 9.98
C VAL C 481 16.33 5.97 8.63
N TRP C 482 15.55 7.00 8.35
CA TRP C 482 15.75 7.82 7.16
C TRP C 482 16.54 9.04 7.60
N GLU C 483 17.78 9.16 7.14
CA GLU C 483 18.59 10.31 7.45
C GLU C 483 18.05 11.51 6.70
N HIS C 484 17.53 12.47 7.45
CA HIS C 484 16.83 13.61 6.90
C HIS C 484 17.78 14.79 6.72
N ARG C 485 17.22 15.92 6.33
CA ARG C 485 17.98 17.16 6.19
C ARG C 485 17.99 17.98 7.46
N LYS C 486 17.04 17.75 8.37
CA LYS C 486 16.90 18.52 9.59
C LYS C 486 16.76 17.59 10.79
N GLY C 487 17.61 16.58 10.86
CA GLY C 487 17.50 15.54 11.86
C GLY C 487 18.25 15.86 13.14
N THR C 488 17.61 15.60 14.27
CA THR C 488 18.23 15.76 15.58
C THR C 488 18.84 14.45 16.02
N ASP C 489 19.21 14.35 17.29
CA ASP C 489 19.85 13.14 17.79
C ASP C 489 18.90 11.96 17.76
N TYR C 490 17.79 12.06 18.49
CA TYR C 490 16.88 10.93 18.58
C TYR C 490 16.16 10.65 17.28
N HIS C 491 16.34 11.46 16.25
CA HIS C 491 15.87 11.09 14.92
C HIS C 491 16.68 9.93 14.38
N LYS C 492 17.92 9.79 14.83
CA LYS C 492 18.85 8.83 14.26
C LYS C 492 19.02 7.59 15.12
N GLN C 493 18.45 7.57 16.32
CA GLN C 493 18.47 6.38 17.19
C GLN C 493 17.13 6.29 17.91
N PRO C 494 16.04 6.07 17.17
CA PRO C 494 14.72 6.11 17.79
C PRO C 494 14.44 4.97 18.75
N TRP C 495 15.18 3.87 18.66
CA TRP C 495 15.00 2.75 19.56
C TRP C 495 15.54 3.01 20.95
N GLN C 496 16.27 4.10 21.15
CA GLN C 496 16.99 4.30 22.40
C GLN C 496 16.04 4.64 23.53
N ALA C 497 16.37 4.13 24.72
CA ALA C 497 15.56 4.35 25.91
C ALA C 497 16.51 4.50 27.09
N LYS C 498 16.33 5.57 27.86
CA LYS C 498 17.18 5.83 29.01
C LYS C 498 16.50 5.35 30.28
N ILE C 499 17.20 4.54 31.06
CA ILE C 499 16.74 4.05 32.35
C ILE C 499 17.53 4.75 33.44
N SER C 500 16.83 5.30 34.42
CA SER C 500 17.45 5.96 35.56
C SER C 500 16.96 5.31 36.83
N VAL C 501 17.88 4.86 37.67
CA VAL C 501 17.57 4.25 38.96
C VAL C 501 18.31 5.05 40.02
N ILE C 502 17.51 5.56 40.93
CA ILE C 502 17.99 6.32 42.04
C ILE C 502 18.12 5.51 43.28
N ARG C 503 19.24 4.83 43.30
CA ARG C 503 19.80 4.08 44.40
C ARG C 503 20.59 5.19 45.03
N PRO C 504 20.42 5.39 46.33
CA PRO C 504 21.10 6.55 46.89
C PRO C 504 22.38 6.29 47.62
N SER C 505 22.40 5.32 48.52
CA SER C 505 23.53 5.00 49.33
C SER C 505 24.67 4.78 48.40
N LYS C 506 24.48 3.80 47.53
CA LYS C 506 25.45 3.49 46.50
C LYS C 506 25.22 4.48 45.36
N GLY C 507 26.18 4.72 44.50
CA GLY C 507 25.96 5.69 43.44
C GLY C 507 24.78 5.44 42.51
N HIS C 508 24.28 6.50 41.87
CA HIS C 508 23.13 6.36 40.95
C HIS C 508 23.38 5.45 39.81
N GLU C 509 22.33 4.86 39.28
CA GLU C 509 22.58 4.00 38.13
C GLU C 509 21.89 4.58 36.91
N SER C 510 22.67 4.77 35.84
CA SER C 510 22.15 5.22 34.57
C SER C 510 22.43 4.13 33.54
N CYS C 511 21.38 3.65 32.89
CA CYS C 511 21.48 2.62 31.88
C CYS C 511 20.75 3.07 30.62
N MET C 512 20.95 2.32 29.55
CA MET C 512 20.26 2.52 28.30
C MET C 512 19.34 1.35 28.04
N GLY C 513 18.64 1.40 26.90
CA GLY C 513 17.74 0.34 26.54
C GLY C 513 17.39 0.39 25.08
N ALA C 514 16.55 -0.55 24.67
CA ALA C 514 16.10 -0.64 23.29
C ALA C 514 14.61 -0.94 23.27
N VAL C 515 13.87 -0.19 22.47
CA VAL C 515 12.44 -0.40 22.31
C VAL C 515 12.28 -1.53 21.29
N VAL C 516 12.04 -2.75 21.76
CA VAL C 516 11.88 -3.88 20.85
C VAL C 516 10.45 -4.09 20.42
N SER C 517 9.49 -3.51 21.11
CA SER C 517 8.09 -3.62 20.75
C SER C 517 7.34 -2.44 21.35
N GLU C 518 6.02 -2.43 21.18
CA GLU C 518 5.24 -1.30 21.63
C GLU C 518 5.05 -1.26 23.13
N TYR C 519 5.19 -2.39 23.81
CA TYR C 519 5.01 -2.47 25.24
C TYR C 519 6.29 -2.82 26.00
N PHE C 520 7.36 -3.19 25.30
CA PHE C 520 8.54 -3.74 25.93
C PHE C 520 9.77 -2.88 25.64
N VAL C 521 10.73 -2.96 26.55
CA VAL C 521 12.04 -2.32 26.41
C VAL C 521 13.09 -3.31 26.90
N LEU C 522 14.12 -3.54 26.09
CA LEU C 522 15.16 -4.49 26.44
C LEU C 522 16.34 -3.77 27.07
N THR C 523 16.84 -4.29 28.17
CA THR C 523 17.95 -3.68 28.88
C THR C 523 18.74 -4.79 29.56
N ALA C 524 19.61 -4.40 30.48
CA ALA C 524 20.45 -5.34 31.21
C ALA C 524 19.99 -5.44 32.65
N ALA C 525 20.08 -6.65 33.22
CA ALA C 525 19.47 -6.90 34.51
C ALA C 525 20.21 -6.22 35.65
N HIS C 526 21.53 -6.06 35.52
CA HIS C 526 22.30 -5.49 36.61
C HIS C 526 21.92 -4.05 36.89
N CYS C 527 21.14 -3.43 36.02
CA CYS C 527 20.68 -2.08 36.28
C CYS C 527 19.69 -2.06 37.44
N PHE C 528 19.02 -3.17 37.67
CA PHE C 528 17.98 -3.24 38.70
C PHE C 528 18.41 -4.12 39.86
N THR C 529 17.58 -4.12 40.89
CA THR C 529 17.72 -4.98 42.05
C THR C 529 16.31 -5.22 42.57
N VAL C 530 16.13 -5.99 43.64
CA VAL C 530 14.82 -6.13 44.26
C VAL C 530 14.57 -5.03 45.29
N ASP C 531 15.61 -4.38 45.79
CA ASP C 531 15.41 -3.25 46.68
C ASP C 531 14.77 -2.08 45.94
N ASP C 532 15.19 -1.85 44.70
CA ASP C 532 14.67 -0.75 43.90
C ASP C 532 13.19 -0.92 43.65
N LYS C 533 12.36 -0.07 44.24
CA LYS C 533 10.94 -0.10 44.00
C LYS C 533 10.63 0.56 42.67
N GLU C 534 9.41 0.30 42.18
CA GLU C 534 9.02 0.80 40.87
C GLU C 534 9.01 2.31 40.80
N HIS C 535 9.06 3.00 41.93
CA HIS C 535 9.03 4.45 41.98
C HIS C 535 10.43 5.05 41.98
N SER C 536 11.45 4.24 41.72
CA SER C 536 12.80 4.72 41.54
C SER C 536 13.36 4.44 40.15
N ILE C 537 12.65 3.65 39.35
CA ILE C 537 13.06 3.33 37.98
C ILE C 537 12.26 4.21 37.04
N LYS C 538 12.94 5.02 36.24
CA LYS C 538 12.28 5.94 35.32
C LYS C 538 12.86 5.76 33.93
N VAL C 539 11.99 5.45 32.97
CA VAL C 539 12.38 5.16 31.60
C VAL C 539 11.90 6.30 30.71
N SER C 540 12.72 6.68 29.74
CA SER C 540 12.41 7.77 28.84
C SER C 540 12.79 7.41 27.42
N VAL C 541 11.84 7.56 26.49
CA VAL C 541 12.05 7.26 25.08
C VAL C 541 11.82 8.54 24.28
N GLY C 542 12.37 8.55 23.08
CA GLY C 542 12.15 9.66 22.17
C GLY C 542 12.72 10.97 22.64
N GLY C 543 13.54 10.93 23.68
CA GLY C 543 14.18 12.15 24.16
C GLY C 543 13.24 13.11 24.85
N GLU C 544 12.16 12.62 25.42
CA GLU C 544 11.14 13.44 26.05
C GLU C 544 11.29 13.40 27.56
N LYS C 545 10.95 14.53 28.20
CA LYS C 545 11.09 14.64 29.66
C LYS C 545 10.26 13.59 30.37
N ARG C 546 9.10 13.25 29.81
CA ARG C 546 8.18 12.35 30.50
C ARG C 546 8.81 11.01 30.76
N ASP C 547 8.65 10.51 31.97
CA ASP C 547 9.03 9.15 32.32
C ASP C 547 7.84 8.23 32.18
N LEU C 548 8.11 6.96 31.94
CA LEU C 548 7.08 6.01 31.56
C LEU C 548 6.65 5.18 32.77
N GLU C 549 5.55 4.47 32.59
CA GLU C 549 4.92 3.70 33.65
C GLU C 549 5.21 2.23 33.42
N ILE C 550 5.77 1.56 34.41
CA ILE C 550 6.27 0.19 34.27
C ILE C 550 5.27 -0.77 34.86
N GLU C 551 4.94 -1.82 34.11
CA GLU C 551 4.11 -2.89 34.63
C GLU C 551 4.94 -3.85 35.47
N VAL C 552 5.91 -4.50 34.84
CA VAL C 552 6.80 -5.44 35.53
C VAL C 552 8.13 -5.47 34.79
N VAL C 553 9.21 -5.62 35.54
CA VAL C 553 10.54 -5.82 34.99
C VAL C 553 10.87 -7.29 35.14
N LEU C 554 10.98 -8.01 34.02
CA LEU C 554 11.24 -9.43 34.00
C LEU C 554 12.73 -9.66 33.79
N PHE C 555 13.35 -10.37 34.72
CA PHE C 555 14.75 -10.74 34.58
C PHE C 555 14.85 -12.17 34.06
N HIS C 556 15.96 -12.45 33.40
CA HIS C 556 16.18 -13.79 32.88
C HIS C 556 16.14 -14.79 34.03
N PRO C 557 15.50 -15.95 33.84
CA PRO C 557 15.41 -16.91 34.94
C PRO C 557 16.74 -17.47 35.38
N ASN C 558 17.78 -17.37 34.55
CA ASN C 558 19.09 -17.90 34.87
C ASN C 558 20.08 -16.82 35.26
N TYR C 559 19.61 -15.68 35.73
CA TYR C 559 20.46 -14.56 36.08
C TYR C 559 20.68 -14.52 37.59
N ASN C 560 21.93 -14.27 37.98
CA ASN C 560 22.26 -14.06 39.39
C ASN C 560 23.61 -13.37 39.43
N ILE C 561 23.66 -12.13 39.91
CA ILE C 561 24.93 -11.45 40.08
C ILE C 561 25.63 -11.88 41.36
N ASN C 562 24.91 -12.50 42.28
CA ASN C 562 25.50 -13.04 43.48
C ASN C 562 26.21 -14.37 43.23
N GLY C 563 26.52 -14.65 41.97
CA GLY C 563 27.46 -15.71 41.67
C GLY C 563 26.99 -17.06 42.12
N LYS C 564 27.92 -17.99 42.37
CA LYS C 564 29.39 -17.84 42.33
C LYS C 564 29.98 -16.75 43.22
N LYS C 565 29.44 -16.58 44.42
CA LYS C 565 29.98 -15.64 45.38
C LYS C 565 30.90 -16.29 46.39
N GLU C 566 30.46 -17.39 47.01
CA GLU C 566 31.33 -18.15 47.90
C GLU C 566 32.39 -18.93 47.15
N ALA C 567 32.42 -18.82 45.82
CA ALA C 567 33.49 -19.38 45.02
C ALA C 567 34.58 -18.36 44.73
N GLY C 568 34.41 -17.13 45.19
CA GLY C 568 35.43 -16.12 45.03
C GLY C 568 35.29 -15.22 43.83
N ILE C 569 34.06 -14.99 43.35
CA ILE C 569 33.82 -14.11 42.21
C ILE C 569 32.72 -13.13 42.61
N PRO C 570 33.00 -11.86 42.72
CA PRO C 570 31.98 -10.92 43.22
C PRO C 570 30.78 -10.78 42.29
N GLU C 571 31.03 -10.45 41.03
CA GLU C 571 29.99 -10.25 40.03
C GLU C 571 30.01 -11.38 39.03
N PHE C 572 28.84 -11.95 38.75
CA PHE C 572 28.65 -12.98 37.75
C PHE C 572 27.54 -12.49 36.82
N TYR C 573 27.92 -11.99 35.66
CA TYR C 573 27.00 -11.33 34.75
C TYR C 573 26.38 -12.27 33.73
N ASP C 574 26.28 -13.56 34.03
CA ASP C 574 25.70 -14.47 33.06
C ASP C 574 24.20 -14.25 32.95
N TYR C 575 23.71 -14.25 31.72
CA TYR C 575 22.30 -14.01 31.41
C TYR C 575 21.85 -12.66 31.96
N ASP C 576 22.59 -11.63 31.60
CA ASP C 576 22.32 -10.27 32.08
C ASP C 576 21.44 -9.55 31.08
N VAL C 577 20.16 -9.93 31.08
CA VAL C 577 19.16 -9.31 30.23
C VAL C 577 17.89 -9.11 31.04
N ALA C 578 17.19 -8.02 30.74
CA ALA C 578 15.95 -7.69 31.41
C ALA C 578 14.97 -7.11 30.40
N LEU C 579 13.69 -7.31 30.68
CA LEU C 579 12.62 -6.80 29.83
C LEU C 579 11.69 -5.96 30.69
N ILE C 580 11.58 -4.68 30.36
CA ILE C 580 10.66 -3.77 31.02
C ILE C 580 9.35 -3.78 30.25
N LYS C 581 8.26 -4.13 30.92
CA LYS C 581 6.94 -4.08 30.32
C LYS C 581 6.29 -2.77 30.72
N LEU C 582 5.98 -1.94 29.73
CA LEU C 582 5.35 -0.66 30.00
C LEU C 582 3.86 -0.86 30.23
N LYS C 583 3.28 -0.04 31.10
CA LYS C 583 1.85 -0.13 31.35
C LYS C 583 1.07 0.36 30.14
N ASN C 584 1.39 1.55 29.66
CA ASN C 584 0.72 2.09 28.50
C ASN C 584 1.38 1.57 27.23
N LYS C 585 0.88 2.02 26.08
CA LYS C 585 1.44 1.68 24.80
C LYS C 585 2.34 2.81 24.31
N LEU C 586 3.25 2.46 23.40
CA LEU C 586 4.13 3.44 22.79
C LEU C 586 3.59 3.83 21.41
N LYS C 587 3.70 5.12 21.11
CA LYS C 587 3.18 5.68 19.87
C LYS C 587 4.35 5.89 18.92
N TYR C 588 4.51 4.96 17.98
CA TYR C 588 5.60 5.04 17.03
C TYR C 588 5.51 6.33 16.24
N GLY C 589 6.66 6.97 16.04
CA GLY C 589 6.71 8.18 15.27
C GLY C 589 8.08 8.41 14.68
N GLN C 590 8.40 9.65 14.36
CA GLN C 590 9.74 9.98 13.90
C GLN C 590 10.77 9.93 15.01
N THR C 591 10.34 9.78 16.26
CA THR C 591 11.25 9.71 17.40
C THR C 591 11.18 8.41 18.16
N ILE C 592 10.08 7.67 18.10
CA ILE C 592 9.96 6.37 18.73
C ILE C 592 9.70 5.37 17.62
N ARG C 593 10.54 4.34 17.54
CA ARG C 593 10.44 3.30 16.55
C ARG C 593 11.15 2.08 17.10
N PRO C 594 10.76 0.88 16.69
CA PRO C 594 11.37 -0.32 17.25
C PRO C 594 12.68 -0.66 16.57
N ILE C 595 13.39 -1.60 17.18
CA ILE C 595 14.63 -2.12 16.63
C ILE C 595 14.42 -3.59 16.29
N CYS C 596 15.15 -4.08 15.31
CA CYS C 596 14.99 -5.46 14.89
C CYS C 596 15.69 -6.39 15.87
N LEU C 597 15.13 -7.57 16.03
CA LEU C 597 15.66 -8.60 16.90
C LEU C 597 16.06 -9.82 16.09
N PRO C 598 16.95 -10.64 16.62
CA PRO C 598 17.40 -11.82 15.87
C PRO C 598 16.34 -12.89 15.79
N CYS C 599 16.38 -13.63 14.70
CA CYS C 599 15.51 -14.80 14.48
C CYS C 599 14.04 -14.41 14.55
N THR C 600 13.71 -13.27 13.96
CA THR C 600 12.35 -12.88 13.66
C THR C 600 12.23 -12.66 12.17
N GLU C 601 11.02 -12.84 11.62
CA GLU C 601 10.84 -12.63 10.20
C GLU C 601 11.10 -11.18 9.80
N GLY C 602 10.97 -10.24 10.73
CA GLY C 602 11.32 -8.88 10.41
C GLY C 602 12.78 -8.71 10.07
N THR C 603 13.65 -9.40 10.81
CA THR C 603 15.08 -9.33 10.51
C THR C 603 15.40 -10.08 9.23
N THR C 604 14.67 -11.16 8.95
CA THR C 604 14.84 -11.86 7.68
C THR C 604 14.49 -10.95 6.51
N ARG C 605 13.39 -10.21 6.64
CA ARG C 605 13.02 -9.23 5.62
C ARG C 605 13.97 -8.06 5.56
N ALA C 606 14.63 -7.74 6.66
CA ALA C 606 15.64 -6.68 6.67
C ALA C 606 16.92 -7.14 5.99
N LEU C 607 17.31 -8.38 6.21
CA LEU C 607 18.50 -8.95 5.59
C LEU C 607 18.27 -9.38 4.16
N ARG C 608 17.10 -9.10 3.61
CA ARG C 608 16.75 -9.41 2.23
C ARG C 608 16.97 -10.90 1.94
N LEU C 609 16.33 -11.72 2.75
CA LEU C 609 16.45 -13.17 2.68
C LEU C 609 15.10 -13.79 2.43
N PRO C 610 15.06 -15.00 1.89
CA PRO C 610 13.77 -15.65 1.65
C PRO C 610 13.11 -16.01 2.97
N PRO C 611 11.78 -16.17 2.98
CA PRO C 611 11.09 -16.52 4.22
C PRO C 611 11.45 -17.89 4.75
N THR C 612 12.10 -18.73 3.95
CA THR C 612 12.53 -20.05 4.40
C THR C 612 13.98 -19.99 4.84
N THR C 613 14.23 -19.19 5.87
CA THR C 613 15.55 -18.98 6.41
C THR C 613 15.53 -19.31 7.89
N THR C 614 16.47 -20.13 8.33
CA THR C 614 16.51 -20.57 9.71
C THR C 614 17.25 -19.57 10.58
N CYS C 615 16.97 -19.63 11.88
CA CYS C 615 17.67 -18.80 12.85
C CYS C 615 19.17 -18.96 12.75
N GLN C 616 19.64 -20.16 12.39
CA GLN C 616 21.07 -20.38 12.22
C GLN C 616 21.61 -19.60 11.03
N GLN C 617 20.83 -19.48 9.97
CA GLN C 617 21.26 -18.69 8.83
C GLN C 617 21.35 -17.22 9.21
N GLN C 618 20.39 -16.73 9.98
CA GLN C 618 20.49 -15.38 10.51
C GLN C 618 21.73 -15.21 11.36
N LYS C 619 22.10 -16.24 12.12
CA LYS C 619 23.30 -16.16 12.93
C LYS C 619 24.54 -16.02 12.07
N GLU C 620 24.69 -16.92 11.09
CA GLU C 620 25.87 -16.90 10.24
C GLU C 620 25.87 -15.74 9.26
N GLU C 621 24.78 -14.98 9.15
CA GLU C 621 24.78 -13.74 8.40
C GLU C 621 25.06 -12.52 9.26
N LEU C 622 24.59 -12.53 10.51
CA LEU C 622 24.80 -11.40 11.40
C LEU C 622 26.05 -11.58 12.24
N LEU C 623 26.30 -12.78 12.75
CA LEU C 623 27.44 -13.07 13.60
C LEU C 623 28.23 -14.22 13.01
N PRO C 624 29.04 -13.96 12.00
CA PRO C 624 29.97 -14.98 11.49
C PRO C 624 31.23 -15.01 12.35
N ALA C 625 32.09 -15.99 12.05
CA ALA C 625 33.38 -16.12 12.70
C ALA C 625 34.36 -15.15 12.05
N GLN C 626 34.21 -13.88 12.41
CA GLN C 626 34.93 -12.81 11.76
C GLN C 626 35.14 -11.70 12.79
N ASP C 627 35.38 -10.49 12.29
CA ASP C 627 35.58 -9.32 13.13
C ASP C 627 34.44 -8.35 12.89
N ILE C 628 33.22 -8.87 12.98
CA ILE C 628 31.97 -8.17 12.67
C ILE C 628 31.96 -6.73 13.15
N LYS C 629 31.62 -5.82 12.25
CA LYS C 629 31.56 -4.39 12.55
C LYS C 629 30.20 -4.07 13.15
N ALA C 630 30.17 -3.85 14.45
CA ALA C 630 28.97 -3.50 15.18
C ALA C 630 29.00 -2.01 15.52
N LEU C 631 28.03 -1.57 16.31
CA LEU C 631 28.02 -0.20 16.81
C LEU C 631 27.13 -0.13 18.03
N PHE C 632 27.22 1.00 18.72
CA PHE C 632 26.34 1.30 19.84
C PHE C 632 26.23 2.81 19.96
N VAL C 633 25.41 3.26 20.91
CA VAL C 633 25.14 4.67 21.10
C VAL C 633 25.58 5.06 22.51
N SER C 634 26.12 6.27 22.63
CA SER C 634 26.71 6.74 23.88
C SER C 634 26.17 8.11 24.25
N GLU C 635 26.01 8.32 25.56
CA GLU C 635 25.67 9.62 26.12
C GLU C 635 26.93 10.46 26.18
N GLU C 636 26.90 11.62 25.53
CA GLU C 636 28.01 12.57 25.58
C GLU C 636 27.41 13.96 25.70
N GLU C 637 27.38 14.47 26.94
CA GLU C 637 26.84 15.80 27.25
C GLU C 637 25.46 16.00 26.61
N LYS C 638 24.51 15.18 27.05
CA LYS C 638 23.12 15.20 26.59
C LYS C 638 22.97 14.86 25.11
N LYS C 639 24.04 14.42 24.46
CA LYS C 639 24.01 14.13 23.03
C LYS C 639 24.16 12.64 22.81
N LEU C 640 23.55 12.14 21.74
CA LEU C 640 23.60 10.73 21.38
C LEU C 640 24.61 10.58 20.25
N THR C 641 25.72 9.88 20.52
CA THR C 641 26.73 9.67 19.50
C THR C 641 26.85 8.19 19.17
N ARG C 642 27.02 7.90 17.89
CA ARG C 642 27.16 6.53 17.41
C ARG C 642 28.63 6.15 17.47
N LYS C 643 28.98 5.25 18.38
CA LYS C 643 30.34 4.73 18.47
C LYS C 643 30.40 3.40 17.74
N GLU C 644 31.44 3.23 16.93
CA GLU C 644 31.54 2.12 15.99
C GLU C 644 32.62 1.17 16.48
N VAL C 645 32.24 -0.07 16.73
CA VAL C 645 33.18 -1.06 17.27
C VAL C 645 33.20 -2.31 16.42
N TYR C 646 33.98 -3.30 16.83
CA TYR C 646 34.12 -4.56 16.12
C TYR C 646 34.04 -5.70 17.11
N ILE C 647 33.31 -6.76 16.75
CA ILE C 647 33.13 -7.90 17.61
C ILE C 647 34.14 -8.97 17.25
N LYS C 648 35.02 -9.29 18.18
CA LYS C 648 36.07 -10.28 17.96
C LYS C 648 35.45 -11.66 18.10
N ASN C 649 35.01 -12.23 16.99
CA ASN C 649 34.38 -13.54 17.01
C ASN C 649 35.10 -14.57 16.15
N GLY C 650 36.21 -14.20 15.52
CA GLY C 650 36.93 -15.15 14.70
C GLY C 650 38.13 -15.73 15.42
N ASP C 651 39.32 -15.29 15.03
CA ASP C 651 40.55 -15.79 15.61
C ASP C 651 41.02 -14.96 16.80
N LYS C 652 40.40 -13.82 17.07
CA LYS C 652 40.78 -12.97 18.19
C LYS C 652 39.86 -13.12 19.38
N LYS C 653 38.88 -14.02 19.30
CA LYS C 653 37.87 -14.14 20.35
C LYS C 653 38.50 -14.54 21.68
N GLY C 654 39.37 -15.55 21.66
CA GLY C 654 40.02 -15.97 22.88
C GLY C 654 40.93 -14.91 23.44
N SER C 655 41.60 -14.15 22.56
CA SER C 655 42.44 -13.05 23.01
C SER C 655 41.63 -11.97 23.68
N CYS C 656 40.41 -11.75 23.21
CA CYS C 656 39.52 -10.78 23.85
C CYS C 656 39.09 -11.28 25.22
N GLU C 657 38.57 -12.51 25.27
CA GLU C 657 38.11 -13.07 26.54
C GLU C 657 39.24 -13.20 27.56
N ARG C 658 40.49 -13.34 27.09
CA ARG C 658 41.61 -13.50 28.00
C ARG C 658 41.86 -12.25 28.83
N ASP C 659 41.54 -11.09 28.28
CA ASP C 659 41.80 -9.83 28.97
C ASP C 659 40.77 -9.53 30.04
N ALA C 660 39.97 -10.51 30.43
CA ALA C 660 38.99 -10.34 31.49
C ALA C 660 39.61 -10.47 32.88
N GLN C 661 40.89 -10.79 32.97
CA GLN C 661 41.55 -10.90 34.27
C GLN C 661 42.03 -9.56 34.80
N TYR C 662 42.01 -8.52 33.98
CA TYR C 662 42.30 -7.17 34.44
C TYR C 662 41.08 -6.49 35.04
N ALA C 663 40.00 -7.21 35.17
CA ALA C 663 38.70 -6.78 35.66
C ALA C 663 38.62 -6.93 37.16
N PRO C 664 37.81 -6.10 37.81
CA PRO C 664 37.76 -6.13 39.29
C PRO C 664 37.26 -7.48 39.80
N GLY C 665 37.99 -8.01 40.78
CA GLY C 665 37.64 -9.29 41.35
C GLY C 665 37.91 -10.48 40.47
N TYR C 666 38.55 -10.29 39.32
CA TYR C 666 38.81 -11.37 38.39
C TYR C 666 40.29 -11.68 38.24
N ASP C 667 41.16 -11.07 39.03
CA ASP C 667 42.59 -11.24 38.81
C ASP C 667 43.12 -12.56 39.31
N LYS C 668 42.34 -13.35 40.04
CA LYS C 668 42.80 -14.60 40.59
C LYS C 668 41.89 -15.76 40.21
N VAL C 669 41.05 -15.60 39.19
CA VAL C 669 40.17 -16.67 38.75
C VAL C 669 40.99 -17.64 37.90
N LYS C 670 40.90 -18.93 38.24
CA LYS C 670 41.68 -19.92 37.52
C LYS C 670 41.21 -20.05 36.08
N ASP C 671 39.94 -20.41 35.90
CA ASP C 671 39.36 -20.60 34.57
C ASP C 671 38.60 -19.34 34.19
N ILE C 672 39.03 -18.70 33.11
CA ILE C 672 38.36 -17.48 32.65
C ILE C 672 37.02 -17.77 32.00
N SER C 673 36.76 -19.01 31.63
CA SER C 673 35.46 -19.39 31.09
C SER C 673 34.40 -19.53 32.16
N GLU C 674 34.75 -19.30 33.42
CA GLU C 674 33.80 -19.25 34.51
C GLU C 674 33.19 -17.87 34.67
N VAL C 675 33.75 -16.86 34.01
CA VAL C 675 33.19 -15.52 34.04
C VAL C 675 32.84 -15.00 32.66
N VAL C 676 33.44 -15.52 31.60
CA VAL C 676 33.11 -15.14 30.24
C VAL C 676 32.50 -16.37 29.59
N THR C 677 31.19 -16.44 29.61
CA THR C 677 30.42 -17.61 29.23
C THR C 677 30.03 -17.51 27.76
N PRO C 678 29.54 -18.61 27.16
CA PRO C 678 29.18 -18.59 25.74
C PRO C 678 28.08 -17.59 25.39
N ARG C 679 27.55 -16.91 26.40
CA ARG C 679 26.51 -15.91 26.23
C ARG C 679 27.09 -14.53 26.04
N PHE C 680 28.33 -14.42 25.60
CA PHE C 680 29.03 -13.15 25.56
C PHE C 680 29.73 -12.93 24.23
N LEU C 681 29.61 -11.71 23.74
CA LEU C 681 30.40 -11.19 22.65
C LEU C 681 31.37 -10.15 23.20
N CYS C 682 32.54 -10.06 22.59
CA CYS C 682 33.60 -9.20 23.09
C CYS C 682 33.95 -8.15 22.04
N THR C 683 34.02 -6.89 22.46
CA THR C 683 34.53 -5.82 21.62
C THR C 683 35.61 -5.08 22.39
N GLY C 684 36.27 -4.16 21.71
CA GLY C 684 37.31 -3.36 22.32
C GLY C 684 38.69 -3.83 21.90
N GLY C 685 39.68 -3.08 22.36
CA GLY C 685 41.05 -3.40 22.08
C GLY C 685 41.66 -2.48 21.05
N VAL C 686 42.83 -2.90 20.56
CA VAL C 686 43.61 -2.11 19.62
C VAL C 686 43.94 -2.96 18.41
N SER C 687 43.17 -4.03 18.21
CA SER C 687 43.39 -4.92 17.10
C SER C 687 42.03 -5.46 16.65
N PRO C 688 41.68 -5.34 15.38
CA PRO C 688 42.52 -4.77 14.32
C PRO C 688 42.44 -3.26 14.25
N TYR C 689 41.58 -2.68 15.08
CA TYR C 689 41.39 -1.24 15.07
C TYR C 689 41.26 -0.75 16.50
N ALA C 690 41.39 0.56 16.66
CA ALA C 690 41.25 1.21 17.95
C ALA C 690 39.77 1.40 18.25
N ASP C 691 39.19 0.40 18.92
CA ASP C 691 37.78 0.45 19.25
C ASP C 691 37.53 1.48 20.34
N PRO C 692 36.42 2.20 20.28
CA PRO C 692 36.01 3.02 21.41
C PRO C 692 35.36 2.16 22.49
N ASN C 693 35.43 2.63 23.72
CA ASN C 693 34.91 1.87 24.83
C ASN C 693 33.54 2.41 25.26
N THR C 694 32.90 1.67 26.15
CA THR C 694 31.59 2.01 26.64
C THR C 694 31.68 2.81 27.93
N CYS C 695 30.61 3.54 28.22
CA CYS C 695 30.52 4.31 29.44
C CYS C 695 29.73 3.55 30.51
N ARG C 696 29.83 4.04 31.74
CA ARG C 696 29.00 3.52 32.80
C ARG C 696 27.52 3.68 32.48
N GLY C 697 27.17 4.76 31.78
CA GLY C 697 25.81 5.01 31.38
C GLY C 697 25.39 4.35 30.09
N ASP C 698 26.34 3.87 29.31
CA ASP C 698 26.03 3.11 28.11
C ASP C 698 25.66 1.67 28.42
N SER C 699 25.59 1.29 29.70
CA SER C 699 25.25 -0.07 30.07
C SER C 699 23.80 -0.36 29.71
N GLY C 700 23.54 -1.57 29.24
CA GLY C 700 22.22 -1.99 28.87
C GLY C 700 21.79 -1.61 27.48
N GLY C 701 22.49 -0.69 26.82
CA GLY C 701 22.15 -0.28 25.49
C GLY C 701 22.33 -1.39 24.49
N PRO C 702 21.68 -1.26 23.34
CA PRO C 702 21.78 -2.31 22.33
C PRO C 702 23.10 -2.27 21.61
N LEU C 703 23.61 -3.45 21.30
CA LEU C 703 24.77 -3.63 20.44
C LEU C 703 24.26 -3.95 19.05
N ILE C 704 24.39 -2.99 18.14
CA ILE C 704 23.67 -3.02 16.87
C ILE C 704 24.62 -3.39 15.74
N VAL C 705 24.09 -4.11 14.76
CA VAL C 705 24.77 -4.42 13.52
C VAL C 705 24.01 -3.72 12.40
N HIS C 706 24.75 -3.01 11.55
CA HIS C 706 24.18 -2.20 10.49
C HIS C 706 24.35 -2.96 9.19
N LYS C 707 23.27 -3.56 8.69
CA LYS C 707 23.34 -4.36 7.48
C LYS C 707 22.12 -4.10 6.62
N ARG C 708 22.36 -4.06 5.31
CA ARG C 708 21.34 -3.76 4.30
C ARG C 708 20.50 -2.56 4.73
N SER C 709 21.19 -1.52 5.20
CA SER C 709 20.58 -0.24 5.58
C SER C 709 19.57 -0.39 6.70
N ARG C 710 19.68 -1.44 7.51
CA ARG C 710 18.82 -1.63 8.66
C ARG C 710 19.66 -1.97 9.86
N PHE C 711 19.08 -1.75 11.05
CA PHE C 711 19.77 -1.90 12.32
C PHE C 711 19.20 -3.09 13.07
N ILE C 712 20.02 -4.11 13.29
CA ILE C 712 19.61 -5.31 14.00
C ILE C 712 20.35 -5.37 15.32
N GLN C 713 19.62 -5.59 16.41
CA GLN C 713 20.26 -5.72 17.71
C GLN C 713 20.73 -7.15 17.90
N VAL C 714 22.01 -7.32 18.23
CA VAL C 714 22.58 -8.63 18.44
C VAL C 714 23.09 -8.83 19.86
N GLY C 715 23.18 -7.78 20.66
CA GLY C 715 23.71 -7.92 22.01
C GLY C 715 23.19 -6.83 22.92
N VAL C 716 23.36 -7.08 24.22
CA VAL C 716 23.04 -6.13 25.27
C VAL C 716 24.32 -5.81 26.02
N ILE C 717 24.68 -4.54 26.09
CA ILE C 717 25.91 -4.16 26.77
C ILE C 717 25.82 -4.56 28.23
N SER C 718 26.77 -5.39 28.68
CA SER C 718 26.72 -5.95 30.03
C SER C 718 27.81 -5.40 30.94
N TRP C 719 29.09 -5.52 30.56
CA TRP C 719 30.11 -5.02 31.48
C TRP C 719 31.38 -4.70 30.72
N GLY C 720 32.35 -4.15 31.45
CA GLY C 720 33.61 -3.76 30.87
C GLY C 720 34.76 -4.05 31.83
N VAL C 721 35.94 -4.23 31.25
CA VAL C 721 37.10 -4.60 32.05
C VAL C 721 37.57 -3.41 32.87
N VAL C 722 37.66 -2.23 32.25
CA VAL C 722 38.09 -1.02 32.94
C VAL C 722 37.12 0.09 32.58
N ASP C 723 36.93 1.03 33.50
CA ASP C 723 35.99 2.13 33.31
C ASP C 723 36.76 3.42 33.14
N VAL C 724 36.95 3.84 31.89
CA VAL C 724 37.73 5.04 31.60
C VAL C 724 37.03 5.93 30.60
N CYS C 725 35.70 5.82 30.49
CA CYS C 725 35.03 6.15 29.24
C CYS C 725 35.20 7.61 28.84
N LYS C 726 34.95 8.55 29.76
CA LYS C 726 34.96 9.97 29.40
C LYS C 726 36.40 10.42 29.18
N ASN C 727 36.93 9.92 28.09
CA ASN C 727 38.28 10.23 27.70
C ASN C 727 38.30 10.67 26.26
N GLN C 733 45.46 8.34 26.87
CA GLN C 733 46.12 7.06 26.73
C GLN C 733 45.19 6.06 27.35
N VAL C 734 44.97 4.93 26.72
CA VAL C 734 43.97 3.99 27.23
C VAL C 734 44.47 2.57 27.00
N PRO C 735 44.32 1.68 27.97
CA PRO C 735 44.97 0.37 27.88
C PRO C 735 44.42 -0.48 26.75
N ALA C 736 45.22 -1.46 26.35
CA ALA C 736 44.86 -2.37 25.28
C ALA C 736 44.07 -3.58 25.77
N HIS C 737 43.95 -3.77 27.07
CA HIS C 737 43.09 -4.79 27.65
C HIS C 737 41.71 -4.25 27.98
N ALA C 738 41.42 -3.02 27.58
CA ALA C 738 40.12 -2.42 27.86
C ALA C 738 39.11 -2.98 26.88
N ARG C 739 38.50 -4.10 27.25
CA ARG C 739 37.48 -4.75 26.46
C ARG C 739 36.12 -4.53 27.09
N ASP C 740 35.08 -4.82 26.31
CA ASP C 740 33.70 -4.76 26.76
C ASP C 740 33.01 -6.04 26.37
N PHE C 741 32.14 -6.54 27.24
CA PHE C 741 31.42 -7.78 27.01
C PHE C 741 29.93 -7.50 27.01
N HIS C 742 29.25 -8.13 26.05
CA HIS C 742 27.83 -7.95 25.80
C HIS C 742 27.15 -9.30 25.76
N ILE C 743 25.87 -9.33 26.08
CA ILE C 743 25.13 -10.58 26.08
C ILE C 743 24.65 -10.88 24.67
N ASN C 744 25.06 -12.03 24.15
CA ASN C 744 24.62 -12.45 22.82
C ASN C 744 23.14 -12.75 22.85
N LEU C 745 22.36 -12.01 22.07
CA LEU C 745 20.92 -12.20 22.07
C LEU C 745 20.50 -13.50 21.40
N PHE C 746 21.40 -14.16 20.68
CA PHE C 746 21.10 -15.46 20.12
C PHE C 746 21.10 -16.56 21.16
N GLN C 747 21.73 -16.32 22.30
CA GLN C 747 21.83 -17.34 23.34
C GLN C 747 20.74 -17.22 24.39
N VAL C 748 19.97 -16.15 24.37
CA VAL C 748 18.89 -15.96 25.32
C VAL C 748 17.57 -15.93 24.55
N LEU C 749 17.53 -16.64 23.44
CA LEU C 749 16.40 -16.59 22.51
C LEU C 749 15.13 -17.25 23.05
N PRO C 750 15.20 -18.42 23.71
CA PRO C 750 13.96 -18.99 24.23
C PRO C 750 13.24 -18.08 25.20
N TRP C 751 13.99 -17.37 26.04
CA TRP C 751 13.36 -16.44 26.97
C TRP C 751 12.68 -15.31 26.24
N LEU C 752 13.36 -14.73 25.25
CA LEU C 752 12.77 -13.65 24.46
C LEU C 752 11.51 -14.11 23.76
N LYS C 753 11.56 -15.30 23.15
CA LYS C 753 10.40 -15.83 22.45
C LYS C 753 9.24 -16.06 23.40
N GLU C 754 9.51 -16.62 24.58
CA GLU C 754 8.47 -16.89 25.55
C GLU C 754 7.84 -15.61 26.07
N LYS C 755 8.65 -14.57 26.26
CA LYS C 755 8.15 -13.35 26.89
C LYS C 755 7.54 -12.37 25.90
N LEU C 756 7.90 -12.46 24.61
CA LEU C 756 7.38 -11.56 23.61
C LEU C 756 6.47 -12.27 22.61
N GLN C 757 5.90 -13.40 22.99
CA GLN C 757 5.11 -14.21 22.07
C GLN C 757 3.89 -13.48 21.55
N ASP C 758 3.45 -12.42 22.23
CA ASP C 758 2.23 -11.71 21.88
C ASP C 758 2.53 -10.26 21.51
N GLU C 759 3.63 -10.03 20.80
CA GLU C 759 3.99 -8.69 20.36
C GLU C 759 4.10 -8.58 18.85
N ASP C 760 3.62 -9.57 18.12
CA ASP C 760 3.57 -9.57 16.66
C ASP C 760 4.95 -9.44 16.05
N LEU C 761 5.96 -10.03 16.69
CA LEU C 761 7.30 -10.00 16.13
C LEU C 761 7.58 -11.16 15.19
N GLY C 762 6.69 -12.14 15.12
CA GLY C 762 6.83 -13.24 14.20
C GLY C 762 8.13 -13.99 14.37
N PHE C 763 8.42 -14.41 15.59
CA PHE C 763 9.67 -15.08 15.88
C PHE C 763 9.80 -16.34 15.03
N LEU C 764 11.03 -16.62 14.62
CA LEU C 764 11.32 -17.78 13.80
C LEU C 764 11.32 -19.02 14.68
P OMG D 1 79.92 34.01 -21.90
OP1 OMG D 1 81.17 33.51 -21.18
OP2 OMG D 1 79.88 34.27 -23.41
O5' OMG D 1 78.70 33.03 -21.57
C5' OMG D 1 77.99 33.09 -20.33
C4' OMG D 1 76.99 31.95 -20.16
O4' OMG D 1 77.65 30.78 -19.57
C3' OMG D 1 75.79 32.25 -19.23
O3' OMG D 1 74.59 31.55 -19.67
C2' OMG D 1 76.28 31.62 -17.92
O2' OMG D 1 75.32 31.42 -16.87
CM2 OMG D 1 74.35 30.42 -16.87
C1' OMG D 1 76.81 30.34 -18.53
N9 OMG D 1 77.33 29.25 -17.73
C8 OMG D 1 77.95 28.54 -18.69
N7 OMG D 1 78.37 27.38 -18.15
C5 OMG D 1 77.94 27.40 -16.89
C6 OMG D 1 78.14 26.34 -15.84
O6 OMG D 1 78.76 25.40 -16.17
N1 OMG D 1 77.59 26.52 -14.52
C2 OMG D 1 76.84 27.73 -14.21
N2 OMG D 1 76.31 27.85 -12.88
N3 OMG D 1 76.64 28.77 -15.24
C4 OMG D 1 77.23 28.54 -16.61
N1 OMC D 2 74.99 26.28 -18.74
C2 OMC D 2 75.53 25.13 -18.01
N3 OMC D 2 75.12 24.99 -16.62
C4 OMC D 2 74.23 25.84 -15.86
C5 OMC D 2 73.65 27.01 -16.56
C6 OMC D 2 74.06 27.19 -18.01
O2 OMC D 2 76.27 24.37 -18.51
N4 OMC D 2 74.03 25.45 -14.44
C1' OMC D 2 75.49 26.32 -20.14
C2' OMC D 2 74.73 25.36 -21.04
O2' OMC D 2 75.59 24.80 -22.02
CM2 OMC D 2 76.43 25.60 -22.85
C3' OMC D 2 73.66 26.26 -21.66
C4' OMC D 2 74.14 27.73 -21.43
O4' OMC D 2 75.37 27.61 -20.68
O3' OMC D 2 73.42 25.92 -23.02
C5' OMC D 2 73.19 28.66 -20.67
O5' OMC D 2 73.10 30.01 -21.16
P OMC D 2 74.31 31.06 -21.20
OP1 OMC D 2 75.52 30.32 -21.77
OP2 OMC D 2 73.65 32.18 -21.95
C2 85Y D 3 72.22 22.29 -16.88
C20 85Y D 3 70.64 26.20 -18.74
C24 85Y D 3 68.14 27.58 -17.41
C30 85Y D 3 66.61 25.64 -14.66
C33 85Y D 3 64.69 25.38 -16.70
C4 85Y D 3 71.24 24.43 -16.62
C5 85Y D 3 71.25 24.79 -18.21
C23 85Y D 3 69.35 28.32 -17.89
C25 85Y D 3 67.96 26.96 -16.19
C26 85Y D 3 66.79 26.23 -15.95
O4 85Y D 3 70.83 25.27 -15.92
N3 85Y D 3 71.69 23.32 -16.06
O2 85Y D 3 72.62 21.32 -16.42
C6 85Y D 3 71.71 23.84 -19.06
N1 85Y D 3 72.24 22.52 -18.41
C1' 85Y D 3 72.77 21.47 -19.26
O4' 85Y D 3 73.40 22.03 -20.65
C2' 85Y D 3 71.77 20.75 -19.62
C3' 85Y D 3 72.21 20.21 -20.95
O3' 85Y D 3 73.16 19.27 -20.66
C4' 85Y D 3 72.74 21.50 -21.62
C5' 85Y D 3 71.63 22.48 -22.28
O5' 85Y D 3 72.65 23.50 -22.63
P 85Y D 3 72.24 24.90 -23.36
OP2 85Y D 3 70.99 25.54 -22.71
O21 85Y D 3 70.70 26.58 -19.87
N22 85Y D 3 70.05 27.02 -17.74
C27 85Y D 3 65.85 26.12 -16.96
C28 85Y D 3 66.06 26.72 -18.23
C29 85Y D 3 67.23 27.43 -18.47
C31 85Y D 3 65.46 24.93 -14.41
C32 85Y D 3 64.51 24.81 -15.42
OP1 85Y D 3 72.08 24.73 -24.92
P OMG D 4 73.56 18.12 -21.71
OP1 OMG D 4 74.76 17.35 -21.20
OP2 OMG D 4 73.70 18.76 -23.07
O5' OMG D 4 72.36 17.07 -21.64
C5' OMG D 4 71.17 17.29 -22.36
C4' OMG D 4 70.60 16.03 -22.93
O4' OMG D 4 69.50 16.45 -23.78
C3' OMG D 4 71.51 15.24 -23.84
O3' OMG D 4 70.92 13.96 -24.13
C2' OMG D 4 71.42 16.05 -25.12
O2' OMG D 4 71.86 15.36 -26.28
CM2 OMG D 4 71.00 15.29 -27.40
C1' OMG D 4 69.90 16.36 -25.14
N9 OMG D 4 69.47 17.58 -25.80
C8 OMG D 4 70.26 18.57 -25.44
N7 OMG D 4 69.77 19.65 -26.06
C5 OMG D 4 68.69 19.30 -26.75
C6 OMG D 4 67.74 20.11 -27.63
O6 OMG D 4 67.96 21.28 -27.78
N1 OMG D 4 66.63 19.46 -28.25
C2 OMG D 4 66.39 18.05 -28.04
N2 OMG D 4 65.26 17.45 -28.70
N3 OMG D 4 67.29 17.28 -27.24
C4 OMG D 4 68.46 17.98 -26.59
C2 85Y D 9 52.09 10.55 -3.68
C20 85Y D 9 54.19 14.50 -2.77
C24 85Y D 9 52.30 16.79 -0.92
C30 85Y D 9 48.83 15.50 -0.75
C33 85Y D 9 49.09 16.74 1.71
C4 85Y D 9 51.92 12.83 -3.19
C5 85Y D 9 53.53 13.07 -3.16
C23 85Y D 9 53.53 16.84 -1.78
C25 85Y D 9 51.11 16.16 -1.24
C26 85Y D 9 50.03 16.15 -0.37
O4 85Y D 9 51.23 13.75 -3.01
N3 85Y D 9 51.32 11.71 -3.45
O2 85Y D 9 51.62 9.54 -3.92
C6 85Y D 9 54.34 12.00 -3.34
N1 85Y D 9 53.61 10.64 -3.65
C1' 85Y D 9 54.39 9.45 -3.92
O4' 85Y D 9 55.92 9.97 -4.02
C2' 85Y D 9 54.10 8.90 -5.09
C3' 85Y D 9 55.46 8.56 -5.66
O3' 85Y D 9 56.06 7.50 -5.05
C4' 85Y D 9 56.25 9.80 -5.24
C5' 85Y D 9 55.71 10.97 -6.06
O5' 85Y D 9 56.88 11.56 -6.57
P 85Y D 9 57.59 12.86 -5.88
OP2 85Y D 9 58.25 12.53 -4.52
O21 85Y D 9 55.35 14.72 -2.80
N22 85Y D 9 53.28 15.48 -2.29
C27 85Y D 9 50.18 16.77 0.85
C28 85Y D 9 51.42 17.41 1.20
C29 85Y D 9 52.49 17.41 0.31
C31 85Y D 9 47.75 15.47 0.09
C32 85Y D 9 47.90 16.09 1.33
OP1 85Y D 9 56.78 14.22 -5.93
C2 85Y D 15 65.72 16.80 -22.34
C20 85Y D 15 66.85 14.14 -25.79
C24 85Y D 15 69.27 12.21 -27.61
C30 85Y D 15 71.47 10.37 -30.06
C33 85Y D 15 69.76 11.78 -31.77
C4 85Y D 15 66.84 14.92 -23.08
C5 85Y D 15 66.33 15.12 -24.64
C23 85Y D 15 68.94 12.39 -26.12
C25 85Y D 15 70.27 11.37 -28.14
C26 85Y D 15 70.44 11.22 -29.54
O4 85Y D 15 67.52 13.99 -22.77
N3 85Y D 15 66.53 15.69 -22.08
O2 85Y D 15 65.45 17.47 -21.47
C6 85Y D 15 65.58 16.20 -24.99
N1 85Y D 15 65.20 17.10 -23.77
C1' 85Y D 15 64.42 18.30 -23.95
O4' 85Y D 15 62.95 18.01 -24.50
C2' 85Y D 15 64.98 19.02 -24.87
C3' 85Y D 15 63.87 19.73 -25.62
O3' 85Y D 15 63.96 21.09 -25.48
C4' 85Y D 15 62.60 19.18 -24.91
C5' 85Y D 15 61.46 19.03 -25.93
O5' 85Y D 15 61.99 18.09 -26.86
P 85Y D 15 60.83 17.32 -27.67
OP2 85Y D 15 60.56 18.20 -28.90
O21 85Y D 15 66.31 14.11 -26.81
N22 85Y D 15 68.04 13.39 -25.46
C27 85Y D 15 69.60 11.92 -30.39
C28 85Y D 15 68.58 12.78 -29.84
C29 85Y D 15 68.42 12.92 -28.46
C31 85Y D 15 71.62 10.25 -31.41
C32 85Y D 15 70.78 10.94 -32.27
OP1 85Y D 15 59.55 17.13 -26.81
P OMG D 17 58.88 25.05 -22.20
OP1 OMG D 17 57.44 25.39 -21.85
OP2 OMG D 17 59.33 25.19 -23.65
O5' OMG D 17 59.76 25.94 -21.19
C5' OMG D 17 59.21 26.38 -19.97
C4' OMG D 17 59.71 25.55 -18.83
O4' OMG D 17 61.11 25.85 -18.62
C3' OMG D 17 59.01 25.78 -17.49
O3' OMG D 17 59.13 24.61 -16.71
C2' OMG D 17 59.91 26.82 -16.84
O2' OMG D 17 59.79 26.89 -15.42
CM2 OMG D 17 60.73 26.20 -14.64
C1' OMG D 17 61.29 26.34 -17.30
N9 OMG D 17 62.31 27.38 -17.32
C8 OMG D 17 62.41 27.95 -18.54
N7 OMG D 17 63.39 28.89 -18.46
C5 OMG D 17 63.84 28.88 -17.20
C6 OMG D 17 64.92 29.69 -16.47
O6 OMG D 17 65.53 30.53 -17.07
N1 OMG D 17 65.19 29.43 -15.08
C2 OMG D 17 64.46 28.43 -14.33
N2 OMG D 17 64.74 28.18 -12.94
N3 OMG D 17 63.44 27.67 -15.02
C4 OMG D 17 63.16 27.95 -16.48
P OMG D 18 57.87 23.69 -16.40
OP1 OMG D 18 56.60 24.52 -16.27
OP2 OMG D 18 58.39 22.86 -15.24
O5' OMG D 18 57.72 22.86 -17.75
C5' OMG D 18 56.89 23.33 -18.79
C4' OMG D 18 56.27 22.20 -19.56
O4' OMG D 18 57.30 21.28 -19.96
C3' OMG D 18 55.26 21.31 -18.83
O3' OMG D 18 53.96 21.89 -18.72
C2' OMG D 18 55.29 20.02 -19.66
O2' OMG D 18 54.46 20.13 -20.80
CM2 OMG D 18 54.88 19.33 -21.90
C1' OMG D 18 56.76 19.99 -20.14
N9 OMG D 18 57.53 18.99 -19.38
C8 OMG D 18 58.34 19.45 -18.39
N7 OMG D 18 58.90 18.37 -17.80
C5 OMG D 18 58.41 17.28 -18.43
C6 OMG D 18 58.60 15.77 -18.29
O6 OMG D 18 59.34 15.34 -17.46
N1 OMG D 18 57.89 14.88 -19.16
C2 OMG D 18 56.99 15.38 -20.16
N2 OMG D 18 56.26 14.52 -21.06
N3 OMG D 18 56.82 16.80 -20.30
C4 OMG D 18 57.56 17.70 -19.40
C2 85Y D 21 42.25 8.35 -10.58
C20 85Y D 21 46.03 5.73 -11.30
C24 85Y D 21 47.94 4.09 -9.52
C30 85Y D 21 50.53 6.42 -8.04
C33 85Y D 21 48.90 5.95 -5.81
C4 85Y D 21 43.10 6.12 -10.91
C5 85Y D 21 44.67 6.61 -11.11
C23 85Y D 21 47.28 3.39 -10.73
C25 85Y D 21 49.06 4.95 -9.38
C26 85Y D 21 49.39 5.57 -8.15
O4 85Y D 21 42.83 4.95 -10.98
N3 85Y D 21 42.07 6.94 -10.69
O2 85Y D 21 41.42 9.10 -10.38
C6 85Y D 21 44.91 7.95 -10.99
N1 85Y D 21 43.69 8.91 -10.75
C1' 85Y D 21 43.83 10.35 -10.59
O4' 85Y D 21 44.37 11.10 -11.89
C2' 85Y D 21 44.71 10.65 -9.67
C3' 85Y D 21 44.95 12.10 -9.89
O3' 85Y D 21 43.93 12.75 -9.27
C4' 85Y D 21 44.82 12.22 -11.43
C5' 85Y D 21 46.20 12.56 -12.09
O5' 85Y D 21 47.05 11.42 -12.18
P 85Y D 21 47.91 11.06 -13.55
OP2 85Y D 21 47.08 11.20 -14.85
O21 85Y D 21 46.95 6.31 -11.78
N22 85Y D 21 46.11 4.35 -10.80
C27 85Y D 21 48.58 5.34 -7.05
C28 85Y D 21 47.44 4.49 -7.19
C29 85Y D 21 47.13 3.87 -8.40
C31 85Y D 21 50.84 7.00 -6.82
C32 85Y D 21 50.03 6.78 -5.70
OP1 85Y D 21 48.48 9.59 -13.45
C2 85Y D 23 53.36 15.26 -5.93
C20 85Y D 23 49.79 12.63 -6.83
C24 85Y D 23 47.66 9.62 -7.29
C30 85Y D 23 44.95 7.08 -7.79
C33 85Y D 23 43.71 8.87 -6.06
C4 85Y D 23 52.59 13.14 -6.48
C5 85Y D 23 51.00 13.60 -6.43
C23 85Y D 23 49.08 10.09 -7.55
C25 85Y D 23 46.99 8.47 -7.77
C26 85Y D 23 45.65 8.22 -7.35
O4 85Y D 23 52.86 12.02 -6.73
N3 85Y D 23 53.61 13.90 -6.22
O2 85Y D 23 54.15 16.01 -5.70
C6 85Y D 23 50.73 14.92 -6.19
N1 85Y D 23 51.97 15.83 -5.88
C1' 85Y D 23 51.94 17.24 -5.57
O4' 85Y D 23 51.33 17.49 -4.11
C2' 85Y D 23 51.19 17.89 -6.44
C3' 85Y D 23 50.62 19.07 -5.65
O3' 85Y D 23 51.49 20.13 -5.49
C4' 85Y D 23 50.42 18.42 -4.23
C5' 85Y D 23 48.96 17.89 -4.02
O5' 85Y D 23 48.55 17.36 -5.29
P 85Y D 23 47.02 17.45 -5.90
OP2 85Y D 23 46.99 16.71 -7.26
O21 85Y D 23 48.75 13.16 -7.04
N22 85Y D 23 49.95 11.21 -7.03
C27 85Y D 23 45.00 9.11 -6.47
C28 85Y D 23 45.69 10.25 -5.99
C29 85Y D 23 47.01 10.48 -6.41
C31 85Y D 23 43.65 6.86 -7.37
C32 85Y D 23 43.01 7.74 -6.52
OP1 85Y D 23 46.47 18.91 -5.97
C2 85Y D 26 66.68 18.63 -13.60
C20 85Y D 26 63.31 21.43 -14.60
C24 85Y D 26 62.32 21.96 -18.03
C30 85Y D 26 63.76 23.96 -20.88
C33 85Y D 26 64.51 21.34 -21.57
C4 85Y D 26 65.24 19.49 -15.18
C5 85Y D 26 64.53 20.53 -14.12
C23 85Y D 26 61.63 21.82 -16.69
C25 85Y D 26 62.68 23.05 -18.83
C26 85Y D 26 63.41 22.85 -20.04
O4 85Y D 26 64.89 19.47 -16.29
N3 85Y D 26 66.20 18.64 -14.93
O2 85Y D 26 67.51 17.97 -13.25
C6 85Y D 26 64.94 20.57 -12.82
N1 85Y D 26 66.10 19.55 -12.53
C1' 85Y D 26 66.78 19.32 -11.27
O4' 85Y D 26 65.80 19.47 -10.01
C2' 85Y D 26 67.76 20.14 -11.13
C3' 85Y D 26 67.75 20.58 -9.67
O3' 85Y D 26 68.64 19.89 -8.90
C4' 85Y D 26 66.31 20.34 -9.23
C5' 85Y D 26 65.51 21.66 -9.36
O5' 85Y D 26 64.92 21.75 -8.07
P 85Y D 26 63.38 22.22 -7.94
OP2 85Y D 26 63.19 23.51 -8.78
O21 85Y D 26 62.81 22.17 -13.83
N22 85Y D 26 62.78 21.20 -15.94
C27 85Y D 26 63.80 21.55 -20.38
C28 85Y D 26 63.44 20.47 -19.53
C29 85Y D 26 62.71 20.67 -18.36
C31 85Y D 26 64.47 23.74 -22.06
C32 85Y D 26 64.84 22.43 -22.41
OP1 85Y D 26 63.07 22.32 -6.41
C2 85Y D 27 71.61 17.47 -15.40
C20 85Y D 27 68.72 21.05 -15.15
C24 85Y D 27 67.56 22.00 -18.48
C30 85Y D 27 69.66 22.97 -21.40
C33 85Y D 27 68.71 20.50 -22.25
C4 85Y D 27 70.18 19.04 -16.39
C5 85Y D 27 69.78 19.82 -15.00
C23 85Y D 27 67.07 22.22 -17.04
C25 85Y D 27 68.42 22.73 -19.32
C26 85Y D 27 68.80 22.21 -20.58
O4 85Y D 27 69.70 19.47 -17.37
N3 85Y D 27 71.01 18.02 -16.55
O2 85Y D 27 72.31 16.58 -15.49
C6 85Y D 27 70.34 19.35 -13.83
N1 85Y D 27 71.33 18.09 -14.01
C1' 85Y D 27 72.01 17.40 -12.92
O4' 85Y D 27 70.95 17.25 -11.73
C2' 85Y D 27 73.02 18.00 -12.38
C3' 85Y D 27 73.03 17.59 -10.91
O3' 85Y D 27 73.42 16.28 -10.68
C4' 85Y D 27 71.52 17.74 -10.69
C5' 85Y D 27 71.19 19.24 -10.57
O5' 85Y D 27 71.13 19.41 -9.17
P 85Y D 27 70.09 20.51 -8.57
OP2 85Y D 27 70.28 21.91 -9.24
O21 85Y D 27 68.45 21.71 -14.21
N22 85Y D 27 68.07 21.24 -16.45
C27 85Y D 27 68.34 20.98 -20.99
C28 85Y D 27 67.47 20.27 -20.14
C29 85Y D 27 67.09 20.76 -18.88
C31 85Y D 27 70.15 22.49 -22.61
C32 85Y D 27 69.55 21.28 -23.05
OP1 85Y D 27 70.26 20.50 -7.01
P OMG D 28 74.47 15.83 -9.51
OP1 OMG D 28 75.58 15.07 -10.21
OP2 OMG D 28 73.68 15.12 -8.41
O5' OMG D 28 75.13 17.14 -8.86
C5' OMG D 28 76.55 17.37 -9.02
C4' OMG D 28 76.81 17.67 -10.46
O4' OMG D 28 75.92 18.72 -10.82
C3' OMG D 28 78.15 18.21 -10.97
O3' OMG D 28 79.21 17.23 -11.07
C2' OMG D 28 77.73 18.81 -12.33
O2' OMG D 28 77.80 17.79 -13.34
CM2 OMG D 28 78.10 18.17 -14.67
C1' OMG D 28 76.23 19.12 -12.09
N9 OMG D 28 75.85 20.53 -12.27
C8 OMG D 28 75.34 21.19 -11.22
N7 OMG D 28 75.04 22.44 -11.69
C5 OMG D 28 75.35 22.46 -12.99
C6 OMG D 28 75.30 23.47 -14.13
O6 OMG D 28 74.89 24.59 -13.96
N1 OMG D 28 75.76 23.02 -15.44
C2 OMG D 28 76.25 21.70 -15.74
N2 OMG D 28 76.72 21.21 -17.04
N3 OMG D 28 76.27 20.79 -14.66
C4 OMG D 28 75.82 21.25 -13.32
N1 OMC D 29 80.12 21.60 -13.62
C2 OMC D 29 79.77 22.80 -14.33
N3 OMC D 29 79.01 23.84 -13.61
C4 OMC D 29 78.60 23.75 -12.25
C5 OMC D 29 78.98 22.54 -11.52
C6 OMC D 29 79.77 21.49 -12.22
O2 OMC D 29 80.09 22.84 -15.43
N4 OMC D 29 77.84 24.82 -11.61
C1' OMC D 29 80.85 20.58 -14.35
C2' OMC D 29 82.22 21.20 -14.64
O2' OMC D 29 82.91 20.37 -15.39
CM2 OMC D 29 82.19 19.85 -16.49
C3' OMC D 29 82.67 21.13 -13.21
C4' OMC D 29 82.44 19.87 -12.85
O4' OMC D 29 81.06 19.56 -13.62
O3' OMC D 29 84.02 21.66 -13.06
C5' OMC D 29 82.23 19.73 -11.38
O5' OMC D 29 81.02 19.12 -11.03
P OMC D 29 80.80 17.52 -11.45
OP1 OMC D 29 80.99 17.14 -12.88
OP2 OMC D 29 81.66 16.65 -10.60
P T3P D 30 84.20 23.16 -12.64
OP1 T3P D 30 85.36 23.24 -11.71
OP2 T3P D 30 83.02 23.57 -11.83
O5' T3P D 30 81.35 25.65 -16.45
C5' T3P D 30 82.35 24.73 -16.73
C4' T3P D 30 83.39 24.85 -15.77
O4' T3P D 30 83.76 26.23 -15.54
C3' T3P D 30 83.00 24.46 -14.31
O3' T3P D 30 84.34 24.31 -13.71
C2' T3P D 30 82.44 25.38 -13.75
C1' T3P D 30 83.04 26.63 -14.54
N1 T3P D 30 82.11 27.61 -14.96
C2 T3P D 30 81.18 28.10 -13.95
O2 T3P D 30 81.19 27.60 -12.87
N3 T3P D 30 80.27 29.21 -14.35
C4 T3P D 30 80.32 29.76 -15.69
O4 T3P D 30 79.59 30.62 -15.99
C5 T3P D 30 81.27 29.26 -16.68
C5M T3P D 30 81.35 29.84 -18.08
C6 T3P D 30 82.17 28.19 -16.27
#